data_7FVH
# 
_entry.id   7FVH 
# 
_audit_conform.dict_name       mmcif_pdbx.dic 
_audit_conform.dict_version    5.392 
_audit_conform.dict_location   http://mmcif.pdb.org/dictionaries/ascii/mmcif_pdbx.dic 
# 
loop_
_database_2.database_id 
_database_2.database_code 
_database_2.pdbx_database_accession 
_database_2.pdbx_DOI 
PDB   7FVH         pdb_00007fvh 10.2210/pdb7fvh/pdb 
WWPDB D_1001405398 ?            ?                   
# 
loop_
_pdbx_audit_revision_history.ordinal 
_pdbx_audit_revision_history.data_content_type 
_pdbx_audit_revision_history.major_revision 
_pdbx_audit_revision_history.minor_revision 
_pdbx_audit_revision_history.revision_date 
1 'Structure model' 1 0 2023-03-29 
2 'Structure model' 1 1 2024-05-22 
# 
_pdbx_audit_revision_details.ordinal             1 
_pdbx_audit_revision_details.revision_ordinal    1 
_pdbx_audit_revision_details.data_content_type   'Structure model' 
_pdbx_audit_revision_details.provider            repository 
_pdbx_audit_revision_details.type                'Initial release' 
_pdbx_audit_revision_details.description         ? 
_pdbx_audit_revision_details.details             ? 
# 
_pdbx_audit_revision_group.ordinal             1 
_pdbx_audit_revision_group.revision_ordinal    2 
_pdbx_audit_revision_group.data_content_type   'Structure model' 
_pdbx_audit_revision_group.group               'Data collection' 
# 
loop_
_pdbx_audit_revision_category.ordinal 
_pdbx_audit_revision_category.revision_ordinal 
_pdbx_audit_revision_category.data_content_type 
_pdbx_audit_revision_category.category 
1 2 'Structure model' chem_comp_atom 
2 2 'Structure model' chem_comp_bond 
# 
_pdbx_database_status.entry_id                        7FVH 
_pdbx_database_status.status_code                     REL 
_pdbx_database_status.status_code_sf                  REL 
_pdbx_database_status.status_code_mr                  ? 
_pdbx_database_status.status_code_cs                  ? 
_pdbx_database_status.recvd_initial_deposition_date   2023-03-09 
_pdbx_database_status.status_code_nmr_data            ? 
_pdbx_database_status.deposit_site                    RCSB 
_pdbx_database_status.process_site                    RCSB 
_pdbx_database_status.SG_entry                        ? 
_pdbx_database_status.pdb_format_compatible           Y 
_pdbx_database_status.methods_development_category    ? 
# 
_pdbx_contact_author.id                 1 
_pdbx_contact_author.email              frank.von-delft@diamond.ac.uk 
_pdbx_contact_author.name_first         Frank 
_pdbx_contact_author.name_last          'von Delft' 
_pdbx_contact_author.role               'principal investigator/group leader' 
_pdbx_contact_author.identifier_ORCID   0000-0003-0378-0017 
_pdbx_contact_author.name_mi            ? 
# 
loop_
_audit_author.name 
_audit_author.pdbx_ordinal 
'Grosjean, H.'   1 
'Tomlinson, C.'  2 
'Bradshaw, W.J.' 3 
'Koekemoer, L.'  4 
'Krojer, T.'     5 
'Fearon, D.'     6 
'Biggin, P.C.'   7 
'von Delft, F.'  8 
# 
_citation.id                        primary 
_citation.title                     'PanDDA analysis group deposition' 
_citation.journal_abbrev            'To Be Published' 
_citation.journal_volume            ? 
_citation.page_first                ? 
_citation.page_last                 ? 
_citation.year                      ? 
_citation.journal_id_ASTM           ? 
_citation.country                   ? 
_citation.journal_id_ISSN           ? 
_citation.journal_id_CSD            0353 
_citation.book_publisher            ? 
_citation.pdbx_database_id_PubMed   ? 
_citation.pdbx_database_id_DOI      ? 
# 
loop_
_citation_author.citation_id 
_citation_author.name 
_citation_author.identifier_ORCID 
_citation_author.ordinal 
primary 'Grosjean, H.'   ? 1 
primary 'Tomlinson, C.'  ? 2 
primary 'Bradshaw, W.J.' ? 3 
primary 'Koekemoer, L.'  ? 4 
primary 'Krojer, T.'     ? 5 
primary 'Fearon, D.'     ? 6 
primary 'Biggin, P.C.'   ? 7 
primary 'von Delft, F.'  ? 8 
# 
loop_
_entity.id 
_entity.type 
_entity.src_method 
_entity.pdbx_description 
_entity.formula_weight 
_entity.pdbx_number_of_molecules 
_entity.pdbx_ec 
_entity.pdbx_mutation 
_entity.pdbx_fragment 
_entity.details 
1 polymer     man 'PH-interacting protein'                                                         17627.859 1   ? ? ? ? 
2 non-polymer syn '(2R)-4-(furan-3-carbonyl)-N-(4-methoxyphenyl)-2-methylpiperazine-1-carboxamide' 343.377   1   ? ? ? ? 
3 water       nat water                                                                            18.015    184 ? ? ? ? 
# 
_entity_name_com.entity_id   1 
_entity_name_com.name        
'PHIP,DDB1- and CUL4-associated factor 14,IRS-1 PH domain-binding protein,WD repeat-containing protein 11' 
# 
_entity_poly.entity_id                      1 
_entity_poly.type                           'polypeptide(L)' 
_entity_poly.nstd_linkage                   no 
_entity_poly.nstd_monomer                   no 
_entity_poly.pdbx_seq_one_letter_code       
;MHHHHHHSSGVDLGTENLYFQSMSYDIQAWKKQCEELLNLIFQCEDSEPFRQPVDLLEYPDYRDIIDTPMDFATVRETLE
AGNYESPMELCKDVRLIFSNSKAYTPSKRSRIYSMSLRLSAFFEEHISSVLSDYKSALRFHKRNTITKR
;
_entity_poly.pdbx_seq_one_letter_code_can   
;MHHHHHHSSGVDLGTENLYFQSMSYDIQAWKKQCEELLNLIFQCEDSEPFRQPVDLLEYPDYRDIIDTPMDFATVRETLE
AGNYESPMELCKDVRLIFSNSKAYTPSKRSRIYSMSLRLSAFFEEHISSVLSDYKSALRFHKRNTITKR
;
_entity_poly.pdbx_strand_id                 A 
_entity_poly.pdbx_target_identifier         ? 
# 
loop_
_pdbx_entity_nonpoly.entity_id 
_pdbx_entity_nonpoly.name 
_pdbx_entity_nonpoly.comp_id 
2 '(2R)-4-(furan-3-carbonyl)-N-(4-methoxyphenyl)-2-methylpiperazine-1-carboxamide' ZOH 
3 water                                                                            HOH 
# 
loop_
_entity_poly_seq.entity_id 
_entity_poly_seq.num 
_entity_poly_seq.mon_id 
_entity_poly_seq.hetero 
1 1   MET n 
1 2   HIS n 
1 3   HIS n 
1 4   HIS n 
1 5   HIS n 
1 6   HIS n 
1 7   HIS n 
1 8   SER n 
1 9   SER n 
1 10  GLY n 
1 11  VAL n 
1 12  ASP n 
1 13  LEU n 
1 14  GLY n 
1 15  THR n 
1 16  GLU n 
1 17  ASN n 
1 18  LEU n 
1 19  TYR n 
1 20  PHE n 
1 21  GLN n 
1 22  SER n 
1 23  MET n 
1 24  SER n 
1 25  TYR n 
1 26  ASP n 
1 27  ILE n 
1 28  GLN n 
1 29  ALA n 
1 30  TRP n 
1 31  LYS n 
1 32  LYS n 
1 33  GLN n 
1 34  CYS n 
1 35  GLU n 
1 36  GLU n 
1 37  LEU n 
1 38  LEU n 
1 39  ASN n 
1 40  LEU n 
1 41  ILE n 
1 42  PHE n 
1 43  GLN n 
1 44  CYS n 
1 45  GLU n 
1 46  ASP n 
1 47  SER n 
1 48  GLU n 
1 49  PRO n 
1 50  PHE n 
1 51  ARG n 
1 52  GLN n 
1 53  PRO n 
1 54  VAL n 
1 55  ASP n 
1 56  LEU n 
1 57  LEU n 
1 58  GLU n 
1 59  TYR n 
1 60  PRO n 
1 61  ASP n 
1 62  TYR n 
1 63  ARG n 
1 64  ASP n 
1 65  ILE n 
1 66  ILE n 
1 67  ASP n 
1 68  THR n 
1 69  PRO n 
1 70  MET n 
1 71  ASP n 
1 72  PHE n 
1 73  ALA n 
1 74  THR n 
1 75  VAL n 
1 76  ARG n 
1 77  GLU n 
1 78  THR n 
1 79  LEU n 
1 80  GLU n 
1 81  ALA n 
1 82  GLY n 
1 83  ASN n 
1 84  TYR n 
1 85  GLU n 
1 86  SER n 
1 87  PRO n 
1 88  MET n 
1 89  GLU n 
1 90  LEU n 
1 91  CYS n 
1 92  LYS n 
1 93  ASP n 
1 94  VAL n 
1 95  ARG n 
1 96  LEU n 
1 97  ILE n 
1 98  PHE n 
1 99  SER n 
1 100 ASN n 
1 101 SER n 
1 102 LYS n 
1 103 ALA n 
1 104 TYR n 
1 105 THR n 
1 106 PRO n 
1 107 SER n 
1 108 LYS n 
1 109 ARG n 
1 110 SER n 
1 111 ARG n 
1 112 ILE n 
1 113 TYR n 
1 114 SER n 
1 115 MET n 
1 116 SER n 
1 117 LEU n 
1 118 ARG n 
1 119 LEU n 
1 120 SER n 
1 121 ALA n 
1 122 PHE n 
1 123 PHE n 
1 124 GLU n 
1 125 GLU n 
1 126 HIS n 
1 127 ILE n 
1 128 SER n 
1 129 SER n 
1 130 VAL n 
1 131 LEU n 
1 132 SER n 
1 133 ASP n 
1 134 TYR n 
1 135 LYS n 
1 136 SER n 
1 137 ALA n 
1 138 LEU n 
1 139 ARG n 
1 140 PHE n 
1 141 HIS n 
1 142 LYS n 
1 143 ARG n 
1 144 ASN n 
1 145 THR n 
1 146 ILE n 
1 147 THR n 
1 148 LYS n 
1 149 ARG n 
# 
_entity_src_gen.entity_id                          1 
_entity_src_gen.pdbx_src_id                        1 
_entity_src_gen.pdbx_alt_source_flag               sample 
_entity_src_gen.pdbx_seq_type                      'Biological sequence' 
_entity_src_gen.pdbx_beg_seq_num                   1 
_entity_src_gen.pdbx_end_seq_num                   149 
_entity_src_gen.gene_src_common_name               human 
_entity_src_gen.gene_src_genus                     ? 
_entity_src_gen.pdbx_gene_src_gene                 'PHIP, DCAF14, WDR11' 
_entity_src_gen.gene_src_species                   ? 
_entity_src_gen.gene_src_strain                    ? 
_entity_src_gen.gene_src_tissue                    ? 
_entity_src_gen.gene_src_tissue_fraction           ? 
_entity_src_gen.gene_src_details                   ? 
_entity_src_gen.pdbx_gene_src_fragment             ? 
_entity_src_gen.pdbx_gene_src_scientific_name      'Homo sapiens' 
_entity_src_gen.pdbx_gene_src_ncbi_taxonomy_id     9606 
_entity_src_gen.pdbx_gene_src_variant              ? 
_entity_src_gen.pdbx_gene_src_cell_line            ? 
_entity_src_gen.pdbx_gene_src_atcc                 ? 
_entity_src_gen.pdbx_gene_src_organ                ? 
_entity_src_gen.pdbx_gene_src_organelle            ? 
_entity_src_gen.pdbx_gene_src_cell                 ? 
_entity_src_gen.pdbx_gene_src_cellular_location    ? 
_entity_src_gen.host_org_common_name               ? 
_entity_src_gen.pdbx_host_org_scientific_name      'Escherichia coli' 
_entity_src_gen.pdbx_host_org_ncbi_taxonomy_id     562 
_entity_src_gen.host_org_genus                     ? 
_entity_src_gen.pdbx_host_org_gene                 ? 
_entity_src_gen.pdbx_host_org_organ                ? 
_entity_src_gen.host_org_species                   ? 
_entity_src_gen.pdbx_host_org_tissue               ? 
_entity_src_gen.pdbx_host_org_tissue_fraction      ? 
_entity_src_gen.pdbx_host_org_strain               ? 
_entity_src_gen.pdbx_host_org_variant              ? 
_entity_src_gen.pdbx_host_org_cell_line            ? 
_entity_src_gen.pdbx_host_org_atcc                 ? 
_entity_src_gen.pdbx_host_org_culture_collection   ? 
_entity_src_gen.pdbx_host_org_cell                 ? 
_entity_src_gen.pdbx_host_org_organelle            ? 
_entity_src_gen.pdbx_host_org_cellular_location    ? 
_entity_src_gen.pdbx_host_org_vector_type          ? 
_entity_src_gen.pdbx_host_org_vector               ? 
_entity_src_gen.host_org_details                   ? 
_entity_src_gen.expression_system_id               ? 
_entity_src_gen.plasmid_name                       ? 
_entity_src_gen.plasmid_details                    ? 
_entity_src_gen.pdbx_description                   ? 
# 
loop_
_chem_comp.id 
_chem_comp.type 
_chem_comp.mon_nstd_flag 
_chem_comp.name 
_chem_comp.pdbx_synonyms 
_chem_comp.formula 
_chem_comp.formula_weight 
ALA 'L-peptide linking' y ALANINE                                                                          ? 'C3 H7 N O2'     
89.093  
ARG 'L-peptide linking' y ARGININE                                                                         ? 'C6 H15 N4 O2 1' 
175.209 
ASN 'L-peptide linking' y ASPARAGINE                                                                       ? 'C4 H8 N2 O3'    
132.118 
ASP 'L-peptide linking' y 'ASPARTIC ACID'                                                                  ? 'C4 H7 N O4'     
133.103 
CYS 'L-peptide linking' y CYSTEINE                                                                         ? 'C3 H7 N O2 S'   
121.158 
GLN 'L-peptide linking' y GLUTAMINE                                                                        ? 'C5 H10 N2 O3'   
146.144 
GLU 'L-peptide linking' y 'GLUTAMIC ACID'                                                                  ? 'C5 H9 N O4'     
147.129 
GLY 'peptide linking'   y GLYCINE                                                                          ? 'C2 H5 N O2'     
75.067  
HIS 'L-peptide linking' y HISTIDINE                                                                        ? 'C6 H10 N3 O2 1' 
156.162 
HOH non-polymer         . WATER                                                                            ? 'H2 O'           
18.015  
ILE 'L-peptide linking' y ISOLEUCINE                                                                       ? 'C6 H13 N O2'    
131.173 
LEU 'L-peptide linking' y LEUCINE                                                                          ? 'C6 H13 N O2'    
131.173 
LYS 'L-peptide linking' y LYSINE                                                                           ? 'C6 H15 N2 O2 1' 
147.195 
MET 'L-peptide linking' y METHIONINE                                                                       ? 'C5 H11 N O2 S'  
149.211 
PHE 'L-peptide linking' y PHENYLALANINE                                                                    ? 'C9 H11 N O2'    
165.189 
PRO 'L-peptide linking' y PROLINE                                                                          ? 'C5 H9 N O2'     
115.130 
SER 'L-peptide linking' y SERINE                                                                           ? 'C3 H7 N O3'     
105.093 
THR 'L-peptide linking' y THREONINE                                                                        ? 'C4 H9 N O3'     
119.119 
TRP 'L-peptide linking' y TRYPTOPHAN                                                                       ? 'C11 H12 N2 O2'  
204.225 
TYR 'L-peptide linking' y TYROSINE                                                                         ? 'C9 H11 N O3'    
181.189 
VAL 'L-peptide linking' y VALINE                                                                           ? 'C5 H11 N O2'    
117.146 
ZOH non-polymer         . '(2R)-4-(furan-3-carbonyl)-N-(4-methoxyphenyl)-2-methylpiperazine-1-carboxamide' ? 'C18 H21 N3 O4'  
343.377 
# 
loop_
_pdbx_poly_seq_scheme.asym_id 
_pdbx_poly_seq_scheme.entity_id 
_pdbx_poly_seq_scheme.seq_id 
_pdbx_poly_seq_scheme.mon_id 
_pdbx_poly_seq_scheme.ndb_seq_num 
_pdbx_poly_seq_scheme.pdb_seq_num 
_pdbx_poly_seq_scheme.auth_seq_num 
_pdbx_poly_seq_scheme.pdb_mon_id 
_pdbx_poly_seq_scheme.auth_mon_id 
_pdbx_poly_seq_scheme.pdb_strand_id 
_pdbx_poly_seq_scheme.pdb_ins_code 
_pdbx_poly_seq_scheme.hetero 
A 1 1   MET 1   1292 ?    ?   ?   A . n 
A 1 2   HIS 2   1293 ?    ?   ?   A . n 
A 1 3   HIS 3   1294 ?    ?   ?   A . n 
A 1 4   HIS 4   1295 ?    ?   ?   A . n 
A 1 5   HIS 5   1296 ?    ?   ?   A . n 
A 1 6   HIS 6   1297 ?    ?   ?   A . n 
A 1 7   HIS 7   1298 ?    ?   ?   A . n 
A 1 8   SER 8   1299 ?    ?   ?   A . n 
A 1 9   SER 9   1300 ?    ?   ?   A . n 
A 1 10  GLY 10  1301 ?    ?   ?   A . n 
A 1 11  VAL 11  1302 ?    ?   ?   A . n 
A 1 12  ASP 12  1303 ?    ?   ?   A . n 
A 1 13  LEU 13  1304 ?    ?   ?   A . n 
A 1 14  GLY 14  1305 ?    ?   ?   A . n 
A 1 15  THR 15  1306 ?    ?   ?   A . n 
A 1 16  GLU 16  1307 ?    ?   ?   A . n 
A 1 17  ASN 17  1308 ?    ?   ?   A . n 
A 1 18  LEU 18  1309 ?    ?   ?   A . n 
A 1 19  TYR 19  1310 ?    ?   ?   A . n 
A 1 20  PHE 20  1311 ?    ?   ?   A . n 
A 1 21  GLN 21  1312 ?    ?   ?   A . n 
A 1 22  SER 22  1313 ?    ?   ?   A . n 
A 1 23  MET 23  1314 ?    ?   ?   A . n 
A 1 24  SER 24  1315 1315 SER SER A . n 
A 1 25  TYR 25  1316 1316 TYR TYR A . n 
A 1 26  ASP 26  1317 1317 ASP ASP A . n 
A 1 27  ILE 27  1318 1318 ILE ILE A . n 
A 1 28  GLN 28  1319 1319 GLN GLN A . n 
A 1 29  ALA 29  1320 1320 ALA ALA A . n 
A 1 30  TRP 30  1321 1321 TRP TRP A . n 
A 1 31  LYS 31  1322 1322 LYS LYS A . n 
A 1 32  LYS 32  1323 1323 LYS LYS A . n 
A 1 33  GLN 33  1324 1324 GLN GLN A . n 
A 1 34  CYS 34  1325 1325 CYS CYS A . n 
A 1 35  GLU 35  1326 1326 GLU GLU A . n 
A 1 36  GLU 36  1327 1327 GLU GLU A . n 
A 1 37  LEU 37  1328 1328 LEU LEU A . n 
A 1 38  LEU 38  1329 1329 LEU LEU A . n 
A 1 39  ASN 39  1330 1330 ASN ASN A . n 
A 1 40  LEU 40  1331 1331 LEU LEU A . n 
A 1 41  ILE 41  1332 1332 ILE ILE A . n 
A 1 42  PHE 42  1333 1333 PHE PHE A . n 
A 1 43  GLN 43  1334 1334 GLN GLN A . n 
A 1 44  CYS 44  1335 1335 CYS CYS A . n 
A 1 45  GLU 45  1336 1336 GLU GLU A . n 
A 1 46  ASP 46  1337 1337 ASP ASP A . n 
A 1 47  SER 47  1338 1338 SER SER A . n 
A 1 48  GLU 48  1339 1339 GLU GLU A . n 
A 1 49  PRO 49  1340 1340 PRO PRO A . n 
A 1 50  PHE 50  1341 1341 PHE PHE A . n 
A 1 51  ARG 51  1342 1342 ARG ARG A . n 
A 1 52  GLN 52  1343 1343 GLN GLN A . n 
A 1 53  PRO 53  1344 1344 PRO PRO A . n 
A 1 54  VAL 54  1345 1345 VAL VAL A . n 
A 1 55  ASP 55  1346 1346 ASP ASP A . n 
A 1 56  LEU 56  1347 1347 LEU LEU A . n 
A 1 57  LEU 57  1348 1348 LEU LEU A . n 
A 1 58  GLU 58  1349 1349 GLU GLU A . n 
A 1 59  TYR 59  1350 1350 TYR TYR A . n 
A 1 60  PRO 60  1351 1351 PRO PRO A . n 
A 1 61  ASP 61  1352 1352 ASP ASP A . n 
A 1 62  TYR 62  1353 1353 TYR TYR A . n 
A 1 63  ARG 63  1354 1354 ARG ARG A . n 
A 1 64  ASP 64  1355 1355 ASP ASP A . n 
A 1 65  ILE 65  1356 1356 ILE ILE A . n 
A 1 66  ILE 66  1357 1357 ILE ILE A . n 
A 1 67  ASP 67  1358 1358 ASP ASP A . n 
A 1 68  THR 68  1359 1359 THR THR A . n 
A 1 69  PRO 69  1360 1360 PRO PRO A . n 
A 1 70  MET 70  1361 1361 MET MET A . n 
A 1 71  ASP 71  1362 1362 ASP ASP A . n 
A 1 72  PHE 72  1363 1363 PHE PHE A . n 
A 1 73  ALA 73  1364 1364 ALA ALA A . n 
A 1 74  THR 74  1365 1365 THR THR A . n 
A 1 75  VAL 75  1366 1366 VAL VAL A . n 
A 1 76  ARG 76  1367 1367 ARG ARG A . n 
A 1 77  GLU 77  1368 1368 GLU GLU A . n 
A 1 78  THR 78  1369 1369 THR THR A . n 
A 1 79  LEU 79  1370 1370 LEU LEU A . n 
A 1 80  GLU 80  1371 1371 GLU GLU A . n 
A 1 81  ALA 81  1372 1372 ALA ALA A . n 
A 1 82  GLY 82  1373 1373 GLY GLY A . n 
A 1 83  ASN 83  1374 1374 ASN ASN A . n 
A 1 84  TYR 84  1375 1375 TYR TYR A . n 
A 1 85  GLU 85  1376 1376 GLU GLU A . n 
A 1 86  SER 86  1377 1377 SER SER A . n 
A 1 87  PRO 87  1378 1378 PRO PRO A . n 
A 1 88  MET 88  1379 1379 MET MET A . n 
A 1 89  GLU 89  1380 1380 GLU GLU A . n 
A 1 90  LEU 90  1381 1381 LEU LEU A . n 
A 1 91  CYS 91  1382 1382 CYS CYS A . n 
A 1 92  LYS 92  1383 1383 LYS LYS A . n 
A 1 93  ASP 93  1384 1384 ASP ASP A . n 
A 1 94  VAL 94  1385 1385 VAL VAL A . n 
A 1 95  ARG 95  1386 1386 ARG ARG A . n 
A 1 96  LEU 96  1387 1387 LEU LEU A . n 
A 1 97  ILE 97  1388 1388 ILE ILE A . n 
A 1 98  PHE 98  1389 1389 PHE PHE A . n 
A 1 99  SER 99  1390 1390 SER SER A . n 
A 1 100 ASN 100 1391 1391 ASN ASN A . n 
A 1 101 SER 101 1392 1392 SER SER A . n 
A 1 102 LYS 102 1393 1393 LYS LYS A . n 
A 1 103 ALA 103 1394 1394 ALA ALA A . n 
A 1 104 TYR 104 1395 1395 TYR TYR A . n 
A 1 105 THR 105 1396 1396 THR THR A . n 
A 1 106 PRO 106 1397 1397 PRO PRO A . n 
A 1 107 SER 107 1398 1398 SER SER A . n 
A 1 108 LYS 108 1399 1399 LYS LYS A . n 
A 1 109 ARG 109 1400 1400 ARG ARG A . n 
A 1 110 SER 110 1401 1401 SER SER A . n 
A 1 111 ARG 111 1402 1402 ARG ARG A . n 
A 1 112 ILE 112 1403 1403 ILE ILE A . n 
A 1 113 TYR 113 1404 1404 TYR TYR A . n 
A 1 114 SER 114 1405 1405 SER SER A . n 
A 1 115 MET 115 1406 1406 MET MET A . n 
A 1 116 SER 116 1407 1407 SER SER A . n 
A 1 117 LEU 117 1408 1408 LEU LEU A . n 
A 1 118 ARG 118 1409 1409 ARG ARG A . n 
A 1 119 LEU 119 1410 1410 LEU LEU A . n 
A 1 120 SER 120 1411 1411 SER SER A . n 
A 1 121 ALA 121 1412 1412 ALA ALA A . n 
A 1 122 PHE 122 1413 1413 PHE PHE A . n 
A 1 123 PHE 123 1414 1414 PHE PHE A . n 
A 1 124 GLU 124 1415 1415 GLU GLU A . n 
A 1 125 GLU 125 1416 1416 GLU GLU A . n 
A 1 126 HIS 126 1417 1417 HIS HIS A . n 
A 1 127 ILE 127 1418 1418 ILE ILE A . n 
A 1 128 SER 128 1419 1419 SER SER A . n 
A 1 129 SER 129 1420 1420 SER SER A . n 
A 1 130 VAL 130 1421 1421 VAL VAL A . n 
A 1 131 LEU 131 1422 1422 LEU LEU A . n 
A 1 132 SER 132 1423 1423 SER SER A . n 
A 1 133 ASP 133 1424 1424 ASP ASP A . n 
A 1 134 TYR 134 1425 1425 TYR TYR A . n 
A 1 135 LYS 135 1426 1426 LYS LYS A . n 
A 1 136 SER 136 1427 1427 SER SER A . n 
A 1 137 ALA 137 1428 1428 ALA ALA A . n 
A 1 138 LEU 138 1429 1429 LEU LEU A . n 
A 1 139 ARG 139 1430 1430 ARG ARG A . n 
A 1 140 PHE 140 1431 1431 PHE PHE A . n 
A 1 141 HIS 141 1432 1432 HIS HIS A . n 
A 1 142 LYS 142 1433 1433 LYS LYS A . n 
A 1 143 ARG 143 1434 1434 ARG ARG A . n 
A 1 144 ASN 144 1435 1435 ASN ASN A . n 
A 1 145 THR 145 1436 ?    ?   ?   A . n 
A 1 146 ILE 146 1437 ?    ?   ?   A . n 
A 1 147 THR 147 1438 ?    ?   ?   A . n 
A 1 148 LYS 148 1439 ?    ?   ?   A . n 
A 1 149 ARG 149 1440 ?    ?   ?   A . n 
# 
loop_
_pdbx_nonpoly_scheme.asym_id 
_pdbx_nonpoly_scheme.entity_id 
_pdbx_nonpoly_scheme.mon_id 
_pdbx_nonpoly_scheme.ndb_seq_num 
_pdbx_nonpoly_scheme.pdb_seq_num 
_pdbx_nonpoly_scheme.auth_seq_num 
_pdbx_nonpoly_scheme.pdb_mon_id 
_pdbx_nonpoly_scheme.auth_mon_id 
_pdbx_nonpoly_scheme.pdb_strand_id 
_pdbx_nonpoly_scheme.pdb_ins_code 
B 2 ZOH 1   1901 1901 ZOH LIG A . 
C 3 HOH 1   2001 1695 HOH HOH A . 
C 3 HOH 2   2002 1665 HOH HOH A . 
C 3 HOH 3   2003 1610 HOH HOH A . 
C 3 HOH 4   2004 4    HOH HOH A . 
C 3 HOH 5   2005 1605 HOH HOH A . 
C 3 HOH 6   2006 1676 HOH HOH A . 
C 3 HOH 7   2007 1642 HOH HOH A . 
C 3 HOH 8   2008 1662 HOH HOH A . 
C 3 HOH 9   2009 1678 HOH HOH A . 
C 3 HOH 10  2010 1624 HOH HOH A . 
C 3 HOH 11  2011 1602 HOH HOH A . 
C 3 HOH 12  2012 1629 HOH HOH A . 
C 3 HOH 13  2013 1609 HOH HOH A . 
C 3 HOH 14  2014 1603 HOH HOH A . 
C 3 HOH 15  2015 1623 HOH HOH A . 
C 3 HOH 16  2016 25   HOH HOH A . 
C 3 HOH 17  2017 1625 HOH HOH A . 
C 3 HOH 18  2018 1664 HOH HOH A . 
C 3 HOH 19  2019 1613 HOH HOH A . 
C 3 HOH 20  2020 1682 HOH HOH A . 
C 3 HOH 21  2021 15   HOH HOH A . 
C 3 HOH 22  2022 1622 HOH HOH A . 
C 3 HOH 23  2023 1615 HOH HOH A . 
C 3 HOH 24  2024 1626 HOH HOH A . 
C 3 HOH 25  2025 1714 HOH HOH A . 
C 3 HOH 26  2026 1611 HOH HOH A . 
C 3 HOH 27  2027 1686 HOH HOH A . 
C 3 HOH 28  2028 1649 HOH HOH A . 
C 3 HOH 29  2029 1720 HOH HOH A . 
C 3 HOH 30  2030 1757 HOH HOH A . 
C 3 HOH 31  2031 1643 HOH HOH A . 
C 3 HOH 32  2032 1628 HOH HOH A . 
C 3 HOH 33  2033 1619 HOH HOH A . 
C 3 HOH 34  2034 1739 HOH HOH A . 
C 3 HOH 35  2035 6    HOH HOH A . 
C 3 HOH 36  2036 14   HOH HOH A . 
C 3 HOH 37  2037 27   HOH HOH A . 
C 3 HOH 38  2038 1644 HOH HOH A . 
C 3 HOH 39  2039 1773 HOH HOH A . 
C 3 HOH 40  2040 1723 HOH HOH A . 
C 3 HOH 41  2041 1668 HOH HOH A . 
C 3 HOH 42  2042 11   HOH HOH A . 
C 3 HOH 43  2043 8    HOH HOH A . 
C 3 HOH 44  2044 1645 HOH HOH A . 
C 3 HOH 45  2045 1732 HOH HOH A . 
C 3 HOH 46  2046 1658 HOH HOH A . 
C 3 HOH 47  2047 1620 HOH HOH A . 
C 3 HOH 48  2048 1666 HOH HOH A . 
C 3 HOH 49  2049 1617 HOH HOH A . 
C 3 HOH 50  2050 1672 HOH HOH A . 
C 3 HOH 51  2051 19   HOH HOH A . 
C 3 HOH 52  2052 1634 HOH HOH A . 
C 3 HOH 53  2053 1637 HOH HOH A . 
C 3 HOH 54  2054 1674 HOH HOH A . 
C 3 HOH 55  2055 1699 HOH HOH A . 
C 3 HOH 56  2056 1632 HOH HOH A . 
C 3 HOH 57  2057 1677 HOH HOH A . 
C 3 HOH 58  2058 1696 HOH HOH A . 
C 3 HOH 59  2059 1655 HOH HOH A . 
C 3 HOH 60  2060 1661 HOH HOH A . 
C 3 HOH 61  2061 2    HOH HOH A . 
C 3 HOH 62  2062 1687 HOH HOH A . 
C 3 HOH 63  2063 1648 HOH HOH A . 
C 3 HOH 64  2064 1673 HOH HOH A . 
C 3 HOH 65  2065 1733 HOH HOH A . 
C 3 HOH 66  2066 1689 HOH HOH A . 
C 3 HOH 67  2067 1680 HOH HOH A . 
C 3 HOH 68  2068 1663 HOH HOH A . 
C 3 HOH 69  2069 1685 HOH HOH A . 
C 3 HOH 70  2070 1652 HOH HOH A . 
C 3 HOH 71  2071 1701 HOH HOH A . 
C 3 HOH 72  2072 1631 HOH HOH A . 
C 3 HOH 73  2073 1669 HOH HOH A . 
C 3 HOH 74  2074 9    HOH HOH A . 
C 3 HOH 75  2075 1681 HOH HOH A . 
C 3 HOH 76  2076 1690 HOH HOH A . 
C 3 HOH 77  2077 1693 HOH HOH A . 
C 3 HOH 78  2078 1675 HOH HOH A . 
C 3 HOH 79  2079 1721 HOH HOH A . 
C 3 HOH 80  2080 1671 HOH HOH A . 
C 3 HOH 81  2081 1688 HOH HOH A . 
C 3 HOH 82  2082 1621 HOH HOH A . 
C 3 HOH 83  2083 1650 HOH HOH A . 
C 3 HOH 84  2084 1700 HOH HOH A . 
C 3 HOH 85  2085 1741 HOH HOH A . 
C 3 HOH 86  2086 1738 HOH HOH A . 
C 3 HOH 87  2087 1711 HOH HOH A . 
C 3 HOH 88  2088 24   HOH HOH A . 
C 3 HOH 89  2089 1704 HOH HOH A . 
C 3 HOH 90  2090 21   HOH HOH A . 
C 3 HOH 91  2091 10   HOH HOH A . 
C 3 HOH 92  2092 1601 HOH HOH A . 
C 3 HOH 93  2093 1706 HOH HOH A . 
C 3 HOH 94  2094 1694 HOH HOH A . 
C 3 HOH 95  2095 12   HOH HOH A . 
C 3 HOH 96  2096 20   HOH HOH A . 
C 3 HOH 97  2097 1713 HOH HOH A . 
C 3 HOH 98  2098 1725 HOH HOH A . 
C 3 HOH 99  2099 1728 HOH HOH A . 
C 3 HOH 100 2100 1719 HOH HOH A . 
C 3 HOH 101 2101 1747 HOH HOH A . 
C 3 HOH 102 2102 1651 HOH HOH A . 
C 3 HOH 103 2103 1716 HOH HOH A . 
C 3 HOH 104 2104 1715 HOH HOH A . 
C 3 HOH 105 2105 7    HOH HOH A . 
C 3 HOH 106 2106 1744 HOH HOH A . 
C 3 HOH 107 2107 1640 HOH HOH A . 
C 3 HOH 108 2108 1740 HOH HOH A . 
C 3 HOH 109 2109 26   HOH HOH A . 
C 3 HOH 110 2110 1801 HOH HOH A . 
C 3 HOH 111 2111 1697 HOH HOH A . 
C 3 HOH 112 2112 1727 HOH HOH A . 
C 3 HOH 113 2113 1724 HOH HOH A . 
C 3 HOH 114 2114 1710 HOH HOH A . 
C 3 HOH 115 2115 1718 HOH HOH A . 
C 3 HOH 116 2116 1708 HOH HOH A . 
C 3 HOH 117 2117 1616 HOH HOH A . 
C 3 HOH 118 2118 1737 HOH HOH A . 
C 3 HOH 119 2119 1734 HOH HOH A . 
C 3 HOH 120 2120 1703 HOH HOH A . 
C 3 HOH 121 2121 1729 HOH HOH A . 
C 3 HOH 122 2122 1722 HOH HOH A . 
C 3 HOH 123 2123 1736 HOH HOH A . 
C 3 HOH 124 2124 1667 HOH HOH A . 
C 3 HOH 125 2125 1726 HOH HOH A . 
C 3 HOH 126 2126 1709 HOH HOH A . 
C 3 HOH 127 2127 1656 HOH HOH A . 
C 3 HOH 128 2128 23   HOH HOH A . 
C 3 HOH 129 2129 1730 HOH HOH A . 
C 3 HOH 130 2130 29   HOH HOH A . 
C 3 HOH 131 2131 1749 HOH HOH A . 
C 3 HOH 132 2132 1752 HOH HOH A . 
C 3 HOH 133 2133 1767 HOH HOH A . 
C 3 HOH 134 2134 1698 HOH HOH A . 
C 3 HOH 135 2135 1753 HOH HOH A . 
C 3 HOH 136 2136 28   HOH HOH A . 
C 3 HOH 137 2137 1756 HOH HOH A . 
C 3 HOH 138 2138 1751 HOH HOH A . 
C 3 HOH 139 2139 1769 HOH HOH A . 
C 3 HOH 140 2140 1742 HOH HOH A . 
C 3 HOH 141 2141 1743 HOH HOH A . 
C 3 HOH 142 2142 1766 HOH HOH A . 
C 3 HOH 143 2143 1759 HOH HOH A . 
C 3 HOH 144 2144 17   HOH HOH A . 
C 3 HOH 145 2145 1763 HOH HOH A . 
C 3 HOH 146 2146 1768 HOH HOH A . 
C 3 HOH 147 2147 1731 HOH HOH A . 
C 3 HOH 148 2148 1748 HOH HOH A . 
C 3 HOH 149 2149 1770 HOH HOH A . 
C 3 HOH 150 2150 1795 HOH HOH A . 
C 3 HOH 151 2151 18   HOH HOH A . 
C 3 HOH 152 2152 1780 HOH HOH A . 
C 3 HOH 153 2153 1765 HOH HOH A . 
C 3 HOH 154 2154 16   HOH HOH A . 
C 3 HOH 155 2155 1777 HOH HOH A . 
C 3 HOH 156 2156 1758 HOH HOH A . 
C 3 HOH 157 2157 1784 HOH HOH A . 
C 3 HOH 158 2158 1764 HOH HOH A . 
C 3 HOH 159 2159 1786 HOH HOH A . 
C 3 HOH 160 2160 1779 HOH HOH A . 
C 3 HOH 161 2161 1754 HOH HOH A . 
C 3 HOH 162 2162 1775 HOH HOH A . 
C 3 HOH 163 2163 1778 HOH HOH A . 
C 3 HOH 164 2164 1762 HOH HOH A . 
C 3 HOH 165 2165 1794 HOH HOH A . 
C 3 HOH 166 2166 1781 HOH HOH A . 
C 3 HOH 167 2167 1782 HOH HOH A . 
C 3 HOH 168 2168 1785 HOH HOH A . 
C 3 HOH 169 2169 1783 HOH HOH A . 
C 3 HOH 170 2170 1789 HOH HOH A . 
C 3 HOH 171 2171 1796 HOH HOH A . 
C 3 HOH 172 2172 1787 HOH HOH A . 
C 3 HOH 173 2173 1791 HOH HOH A . 
C 3 HOH 174 2174 1761 HOH HOH A . 
C 3 HOH 175 2175 1755 HOH HOH A . 
C 3 HOH 176 2176 1790 HOH HOH A . 
C 3 HOH 177 2177 22   HOH HOH A . 
C 3 HOH 178 2178 13   HOH HOH A . 
C 3 HOH 179 2179 1792 HOH HOH A . 
C 3 HOH 180 2180 1797 HOH HOH A . 
C 3 HOH 181 2181 1793 HOH HOH A . 
C 3 HOH 182 2182 1798 HOH HOH A . 
C 3 HOH 183 2183 1799 HOH HOH A . 
C 3 HOH 184 2184 1800 HOH HOH A . 
# 
loop_
_pdbx_unobs_or_zero_occ_atoms.id 
_pdbx_unobs_or_zero_occ_atoms.PDB_model_num 
_pdbx_unobs_or_zero_occ_atoms.polymer_flag 
_pdbx_unobs_or_zero_occ_atoms.occupancy_flag 
_pdbx_unobs_or_zero_occ_atoms.auth_asym_id 
_pdbx_unobs_or_zero_occ_atoms.auth_comp_id 
_pdbx_unobs_or_zero_occ_atoms.auth_seq_id 
_pdbx_unobs_or_zero_occ_atoms.PDB_ins_code 
_pdbx_unobs_or_zero_occ_atoms.auth_atom_id 
_pdbx_unobs_or_zero_occ_atoms.label_alt_id 
_pdbx_unobs_or_zero_occ_atoms.label_asym_id 
_pdbx_unobs_or_zero_occ_atoms.label_comp_id 
_pdbx_unobs_or_zero_occ_atoms.label_seq_id 
_pdbx_unobs_or_zero_occ_atoms.label_atom_id 
1 1 Y 1 A GLN 1334 ? CD  ? A GLN 43 CD  
2 1 Y 1 A GLN 1334 ? OE1 ? A GLN 43 OE1 
3 1 Y 1 A GLN 1334 ? NE2 ? A GLN 43 NE2 
# 
loop_
_software.pdbx_ordinal 
_software.name 
_software.version 
_software.date 
_software.type 
_software.contact_author 
_software.contact_author_email 
_software.classification 
_software.location 
_software.language 
_software.citation_id 
1 REFMAC      5.8.0403 ?               program 'Garib N. Murshudov' garib@ysbl.york.ac.uk    refinement        
http://www.ccp4.ac.uk/dist/html/refmac5.html        Fortran_77 ? 
2 Aimless     0.7.7    23/04/21        program 'Phil Evans'         ?                        'data scaling'    
http://www.mrc-lmb.cam.ac.uk/harry/pre/aimless.html ?          ? 
3 PDB_EXTRACT 3.23     'SEP. 23, 2016' package PDB                  deposit@deposit.rcsb.org 'data extraction' 
http://sw-tools.pdb.org/apps/PDB_EXTRACT/           C++        ? 
4 XDS         .        ?               program ?                    ?                        'data reduction'  ? ?          ? 
5 REFMAC      .        ?               program ?                    ?                        phasing           ? ?          ? 
# 
_cell.entry_id           7FVH 
_cell.length_a           81.853 
_cell.length_b           27.551 
_cell.length_c           56.331 
_cell.angle_alpha        90.000 
_cell.angle_beta         99.790 
_cell.angle_gamma        90.000 
_cell.Z_PDB              4 
_cell.pdbx_unique_axis   ? 
# 
_symmetry.entry_id                         7FVH 
_symmetry.space_group_name_H-M             'C 1 2 1' 
_symmetry.pdbx_full_space_group_name_H-M   ? 
_symmetry.cell_setting                     ? 
_symmetry.Int_Tables_number                5 
# 
_exptl.crystals_number   1 
_exptl.entry_id          7FVH 
_exptl.method            'X-RAY DIFFRACTION' 
# 
_exptl_crystal.id                    1 
_exptl_crystal.pdbx_mosaicity        0.000 
_exptl_crystal.pdbx_mosaicity_esd    ? 
_exptl_crystal.density_Matthews      1.78 
_exptl_crystal.density_diffrn        ? 
_exptl_crystal.density_meas          ? 
_exptl_crystal.density_meas_temp     ? 
_exptl_crystal.density_percent_sol   30.72 
_exptl_crystal.size_max              ? 
_exptl_crystal.size_mid              ? 
_exptl_crystal.size_min              ? 
_exptl_crystal.size_rad              ? 
_exptl_crystal.description           ? 
# 
_exptl_crystal_grow.crystal_id      1 
_exptl_crystal_grow.method          'VAPOR DIFFUSION, SITTING DROP' 
_exptl_crystal_grow.pH              5.6 
_exptl_crystal_grow.temp            277 
_exptl_crystal_grow.pdbx_details    '20% PEG 8000, 0.04M potassium phosphate' 
_exptl_crystal_grow.temp_details    ? 
_exptl_crystal_grow.pdbx_pH_range   ? 
# 
_diffrn.id                     1 
_diffrn.ambient_temp           100 
_diffrn.crystal_id             1 
_diffrn.ambient_temp_details   ? 
# 
_diffrn_detector.detector               PIXEL 
_diffrn_detector.type                   'DECTRIS PILATUS 6M' 
_diffrn_detector.pdbx_collection_date   2022-09-24 
_diffrn_detector.diffrn_id              1 
_diffrn_detector.details                ? 
# 
_diffrn_radiation.diffrn_id                        1 
_diffrn_radiation.wavelength_id                    1 
_diffrn_radiation.pdbx_diffrn_protocol             'SINGLE WAVELENGTH' 
_diffrn_radiation.pdbx_monochromatic_or_laue_m_l   ? 
_diffrn_radiation.monochromator                    ? 
_diffrn_radiation.pdbx_scattering_type             x-ray 
# 
_diffrn_radiation_wavelength.id           1 
_diffrn_radiation_wavelength.wavelength   0.92124 
_diffrn_radiation_wavelength.wt           1.0 
# 
_diffrn_source.diffrn_id                   1 
_diffrn_source.source                      SYNCHROTRON 
_diffrn_source.type                        'DIAMOND BEAMLINE I04-1' 
_diffrn_source.pdbx_wavelength_list        0.92124 
_diffrn_source.pdbx_synchrotron_site       Diamond 
_diffrn_source.pdbx_synchrotron_beamline   I04-1 
_diffrn_source.pdbx_wavelength             ? 
# 
_reflns.entry_id                     7FVH 
_reflns.pdbx_diffrn_id               1 
_reflns.pdbx_ordinal                 1 
_reflns.observed_criterion_sigma_I   ? 
_reflns.observed_criterion_sigma_F   ? 
_reflns.d_resolution_low             35.630 
_reflns.d_resolution_high            1.150 
_reflns.number_obs                   29930 
_reflns.number_all                   ? 
_reflns.percent_possible_obs         67.600 
_reflns.pdbx_Rmerge_I_obs            0.046 
_reflns.pdbx_Rsym_value              ? 
_reflns.pdbx_netI_over_sigmaI        21.700 
_reflns.B_iso_Wilson_estimate        ? 
_reflns.pdbx_redundancy              5.800 
_reflns.pdbx_Rrim_I_all              0.051 
_reflns.pdbx_Rpim_I_all              0.021 
_reflns.pdbx_CC_half                 0.996 
_reflns.pdbx_netI_over_av_sigmaI     ? 
_reflns.pdbx_number_measured_all     173665 
_reflns.pdbx_scaling_rejects         0 
_reflns.pdbx_chi_squared             ? 
_reflns.Rmerge_F_all                 ? 
_reflns.Rmerge_F_obs                 ? 
_reflns.observed_criterion_F_max     ? 
_reflns.observed_criterion_F_min     ? 
_reflns.observed_criterion_I_max     ? 
_reflns.observed_criterion_I_min     ? 
_reflns.pdbx_d_res_high_opt          ? 
_reflns.pdbx_d_res_low_opt           ? 
_reflns.details                      ? 
# 
loop_
_reflns_shell.pdbx_diffrn_id 
_reflns_shell.pdbx_ordinal 
_reflns_shell.d_res_high 
_reflns_shell.d_res_low 
_reflns_shell.number_measured_obs 
_reflns_shell.number_measured_all 
_reflns_shell.number_unique_obs 
_reflns_shell.pdbx_rejects 
_reflns_shell.Rmerge_I_obs 
_reflns_shell.meanI_over_sigI_obs 
_reflns_shell.pdbx_Rsym_value 
_reflns_shell.pdbx_chi_squared 
_reflns_shell.pdbx_redundancy 
_reflns_shell.percent_possible_obs 
_reflns_shell.pdbx_netI_over_sigmaI_obs 
_reflns_shell.number_possible 
_reflns_shell.number_unique_all 
_reflns_shell.Rmerge_F_all 
_reflns_shell.Rmerge_F_obs 
_reflns_shell.Rmerge_I_all 
_reflns_shell.meanI_over_sigI_all 
_reflns_shell.percent_possible_all 
_reflns_shell.pdbx_Rrim_I_all 
_reflns_shell.pdbx_Rpim_I_all 
_reflns_shell.pdbx_CC_half 
1 1 1.150 1.170  ? 136  ? ? 0.358 ? ? ? 1.300 ? 0.300  ? 107 ? ? ? ? 5.000  0.506 0.358 0.553 
1 2 6.310 35.630 ? 1764 ? ? 0.057 ? ? ? 5.900 ? 67.400 ? 298 ? ? ? ? 99.000 0.064 0.028 0.989 
# 
_refine.entry_id                                 7FVH 
_refine.pdbx_refine_id                           'X-RAY DIFFRACTION' 
_refine.ls_d_res_high                            1.1500 
_refine.ls_d_res_low                             35.6600 
_refine.pdbx_ls_sigma_F                          0.000 
_refine.pdbx_data_cutoff_high_absF               ? 
_refine.pdbx_data_cutoff_low_absF                ? 
_refine.ls_percent_reflns_obs                    67.3900 
_refine.ls_number_reflns_obs                     28342 
_refine.ls_number_reflns_all                     ? 
_refine.pdbx_ls_cross_valid_method               THROUGHOUT 
_refine.ls_matrix_type                           ? 
_refine.pdbx_R_Free_selection_details            RANDOM 
_refine.details                                  
'HYDROGENS HAVE BEEN ADDED IN THE RIDING POSITIONS U VALUES      : REFINED INDIVIDUALLY' 
_refine.ls_R_factor_all                          ? 
_refine.ls_R_factor_obs                          0.2496 
_refine.ls_R_factor_R_work                       0.2490 
_refine.ls_wR_factor_R_work                      ? 
_refine.ls_R_factor_R_free                       0.2616 
_refine.ls_wR_factor_R_free                      ? 
_refine.ls_percent_reflns_R_free                 5.1000 
_refine.ls_number_reflns_R_free                  1510 
_refine.ls_number_reflns_R_work                  ? 
_refine.ls_R_factor_R_free_error                 ? 
_refine.B_iso_mean                               18.8050 
_refine.solvent_model_param_bsol                 ? 
_refine.solvent_model_param_ksol                 ? 
_refine.pdbx_isotropic_thermal_model             ? 
_refine.aniso_B[1][1]                            0.1400 
_refine.aniso_B[2][2]                            0.8600 
_refine.aniso_B[3][3]                            -1.0500 
_refine.aniso_B[1][2]                            -0.0000 
_refine.aniso_B[1][3]                            0.3500 
_refine.aniso_B[2][3]                            0.0000 
_refine.correlation_coeff_Fo_to_Fc               0.9370 
_refine.correlation_coeff_Fo_to_Fc_free          0.9270 
_refine.overall_SU_R_Cruickshank_DPI             ? 
_refine.pdbx_overall_SU_R_free_Cruickshank_DPI   ? 
_refine.pdbx_overall_SU_R_Blow_DPI               ? 
_refine.pdbx_overall_SU_R_free_Blow_DPI          ? 
_refine.overall_SU_R_free                        ? 
_refine.pdbx_overall_ESU_R                       0.0770 
_refine.pdbx_overall_ESU_R_Free                  0.0730 
_refine.overall_SU_ML                            ? 
_refine.overall_SU_B                             ? 
_refine.solvent_model_details                    MASK 
_refine.pdbx_solvent_vdw_probe_radii             1.2000 
_refine.pdbx_solvent_ion_probe_radii             0.8000 
_refine.pdbx_solvent_shrinkage_radii             0.8000 
_refine.ls_number_parameters                     ? 
_refine.ls_number_restraints                     ? 
_refine.pdbx_starting_model                      7av9 
_refine.pdbx_method_to_determine_struct          'FOURIER SYNTHESIS' 
_refine.pdbx_stereochemistry_target_values       'MAXIMUM LIKELIHOOD' 
_refine.pdbx_stereochem_target_val_spec_case     ? 
_refine.overall_FOM_work_R_set                   ? 
_refine.B_iso_max                                64.060 
_refine.B_iso_min                                11.780 
_refine.pdbx_overall_phase_error                 ? 
_refine.occupancy_max                            ? 
_refine.occupancy_min                            ? 
_refine.pdbx_diffrn_id                           1 
_refine.pdbx_TLS_residual_ADP_flag               ? 
_refine.pdbx_ls_sigma_I                          ? 
_refine.pdbx_data_cutoff_high_rms_absF           ? 
_refine.ls_R_factor_R_free_error_details         ? 
# 
_refine_hist.cycle_id                         final 
_refine_hist.pdbx_refine_id                   'X-RAY DIFFRACTION' 
_refine_hist.d_res_high                       1.1500 
_refine_hist.d_res_low                        35.6600 
_refine_hist.pdbx_number_atoms_ligand         25 
_refine_hist.number_atoms_solvent             184 
_refine_hist.number_atoms_total               1212 
_refine_hist.pdbx_number_residues_total       121 
_refine_hist.pdbx_B_iso_mean_ligand           34.89 
_refine_hist.pdbx_B_iso_mean_solvent          31.17 
_refine_hist.pdbx_number_atoms_protein        1003 
_refine_hist.pdbx_number_atoms_nucleic_acid   0 
# 
loop_
_refine_ls_restr.pdbx_refine_id 
_refine_ls_restr.type 
_refine_ls_restr.number 
_refine_ls_restr.dev_ideal 
_refine_ls_restr.dev_ideal_target 
_refine_ls_restr.weight 
_refine_ls_restr.pdbx_restraint_function 
'X-RAY DIFFRACTION' r_bond_refined_d       1088 0.016  0.012  ? ? 
'X-RAY DIFFRACTION' r_bond_other_d         986  0.002  0.016  ? ? 
'X-RAY DIFFRACTION' r_angle_refined_deg    1476 1.637  1.657  ? ? 
'X-RAY DIFFRACTION' r_angle_other_deg      2287 0.901  1.572  ? ? 
'X-RAY DIFFRACTION' r_dihedral_angle_1_deg 130  5.457  5.000  ? ? 
'X-RAY DIFFRACTION' r_dihedral_angle_2_deg 15   27.686 7.000  ? ? 
'X-RAY DIFFRACTION' r_dihedral_angle_3_deg 190  16.904 10.000 ? ? 
'X-RAY DIFFRACTION' r_chiral_restr         153  0.082  0.200  ? ? 
'X-RAY DIFFRACTION' r_gen_planes_refined   1297 0.008  0.020  ? ? 
'X-RAY DIFFRACTION' r_gen_planes_other     264  0.008  0.020  ? ? 
'X-RAY DIFFRACTION' r_mcbond_it            508  1.458  1.899  ? ? 
'X-RAY DIFFRACTION' r_mcbond_other         508  1.455  1.899  ? ? 
'X-RAY DIFFRACTION' r_mcangle_it           642  2.203  3.428  ? ? 
# 
_refine_ls_shell.d_res_high                       1.1520 
_refine_ls_shell.d_res_low                        1.1810 
_refine_ls_shell.pdbx_total_number_of_bins_used   20 
_refine_ls_shell.percent_reflns_obs               4.3300 
_refine_ls_shell.number_reflns_R_work             129 
_refine_ls_shell.R_factor_all                     ? 
_refine_ls_shell.R_factor_R_work                  0.4430 
_refine_ls_shell.R_factor_R_free                  0.3520 
_refine_ls_shell.percent_reflns_R_free            ? 
_refine_ls_shell.number_reflns_R_free             11 
_refine_ls_shell.R_factor_R_free_error            ? 
_refine_ls_shell.number_reflns_all                140 
_refine_ls_shell.number_reflns_obs                ? 
_refine_ls_shell.pdbx_refine_id                   'X-RAY DIFFRACTION' 
# 
_struct.entry_id                  7FVH 
_struct.title                     'PanDDA analysis group deposition -- PHIP in complex with Z5067911819' 
_struct.pdbx_model_details        ? 
_struct.pdbx_CASP_flag            ? 
_struct.pdbx_model_type_details   ? 
# 
_struct_keywords.entry_id        7FVH 
_struct_keywords.text            
'False negatives, ligand features, rescreening, catalogue, fragment follow-ups, automated chemistry, SIGNALING PROTEIN' 
_struct_keywords.pdbx_keywords   'SIGNALING PROTEIN' 
# 
loop_
_struct_asym.id 
_struct_asym.pdbx_blank_PDB_chainid_flag 
_struct_asym.pdbx_modified 
_struct_asym.entity_id 
_struct_asym.details 
A N N 1 ? 
B N N 2 ? 
C N N 3 ? 
# 
_struct_ref.id                         1 
_struct_ref.db_name                    UNP 
_struct_ref.db_code                    PHIP_HUMAN 
_struct_ref.pdbx_db_accession          Q8WWQ0 
_struct_ref.pdbx_db_isoform            ? 
_struct_ref.entity_id                  1 
_struct_ref.pdbx_seq_one_letter_code   
;SYDIQAWKKQCEELLNLIFQCEDSEPFRQPVDLLEYPDYRDIIDTPMDFATVRETLEAGNYESPMELCKDVRLIFSNSKA
YTPSKRSRIYSMSLRLSAFFEEHISSVLSDYKSALRFHKRNTITKR
;
_struct_ref.pdbx_align_begin           1315 
# 
_struct_ref_seq.align_id                      1 
_struct_ref_seq.ref_id                        1 
_struct_ref_seq.pdbx_PDB_id_code              7FVH 
_struct_ref_seq.pdbx_strand_id                A 
_struct_ref_seq.seq_align_beg                 24 
_struct_ref_seq.pdbx_seq_align_beg_ins_code   ? 
_struct_ref_seq.seq_align_end                 149 
_struct_ref_seq.pdbx_seq_align_end_ins_code   ? 
_struct_ref_seq.pdbx_db_accession             Q8WWQ0 
_struct_ref_seq.db_align_beg                  1315 
_struct_ref_seq.pdbx_db_align_beg_ins_code    ? 
_struct_ref_seq.db_align_end                  1440 
_struct_ref_seq.pdbx_db_align_end_ins_code    ? 
_struct_ref_seq.pdbx_auth_seq_align_beg       1315 
_struct_ref_seq.pdbx_auth_seq_align_end       1440 
# 
loop_
_struct_ref_seq_dif.align_id 
_struct_ref_seq_dif.pdbx_pdb_id_code 
_struct_ref_seq_dif.mon_id 
_struct_ref_seq_dif.pdbx_pdb_strand_id 
_struct_ref_seq_dif.seq_num 
_struct_ref_seq_dif.pdbx_pdb_ins_code 
_struct_ref_seq_dif.pdbx_seq_db_name 
_struct_ref_seq_dif.pdbx_seq_db_accession_code 
_struct_ref_seq_dif.db_mon_id 
_struct_ref_seq_dif.pdbx_seq_db_seq_num 
_struct_ref_seq_dif.details 
_struct_ref_seq_dif.pdbx_auth_seq_num 
_struct_ref_seq_dif.pdbx_ordinal 
1 7FVH MET A 1  ? UNP Q8WWQ0 ? ? 'initiating methionine' 1292 1  
1 7FVH HIS A 2  ? UNP Q8WWQ0 ? ? 'expression tag'        1293 2  
1 7FVH HIS A 3  ? UNP Q8WWQ0 ? ? 'expression tag'        1294 3  
1 7FVH HIS A 4  ? UNP Q8WWQ0 ? ? 'expression tag'        1295 4  
1 7FVH HIS A 5  ? UNP Q8WWQ0 ? ? 'expression tag'        1296 5  
1 7FVH HIS A 6  ? UNP Q8WWQ0 ? ? 'expression tag'        1297 6  
1 7FVH HIS A 7  ? UNP Q8WWQ0 ? ? 'expression tag'        1298 7  
1 7FVH SER A 8  ? UNP Q8WWQ0 ? ? 'expression tag'        1299 8  
1 7FVH SER A 9  ? UNP Q8WWQ0 ? ? 'expression tag'        1300 9  
1 7FVH GLY A 10 ? UNP Q8WWQ0 ? ? 'expression tag'        1301 10 
1 7FVH VAL A 11 ? UNP Q8WWQ0 ? ? 'expression tag'        1302 11 
1 7FVH ASP A 12 ? UNP Q8WWQ0 ? ? 'expression tag'        1303 12 
1 7FVH LEU A 13 ? UNP Q8WWQ0 ? ? 'expression tag'        1304 13 
1 7FVH GLY A 14 ? UNP Q8WWQ0 ? ? 'expression tag'        1305 14 
1 7FVH THR A 15 ? UNP Q8WWQ0 ? ? 'expression tag'        1306 15 
1 7FVH GLU A 16 ? UNP Q8WWQ0 ? ? 'expression tag'        1307 16 
1 7FVH ASN A 17 ? UNP Q8WWQ0 ? ? 'expression tag'        1308 17 
1 7FVH LEU A 18 ? UNP Q8WWQ0 ? ? 'expression tag'        1309 18 
1 7FVH TYR A 19 ? UNP Q8WWQ0 ? ? 'expression tag'        1310 19 
1 7FVH PHE A 20 ? UNP Q8WWQ0 ? ? 'expression tag'        1311 20 
1 7FVH GLN A 21 ? UNP Q8WWQ0 ? ? 'expression tag'        1312 21 
1 7FVH SER A 22 ? UNP Q8WWQ0 ? ? 'expression tag'        1313 22 
1 7FVH MET A 23 ? UNP Q8WWQ0 ? ? 'expression tag'        1314 23 
# 
_pdbx_struct_assembly.id                   1 
_pdbx_struct_assembly.details              author_and_software_defined_assembly 
_pdbx_struct_assembly.method_details       PISA 
_pdbx_struct_assembly.oligomeric_details   monomeric 
_pdbx_struct_assembly.oligomeric_count     1 
# 
_pdbx_struct_assembly_gen.assembly_id       1 
_pdbx_struct_assembly_gen.oper_expression   1 
_pdbx_struct_assembly_gen.asym_id_list      A,B,C 
# 
_pdbx_struct_oper_list.id                   1 
_pdbx_struct_oper_list.type                 'identity operation' 
_pdbx_struct_oper_list.name                 1_555 
_pdbx_struct_oper_list.symmetry_operation   x,y,z 
_pdbx_struct_oper_list.matrix[1][1]         1.0000000000 
_pdbx_struct_oper_list.matrix[1][2]         0.0000000000 
_pdbx_struct_oper_list.matrix[1][3]         0.0000000000 
_pdbx_struct_oper_list.vector[1]            0.0000000000 
_pdbx_struct_oper_list.matrix[2][1]         0.0000000000 
_pdbx_struct_oper_list.matrix[2][2]         1.0000000000 
_pdbx_struct_oper_list.matrix[2][3]         0.0000000000 
_pdbx_struct_oper_list.vector[2]            0.0000000000 
_pdbx_struct_oper_list.matrix[3][1]         0.0000000000 
_pdbx_struct_oper_list.matrix[3][2]         0.0000000000 
_pdbx_struct_oper_list.matrix[3][3]         1.0000000000 
_pdbx_struct_oper_list.vector[3]            0.0000000000 
# 
loop_
_struct_conf.conf_type_id 
_struct_conf.id 
_struct_conf.pdbx_PDB_helix_id 
_struct_conf.beg_label_comp_id 
_struct_conf.beg_label_asym_id 
_struct_conf.beg_label_seq_id 
_struct_conf.pdbx_beg_PDB_ins_code 
_struct_conf.end_label_comp_id 
_struct_conf.end_label_asym_id 
_struct_conf.end_label_seq_id 
_struct_conf.pdbx_end_PDB_ins_code 
_struct_conf.beg_auth_comp_id 
_struct_conf.beg_auth_asym_id 
_struct_conf.beg_auth_seq_id 
_struct_conf.end_auth_comp_id 
_struct_conf.end_auth_asym_id 
_struct_conf.end_auth_seq_id 
_struct_conf.pdbx_PDB_helix_class 
_struct_conf.details 
_struct_conf.pdbx_PDB_helix_length 
HELX_P HELX_P1 AA1 ALA A 29  ? CYS A 44  ? ALA A 1320 CYS A 1335 1 ? 16 
HELX_P HELX_P2 AA2 GLU A 45  ? ARG A 51  ? GLU A 1336 ARG A 1342 5 ? 7  
HELX_P HELX_P3 AA3 ASP A 61  ? ILE A 66  ? ASP A 1352 ILE A 1357 1 ? 6  
HELX_P HELX_P4 AA4 ASP A 71  ? ALA A 81  ? ASP A 1362 ALA A 1372 1 ? 11 
HELX_P HELX_P5 AA5 SER A 86  ? THR A 105 ? SER A 1377 THR A 1396 1 ? 20 
HELX_P HELX_P6 AA6 SER A 110 ? LYS A 142 ? SER A 1401 LYS A 1433 1 ? 33 
# 
_struct_conf_type.id          HELX_P 
_struct_conf_type.criteria    ? 
_struct_conf_type.reference   ? 
# 
loop_
_pdbx_validate_close_contact.id 
_pdbx_validate_close_contact.PDB_model_num 
_pdbx_validate_close_contact.auth_atom_id_1 
_pdbx_validate_close_contact.auth_asym_id_1 
_pdbx_validate_close_contact.auth_comp_id_1 
_pdbx_validate_close_contact.auth_seq_id_1 
_pdbx_validate_close_contact.PDB_ins_code_1 
_pdbx_validate_close_contact.label_alt_id_1 
_pdbx_validate_close_contact.auth_atom_id_2 
_pdbx_validate_close_contact.auth_asym_id_2 
_pdbx_validate_close_contact.auth_comp_id_2 
_pdbx_validate_close_contact.auth_seq_id_2 
_pdbx_validate_close_contact.PDB_ins_code_2 
_pdbx_validate_close_contact.label_alt_id_2 
_pdbx_validate_close_contact.dist 
1 1 OG A SER 1315 ? ? O A HOH 2001 ? ? 2.09 
2 1 O  A HOH 2084 ? ? O A HOH 2086 ? ? 2.15 
# 
_pdbx_struct_special_symmetry.id              1 
_pdbx_struct_special_symmetry.PDB_model_num   1 
_pdbx_struct_special_symmetry.auth_asym_id    A 
_pdbx_struct_special_symmetry.auth_comp_id    HOH 
_pdbx_struct_special_symmetry.auth_seq_id     2176 
_pdbx_struct_special_symmetry.PDB_ins_code    ? 
_pdbx_struct_special_symmetry.label_asym_id   C 
_pdbx_struct_special_symmetry.label_comp_id   HOH 
_pdbx_struct_special_symmetry.label_seq_id    . 
# 
_phasing.method   MR 
# 
_pdbx_entry_details.entry_id                 7FVH 
_pdbx_entry_details.compound_details         ? 
_pdbx_entry_details.source_details           ? 
_pdbx_entry_details.nonpolymer_details       ? 
_pdbx_entry_details.sequence_details         ? 
_pdbx_entry_details.has_ligand_of_interest   Y 
# 
loop_
_pdbx_unobs_or_zero_occ_residues.id 
_pdbx_unobs_or_zero_occ_residues.PDB_model_num 
_pdbx_unobs_or_zero_occ_residues.polymer_flag 
_pdbx_unobs_or_zero_occ_residues.occupancy_flag 
_pdbx_unobs_or_zero_occ_residues.auth_asym_id 
_pdbx_unobs_or_zero_occ_residues.auth_comp_id 
_pdbx_unobs_or_zero_occ_residues.auth_seq_id 
_pdbx_unobs_or_zero_occ_residues.PDB_ins_code 
_pdbx_unobs_or_zero_occ_residues.label_asym_id 
_pdbx_unobs_or_zero_occ_residues.label_comp_id 
_pdbx_unobs_or_zero_occ_residues.label_seq_id 
1  1 Y 1 A MET 1292 ? A MET 1   
2  1 Y 1 A HIS 1293 ? A HIS 2   
3  1 Y 1 A HIS 1294 ? A HIS 3   
4  1 Y 1 A HIS 1295 ? A HIS 4   
5  1 Y 1 A HIS 1296 ? A HIS 5   
6  1 Y 1 A HIS 1297 ? A HIS 6   
7  1 Y 1 A HIS 1298 ? A HIS 7   
8  1 Y 1 A SER 1299 ? A SER 8   
9  1 Y 1 A SER 1300 ? A SER 9   
10 1 Y 1 A GLY 1301 ? A GLY 10  
11 1 Y 1 A VAL 1302 ? A VAL 11  
12 1 Y 1 A ASP 1303 ? A ASP 12  
13 1 Y 1 A LEU 1304 ? A LEU 13  
14 1 Y 1 A GLY 1305 ? A GLY 14  
15 1 Y 1 A THR 1306 ? A THR 15  
16 1 Y 1 A GLU 1307 ? A GLU 16  
17 1 Y 1 A ASN 1308 ? A ASN 17  
18 1 Y 1 A LEU 1309 ? A LEU 18  
19 1 Y 1 A TYR 1310 ? A TYR 19  
20 1 Y 1 A PHE 1311 ? A PHE 20  
21 1 Y 1 A GLN 1312 ? A GLN 21  
22 1 Y 1 A SER 1313 ? A SER 22  
23 1 Y 1 A MET 1314 ? A MET 23  
24 1 Y 1 A THR 1436 ? A THR 145 
25 1 Y 1 A ILE 1437 ? A ILE 146 
26 1 Y 1 A THR 1438 ? A THR 147 
27 1 Y 1 A LYS 1439 ? A LYS 148 
28 1 Y 1 A ARG 1440 ? A ARG 149 
# 
loop_
_chem_comp_atom.comp_id 
_chem_comp_atom.atom_id 
_chem_comp_atom.type_symbol 
_chem_comp_atom.pdbx_aromatic_flag 
_chem_comp_atom.pdbx_stereo_config 
_chem_comp_atom.pdbx_ordinal 
ALA N    N N N 1   
ALA CA   C N S 2   
ALA C    C N N 3   
ALA O    O N N 4   
ALA CB   C N N 5   
ALA OXT  O N N 6   
ALA H    H N N 7   
ALA H2   H N N 8   
ALA HA   H N N 9   
ALA HB1  H N N 10  
ALA HB2  H N N 11  
ALA HB3  H N N 12  
ALA HXT  H N N 13  
ARG N    N N N 14  
ARG CA   C N S 15  
ARG C    C N N 16  
ARG O    O N N 17  
ARG CB   C N N 18  
ARG CG   C N N 19  
ARG CD   C N N 20  
ARG NE   N N N 21  
ARG CZ   C N N 22  
ARG NH1  N N N 23  
ARG NH2  N N N 24  
ARG OXT  O N N 25  
ARG H    H N N 26  
ARG H2   H N N 27  
ARG HA   H N N 28  
ARG HB2  H N N 29  
ARG HB3  H N N 30  
ARG HG2  H N N 31  
ARG HG3  H N N 32  
ARG HD2  H N N 33  
ARG HD3  H N N 34  
ARG HE   H N N 35  
ARG HH11 H N N 36  
ARG HH12 H N N 37  
ARG HH21 H N N 38  
ARG HH22 H N N 39  
ARG HXT  H N N 40  
ASN N    N N N 41  
ASN CA   C N S 42  
ASN C    C N N 43  
ASN O    O N N 44  
ASN CB   C N N 45  
ASN CG   C N N 46  
ASN OD1  O N N 47  
ASN ND2  N N N 48  
ASN OXT  O N N 49  
ASN H    H N N 50  
ASN H2   H N N 51  
ASN HA   H N N 52  
ASN HB2  H N N 53  
ASN HB3  H N N 54  
ASN HD21 H N N 55  
ASN HD22 H N N 56  
ASN HXT  H N N 57  
ASP N    N N N 58  
ASP CA   C N S 59  
ASP C    C N N 60  
ASP O    O N N 61  
ASP CB   C N N 62  
ASP CG   C N N 63  
ASP OD1  O N N 64  
ASP OD2  O N N 65  
ASP OXT  O N N 66  
ASP H    H N N 67  
ASP H2   H N N 68  
ASP HA   H N N 69  
ASP HB2  H N N 70  
ASP HB3  H N N 71  
ASP HD2  H N N 72  
ASP HXT  H N N 73  
CYS N    N N N 74  
CYS CA   C N R 75  
CYS C    C N N 76  
CYS O    O N N 77  
CYS CB   C N N 78  
CYS SG   S N N 79  
CYS OXT  O N N 80  
CYS H    H N N 81  
CYS H2   H N N 82  
CYS HA   H N N 83  
CYS HB2  H N N 84  
CYS HB3  H N N 85  
CYS HG   H N N 86  
CYS HXT  H N N 87  
GLN N    N N N 88  
GLN CA   C N S 89  
GLN C    C N N 90  
GLN O    O N N 91  
GLN CB   C N N 92  
GLN CG   C N N 93  
GLN CD   C N N 94  
GLN OE1  O N N 95  
GLN NE2  N N N 96  
GLN OXT  O N N 97  
GLN H    H N N 98  
GLN H2   H N N 99  
GLN HA   H N N 100 
GLN HB2  H N N 101 
GLN HB3  H N N 102 
GLN HG2  H N N 103 
GLN HG3  H N N 104 
GLN HE21 H N N 105 
GLN HE22 H N N 106 
GLN HXT  H N N 107 
GLU N    N N N 108 
GLU CA   C N S 109 
GLU C    C N N 110 
GLU O    O N N 111 
GLU CB   C N N 112 
GLU CG   C N N 113 
GLU CD   C N N 114 
GLU OE1  O N N 115 
GLU OE2  O N N 116 
GLU OXT  O N N 117 
GLU H    H N N 118 
GLU H2   H N N 119 
GLU HA   H N N 120 
GLU HB2  H N N 121 
GLU HB3  H N N 122 
GLU HG2  H N N 123 
GLU HG3  H N N 124 
GLU HE2  H N N 125 
GLU HXT  H N N 126 
GLY N    N N N 127 
GLY CA   C N N 128 
GLY C    C N N 129 
GLY O    O N N 130 
GLY OXT  O N N 131 
GLY H    H N N 132 
GLY H2   H N N 133 
GLY HA2  H N N 134 
GLY HA3  H N N 135 
GLY HXT  H N N 136 
HIS N    N N N 137 
HIS CA   C N S 138 
HIS C    C N N 139 
HIS O    O N N 140 
HIS CB   C N N 141 
HIS CG   C Y N 142 
HIS ND1  N Y N 143 
HIS CD2  C Y N 144 
HIS CE1  C Y N 145 
HIS NE2  N Y N 146 
HIS OXT  O N N 147 
HIS H    H N N 148 
HIS H2   H N N 149 
HIS HA   H N N 150 
HIS HB2  H N N 151 
HIS HB3  H N N 152 
HIS HD1  H N N 153 
HIS HD2  H N N 154 
HIS HE1  H N N 155 
HIS HE2  H N N 156 
HIS HXT  H N N 157 
HOH O    O N N 158 
HOH H1   H N N 159 
HOH H2   H N N 160 
ILE N    N N N 161 
ILE CA   C N S 162 
ILE C    C N N 163 
ILE O    O N N 164 
ILE CB   C N S 165 
ILE CG1  C N N 166 
ILE CG2  C N N 167 
ILE CD1  C N N 168 
ILE OXT  O N N 169 
ILE H    H N N 170 
ILE H2   H N N 171 
ILE HA   H N N 172 
ILE HB   H N N 173 
ILE HG12 H N N 174 
ILE HG13 H N N 175 
ILE HG21 H N N 176 
ILE HG22 H N N 177 
ILE HG23 H N N 178 
ILE HD11 H N N 179 
ILE HD12 H N N 180 
ILE HD13 H N N 181 
ILE HXT  H N N 182 
LEU N    N N N 183 
LEU CA   C N S 184 
LEU C    C N N 185 
LEU O    O N N 186 
LEU CB   C N N 187 
LEU CG   C N N 188 
LEU CD1  C N N 189 
LEU CD2  C N N 190 
LEU OXT  O N N 191 
LEU H    H N N 192 
LEU H2   H N N 193 
LEU HA   H N N 194 
LEU HB2  H N N 195 
LEU HB3  H N N 196 
LEU HG   H N N 197 
LEU HD11 H N N 198 
LEU HD12 H N N 199 
LEU HD13 H N N 200 
LEU HD21 H N N 201 
LEU HD22 H N N 202 
LEU HD23 H N N 203 
LEU HXT  H N N 204 
LYS N    N N N 205 
LYS CA   C N S 206 
LYS C    C N N 207 
LYS O    O N N 208 
LYS CB   C N N 209 
LYS CG   C N N 210 
LYS CD   C N N 211 
LYS CE   C N N 212 
LYS NZ   N N N 213 
LYS OXT  O N N 214 
LYS H    H N N 215 
LYS H2   H N N 216 
LYS HA   H N N 217 
LYS HB2  H N N 218 
LYS HB3  H N N 219 
LYS HG2  H N N 220 
LYS HG3  H N N 221 
LYS HD2  H N N 222 
LYS HD3  H N N 223 
LYS HE2  H N N 224 
LYS HE3  H N N 225 
LYS HZ1  H N N 226 
LYS HZ2  H N N 227 
LYS HZ3  H N N 228 
LYS HXT  H N N 229 
MET N    N N N 230 
MET CA   C N S 231 
MET C    C N N 232 
MET O    O N N 233 
MET CB   C N N 234 
MET CG   C N N 235 
MET SD   S N N 236 
MET CE   C N N 237 
MET OXT  O N N 238 
MET H    H N N 239 
MET H2   H N N 240 
MET HA   H N N 241 
MET HB2  H N N 242 
MET HB3  H N N 243 
MET HG2  H N N 244 
MET HG3  H N N 245 
MET HE1  H N N 246 
MET HE2  H N N 247 
MET HE3  H N N 248 
MET HXT  H N N 249 
PHE N    N N N 250 
PHE CA   C N S 251 
PHE C    C N N 252 
PHE O    O N N 253 
PHE CB   C N N 254 
PHE CG   C Y N 255 
PHE CD1  C Y N 256 
PHE CD2  C Y N 257 
PHE CE1  C Y N 258 
PHE CE2  C Y N 259 
PHE CZ   C Y N 260 
PHE OXT  O N N 261 
PHE H    H N N 262 
PHE H2   H N N 263 
PHE HA   H N N 264 
PHE HB2  H N N 265 
PHE HB3  H N N 266 
PHE HD1  H N N 267 
PHE HD2  H N N 268 
PHE HE1  H N N 269 
PHE HE2  H N N 270 
PHE HZ   H N N 271 
PHE HXT  H N N 272 
PRO N    N N N 273 
PRO CA   C N S 274 
PRO C    C N N 275 
PRO O    O N N 276 
PRO CB   C N N 277 
PRO CG   C N N 278 
PRO CD   C N N 279 
PRO OXT  O N N 280 
PRO H    H N N 281 
PRO HA   H N N 282 
PRO HB2  H N N 283 
PRO HB3  H N N 284 
PRO HG2  H N N 285 
PRO HG3  H N N 286 
PRO HD2  H N N 287 
PRO HD3  H N N 288 
PRO HXT  H N N 289 
SER N    N N N 290 
SER CA   C N S 291 
SER C    C N N 292 
SER O    O N N 293 
SER CB   C N N 294 
SER OG   O N N 295 
SER OXT  O N N 296 
SER H    H N N 297 
SER H2   H N N 298 
SER HA   H N N 299 
SER HB2  H N N 300 
SER HB3  H N N 301 
SER HG   H N N 302 
SER HXT  H N N 303 
THR N    N N N 304 
THR CA   C N S 305 
THR C    C N N 306 
THR O    O N N 307 
THR CB   C N R 308 
THR OG1  O N N 309 
THR CG2  C N N 310 
THR OXT  O N N 311 
THR H    H N N 312 
THR H2   H N N 313 
THR HA   H N N 314 
THR HB   H N N 315 
THR HG1  H N N 316 
THR HG21 H N N 317 
THR HG22 H N N 318 
THR HG23 H N N 319 
THR HXT  H N N 320 
TRP N    N N N 321 
TRP CA   C N S 322 
TRP C    C N N 323 
TRP O    O N N 324 
TRP CB   C N N 325 
TRP CG   C Y N 326 
TRP CD1  C Y N 327 
TRP CD2  C Y N 328 
TRP NE1  N Y N 329 
TRP CE2  C Y N 330 
TRP CE3  C Y N 331 
TRP CZ2  C Y N 332 
TRP CZ3  C Y N 333 
TRP CH2  C Y N 334 
TRP OXT  O N N 335 
TRP H    H N N 336 
TRP H2   H N N 337 
TRP HA   H N N 338 
TRP HB2  H N N 339 
TRP HB3  H N N 340 
TRP HD1  H N N 341 
TRP HE1  H N N 342 
TRP HE3  H N N 343 
TRP HZ2  H N N 344 
TRP HZ3  H N N 345 
TRP HH2  H N N 346 
TRP HXT  H N N 347 
TYR N    N N N 348 
TYR CA   C N S 349 
TYR C    C N N 350 
TYR O    O N N 351 
TYR CB   C N N 352 
TYR CG   C Y N 353 
TYR CD1  C Y N 354 
TYR CD2  C Y N 355 
TYR CE1  C Y N 356 
TYR CE2  C Y N 357 
TYR CZ   C Y N 358 
TYR OH   O N N 359 
TYR OXT  O N N 360 
TYR H    H N N 361 
TYR H2   H N N 362 
TYR HA   H N N 363 
TYR HB2  H N N 364 
TYR HB3  H N N 365 
TYR HD1  H N N 366 
TYR HD2  H N N 367 
TYR HE1  H N N 368 
TYR HE2  H N N 369 
TYR HH   H N N 370 
TYR HXT  H N N 371 
VAL N    N N N 372 
VAL CA   C N S 373 
VAL C    C N N 374 
VAL O    O N N 375 
VAL CB   C N N 376 
VAL CG1  C N N 377 
VAL CG2  C N N 378 
VAL OXT  O N N 379 
VAL H    H N N 380 
VAL H2   H N N 381 
VAL HA   H N N 382 
VAL HB   H N N 383 
VAL HG11 H N N 384 
VAL HG12 H N N 385 
VAL HG13 H N N 386 
VAL HG21 H N N 387 
VAL HG22 H N N 388 
VAL HG23 H N N 389 
VAL HXT  H N N 390 
ZOH N1   N N N 391 
ZOH N3   N N N 392 
ZOH C4   C Y N 393 
ZOH C5   C Y N 394 
ZOH C6   C N N 395 
ZOH C7   C N N 396 
ZOH C8   C N N 397 
ZOH C10  C N S 398 
ZOH C13  C Y N 399 
ZOH C15  C Y N 400 
ZOH C17  C Y N 401 
ZOH C1   C N N 402 
ZOH O1   O N N 403 
ZOH C2   C Y N 404 
ZOH C3   C Y N 405 
ZOH O2   O N N 406 
ZOH N2   N N N 407 
ZOH C9   C N N 408 
ZOH C11  C N N 409 
ZOH C12  C N N 410 
ZOH O3   O N N 411 
ZOH C14  C Y N 412 
ZOH O4   O Y N 413 
ZOH C16  C Y N 414 
ZOH C18  C Y N 415 
ZOH H6   H N N 416 
ZOH H5   H N N 417 
ZOH H8   H N N 418 
ZOH H7   H N N 419 
ZOH H10  H N N 420 
ZOH H9   H N N 421 
ZOH H13  H N N 422 
ZOH H18  H N N 423 
ZOH H20  H N N 424 
ZOH H3   H N N 425 
ZOH H1   H N N 426 
ZOH H2   H N N 427 
ZOH H4   H N N 428 
ZOH H12  H N N 429 
ZOH H11  H N N 430 
ZOH H15  H N N 431 
ZOH H16  H N N 432 
ZOH H14  H N N 433 
ZOH H17  H N N 434 
ZOH H19  H N N 435 
ZOH H21  H N N 436 
# 
loop_
_chem_comp_bond.comp_id 
_chem_comp_bond.atom_id_1 
_chem_comp_bond.atom_id_2 
_chem_comp_bond.value_order 
_chem_comp_bond.pdbx_aromatic_flag 
_chem_comp_bond.pdbx_stereo_config 
_chem_comp_bond.pdbx_ordinal 
ALA N   CA   sing N N 1   
ALA N   H    sing N N 2   
ALA N   H2   sing N N 3   
ALA CA  C    sing N N 4   
ALA CA  CB   sing N N 5   
ALA CA  HA   sing N N 6   
ALA C   O    doub N N 7   
ALA C   OXT  sing N N 8   
ALA CB  HB1  sing N N 9   
ALA CB  HB2  sing N N 10  
ALA CB  HB3  sing N N 11  
ALA OXT HXT  sing N N 12  
ARG N   CA   sing N N 13  
ARG N   H    sing N N 14  
ARG N   H2   sing N N 15  
ARG CA  C    sing N N 16  
ARG CA  CB   sing N N 17  
ARG CA  HA   sing N N 18  
ARG C   O    doub N N 19  
ARG C   OXT  sing N N 20  
ARG CB  CG   sing N N 21  
ARG CB  HB2  sing N N 22  
ARG CB  HB3  sing N N 23  
ARG CG  CD   sing N N 24  
ARG CG  HG2  sing N N 25  
ARG CG  HG3  sing N N 26  
ARG CD  NE   sing N N 27  
ARG CD  HD2  sing N N 28  
ARG CD  HD3  sing N N 29  
ARG NE  CZ   sing N N 30  
ARG NE  HE   sing N N 31  
ARG CZ  NH1  sing N N 32  
ARG CZ  NH2  doub N N 33  
ARG NH1 HH11 sing N N 34  
ARG NH1 HH12 sing N N 35  
ARG NH2 HH21 sing N N 36  
ARG NH2 HH22 sing N N 37  
ARG OXT HXT  sing N N 38  
ASN N   CA   sing N N 39  
ASN N   H    sing N N 40  
ASN N   H2   sing N N 41  
ASN CA  C    sing N N 42  
ASN CA  CB   sing N N 43  
ASN CA  HA   sing N N 44  
ASN C   O    doub N N 45  
ASN C   OXT  sing N N 46  
ASN CB  CG   sing N N 47  
ASN CB  HB2  sing N N 48  
ASN CB  HB3  sing N N 49  
ASN CG  OD1  doub N N 50  
ASN CG  ND2  sing N N 51  
ASN ND2 HD21 sing N N 52  
ASN ND2 HD22 sing N N 53  
ASN OXT HXT  sing N N 54  
ASP N   CA   sing N N 55  
ASP N   H    sing N N 56  
ASP N   H2   sing N N 57  
ASP CA  C    sing N N 58  
ASP CA  CB   sing N N 59  
ASP CA  HA   sing N N 60  
ASP C   O    doub N N 61  
ASP C   OXT  sing N N 62  
ASP CB  CG   sing N N 63  
ASP CB  HB2  sing N N 64  
ASP CB  HB3  sing N N 65  
ASP CG  OD1  doub N N 66  
ASP CG  OD2  sing N N 67  
ASP OD2 HD2  sing N N 68  
ASP OXT HXT  sing N N 69  
CYS N   CA   sing N N 70  
CYS N   H    sing N N 71  
CYS N   H2   sing N N 72  
CYS CA  C    sing N N 73  
CYS CA  CB   sing N N 74  
CYS CA  HA   sing N N 75  
CYS C   O    doub N N 76  
CYS C   OXT  sing N N 77  
CYS CB  SG   sing N N 78  
CYS CB  HB2  sing N N 79  
CYS CB  HB3  sing N N 80  
CYS SG  HG   sing N N 81  
CYS OXT HXT  sing N N 82  
GLN N   CA   sing N N 83  
GLN N   H    sing N N 84  
GLN N   H2   sing N N 85  
GLN CA  C    sing N N 86  
GLN CA  CB   sing N N 87  
GLN CA  HA   sing N N 88  
GLN C   O    doub N N 89  
GLN C   OXT  sing N N 90  
GLN CB  CG   sing N N 91  
GLN CB  HB2  sing N N 92  
GLN CB  HB3  sing N N 93  
GLN CG  CD   sing N N 94  
GLN CG  HG2  sing N N 95  
GLN CG  HG3  sing N N 96  
GLN CD  OE1  doub N N 97  
GLN CD  NE2  sing N N 98  
GLN NE2 HE21 sing N N 99  
GLN NE2 HE22 sing N N 100 
GLN OXT HXT  sing N N 101 
GLU N   CA   sing N N 102 
GLU N   H    sing N N 103 
GLU N   H2   sing N N 104 
GLU CA  C    sing N N 105 
GLU CA  CB   sing N N 106 
GLU CA  HA   sing N N 107 
GLU C   O    doub N N 108 
GLU C   OXT  sing N N 109 
GLU CB  CG   sing N N 110 
GLU CB  HB2  sing N N 111 
GLU CB  HB3  sing N N 112 
GLU CG  CD   sing N N 113 
GLU CG  HG2  sing N N 114 
GLU CG  HG3  sing N N 115 
GLU CD  OE1  doub N N 116 
GLU CD  OE2  sing N N 117 
GLU OE2 HE2  sing N N 118 
GLU OXT HXT  sing N N 119 
GLY N   CA   sing N N 120 
GLY N   H    sing N N 121 
GLY N   H2   sing N N 122 
GLY CA  C    sing N N 123 
GLY CA  HA2  sing N N 124 
GLY CA  HA3  sing N N 125 
GLY C   O    doub N N 126 
GLY C   OXT  sing N N 127 
GLY OXT HXT  sing N N 128 
HIS N   CA   sing N N 129 
HIS N   H    sing N N 130 
HIS N   H2   sing N N 131 
HIS CA  C    sing N N 132 
HIS CA  CB   sing N N 133 
HIS CA  HA   sing N N 134 
HIS C   O    doub N N 135 
HIS C   OXT  sing N N 136 
HIS CB  CG   sing N N 137 
HIS CB  HB2  sing N N 138 
HIS CB  HB3  sing N N 139 
HIS CG  ND1  sing Y N 140 
HIS CG  CD2  doub Y N 141 
HIS ND1 CE1  doub Y N 142 
HIS ND1 HD1  sing N N 143 
HIS CD2 NE2  sing Y N 144 
HIS CD2 HD2  sing N N 145 
HIS CE1 NE2  sing Y N 146 
HIS CE1 HE1  sing N N 147 
HIS NE2 HE2  sing N N 148 
HIS OXT HXT  sing N N 149 
HOH O   H1   sing N N 150 
HOH O   H2   sing N N 151 
ILE N   CA   sing N N 152 
ILE N   H    sing N N 153 
ILE N   H2   sing N N 154 
ILE CA  C    sing N N 155 
ILE CA  CB   sing N N 156 
ILE CA  HA   sing N N 157 
ILE C   O    doub N N 158 
ILE C   OXT  sing N N 159 
ILE CB  CG1  sing N N 160 
ILE CB  CG2  sing N N 161 
ILE CB  HB   sing N N 162 
ILE CG1 CD1  sing N N 163 
ILE CG1 HG12 sing N N 164 
ILE CG1 HG13 sing N N 165 
ILE CG2 HG21 sing N N 166 
ILE CG2 HG22 sing N N 167 
ILE CG2 HG23 sing N N 168 
ILE CD1 HD11 sing N N 169 
ILE CD1 HD12 sing N N 170 
ILE CD1 HD13 sing N N 171 
ILE OXT HXT  sing N N 172 
LEU N   CA   sing N N 173 
LEU N   H    sing N N 174 
LEU N   H2   sing N N 175 
LEU CA  C    sing N N 176 
LEU CA  CB   sing N N 177 
LEU CA  HA   sing N N 178 
LEU C   O    doub N N 179 
LEU C   OXT  sing N N 180 
LEU CB  CG   sing N N 181 
LEU CB  HB2  sing N N 182 
LEU CB  HB3  sing N N 183 
LEU CG  CD1  sing N N 184 
LEU CG  CD2  sing N N 185 
LEU CG  HG   sing N N 186 
LEU CD1 HD11 sing N N 187 
LEU CD1 HD12 sing N N 188 
LEU CD1 HD13 sing N N 189 
LEU CD2 HD21 sing N N 190 
LEU CD2 HD22 sing N N 191 
LEU CD2 HD23 sing N N 192 
LEU OXT HXT  sing N N 193 
LYS N   CA   sing N N 194 
LYS N   H    sing N N 195 
LYS N   H2   sing N N 196 
LYS CA  C    sing N N 197 
LYS CA  CB   sing N N 198 
LYS CA  HA   sing N N 199 
LYS C   O    doub N N 200 
LYS C   OXT  sing N N 201 
LYS CB  CG   sing N N 202 
LYS CB  HB2  sing N N 203 
LYS CB  HB3  sing N N 204 
LYS CG  CD   sing N N 205 
LYS CG  HG2  sing N N 206 
LYS CG  HG3  sing N N 207 
LYS CD  CE   sing N N 208 
LYS CD  HD2  sing N N 209 
LYS CD  HD3  sing N N 210 
LYS CE  NZ   sing N N 211 
LYS CE  HE2  sing N N 212 
LYS CE  HE3  sing N N 213 
LYS NZ  HZ1  sing N N 214 
LYS NZ  HZ2  sing N N 215 
LYS NZ  HZ3  sing N N 216 
LYS OXT HXT  sing N N 217 
MET N   CA   sing N N 218 
MET N   H    sing N N 219 
MET N   H2   sing N N 220 
MET CA  C    sing N N 221 
MET CA  CB   sing N N 222 
MET CA  HA   sing N N 223 
MET C   O    doub N N 224 
MET C   OXT  sing N N 225 
MET CB  CG   sing N N 226 
MET CB  HB2  sing N N 227 
MET CB  HB3  sing N N 228 
MET CG  SD   sing N N 229 
MET CG  HG2  sing N N 230 
MET CG  HG3  sing N N 231 
MET SD  CE   sing N N 232 
MET CE  HE1  sing N N 233 
MET CE  HE2  sing N N 234 
MET CE  HE3  sing N N 235 
MET OXT HXT  sing N N 236 
PHE N   CA   sing N N 237 
PHE N   H    sing N N 238 
PHE N   H2   sing N N 239 
PHE CA  C    sing N N 240 
PHE CA  CB   sing N N 241 
PHE CA  HA   sing N N 242 
PHE C   O    doub N N 243 
PHE C   OXT  sing N N 244 
PHE CB  CG   sing N N 245 
PHE CB  HB2  sing N N 246 
PHE CB  HB3  sing N N 247 
PHE CG  CD1  doub Y N 248 
PHE CG  CD2  sing Y N 249 
PHE CD1 CE1  sing Y N 250 
PHE CD1 HD1  sing N N 251 
PHE CD2 CE2  doub Y N 252 
PHE CD2 HD2  sing N N 253 
PHE CE1 CZ   doub Y N 254 
PHE CE1 HE1  sing N N 255 
PHE CE2 CZ   sing Y N 256 
PHE CE2 HE2  sing N N 257 
PHE CZ  HZ   sing N N 258 
PHE OXT HXT  sing N N 259 
PRO N   CA   sing N N 260 
PRO N   CD   sing N N 261 
PRO N   H    sing N N 262 
PRO CA  C    sing N N 263 
PRO CA  CB   sing N N 264 
PRO CA  HA   sing N N 265 
PRO C   O    doub N N 266 
PRO C   OXT  sing N N 267 
PRO CB  CG   sing N N 268 
PRO CB  HB2  sing N N 269 
PRO CB  HB3  sing N N 270 
PRO CG  CD   sing N N 271 
PRO CG  HG2  sing N N 272 
PRO CG  HG3  sing N N 273 
PRO CD  HD2  sing N N 274 
PRO CD  HD3  sing N N 275 
PRO OXT HXT  sing N N 276 
SER N   CA   sing N N 277 
SER N   H    sing N N 278 
SER N   H2   sing N N 279 
SER CA  C    sing N N 280 
SER CA  CB   sing N N 281 
SER CA  HA   sing N N 282 
SER C   O    doub N N 283 
SER C   OXT  sing N N 284 
SER CB  OG   sing N N 285 
SER CB  HB2  sing N N 286 
SER CB  HB3  sing N N 287 
SER OG  HG   sing N N 288 
SER OXT HXT  sing N N 289 
THR N   CA   sing N N 290 
THR N   H    sing N N 291 
THR N   H2   sing N N 292 
THR CA  C    sing N N 293 
THR CA  CB   sing N N 294 
THR CA  HA   sing N N 295 
THR C   O    doub N N 296 
THR C   OXT  sing N N 297 
THR CB  OG1  sing N N 298 
THR CB  CG2  sing N N 299 
THR CB  HB   sing N N 300 
THR OG1 HG1  sing N N 301 
THR CG2 HG21 sing N N 302 
THR CG2 HG22 sing N N 303 
THR CG2 HG23 sing N N 304 
THR OXT HXT  sing N N 305 
TRP N   CA   sing N N 306 
TRP N   H    sing N N 307 
TRP N   H2   sing N N 308 
TRP CA  C    sing N N 309 
TRP CA  CB   sing N N 310 
TRP CA  HA   sing N N 311 
TRP C   O    doub N N 312 
TRP C   OXT  sing N N 313 
TRP CB  CG   sing N N 314 
TRP CB  HB2  sing N N 315 
TRP CB  HB3  sing N N 316 
TRP CG  CD1  doub Y N 317 
TRP CG  CD2  sing Y N 318 
TRP CD1 NE1  sing Y N 319 
TRP CD1 HD1  sing N N 320 
TRP CD2 CE2  doub Y N 321 
TRP CD2 CE3  sing Y N 322 
TRP NE1 CE2  sing Y N 323 
TRP NE1 HE1  sing N N 324 
TRP CE2 CZ2  sing Y N 325 
TRP CE3 CZ3  doub Y N 326 
TRP CE3 HE3  sing N N 327 
TRP CZ2 CH2  doub Y N 328 
TRP CZ2 HZ2  sing N N 329 
TRP CZ3 CH2  sing Y N 330 
TRP CZ3 HZ3  sing N N 331 
TRP CH2 HH2  sing N N 332 
TRP OXT HXT  sing N N 333 
TYR N   CA   sing N N 334 
TYR N   H    sing N N 335 
TYR N   H2   sing N N 336 
TYR CA  C    sing N N 337 
TYR CA  CB   sing N N 338 
TYR CA  HA   sing N N 339 
TYR C   O    doub N N 340 
TYR C   OXT  sing N N 341 
TYR CB  CG   sing N N 342 
TYR CB  HB2  sing N N 343 
TYR CB  HB3  sing N N 344 
TYR CG  CD1  doub Y N 345 
TYR CG  CD2  sing Y N 346 
TYR CD1 CE1  sing Y N 347 
TYR CD1 HD1  sing N N 348 
TYR CD2 CE2  doub Y N 349 
TYR CD2 HD2  sing N N 350 
TYR CE1 CZ   doub Y N 351 
TYR CE1 HE1  sing N N 352 
TYR CE2 CZ   sing Y N 353 
TYR CE2 HE2  sing N N 354 
TYR CZ  OH   sing N N 355 
TYR OH  HH   sing N N 356 
TYR OXT HXT  sing N N 357 
VAL N   CA   sing N N 358 
VAL N   H    sing N N 359 
VAL N   H2   sing N N 360 
VAL CA  C    sing N N 361 
VAL CA  CB   sing N N 362 
VAL CA  HA   sing N N 363 
VAL C   O    doub N N 364 
VAL C   OXT  sing N N 365 
VAL CB  CG1  sing N N 366 
VAL CB  CG2  sing N N 367 
VAL CB  HB   sing N N 368 
VAL CG1 HG11 sing N N 369 
VAL CG1 HG12 sing N N 370 
VAL CG1 HG13 sing N N 371 
VAL CG2 HG21 sing N N 372 
VAL CG2 HG22 sing N N 373 
VAL CG2 HG23 sing N N 374 
VAL OXT HXT  sing N N 375 
ZOH C1  O1   sing N N 376 
ZOH O1  C2   sing N N 377 
ZOH C2  C3   doub Y N 378 
ZOH C3  C4   sing Y N 379 
ZOH C4  C5   doub Y N 380 
ZOH C5  N1   sing N N 381 
ZOH N1  C6   sing N N 382 
ZOH C6  O2   doub N N 383 
ZOH C6  N2   sing N N 384 
ZOH N2  C7   sing N N 385 
ZOH C7  C8   sing N N 386 
ZOH C8  N3   sing N N 387 
ZOH N3  C9   sing N N 388 
ZOH C9  C10  sing N N 389 
ZOH C10 C11  sing N N 390 
ZOH N3  C12  sing N N 391 
ZOH C12 O3   doub N N 392 
ZOH C12 C13  sing N N 393 
ZOH C13 C14  sing Y N 394 
ZOH C14 C15  doub Y N 395 
ZOH C15 O4   sing Y N 396 
ZOH O4  C16  sing Y N 397 
ZOH C5  C17  sing Y N 398 
ZOH C17 C18  doub Y N 399 
ZOH C2  C18  sing Y N 400 
ZOH N2  C10  sing N N 401 
ZOH C13 C16  doub Y N 402 
ZOH N1  H6   sing N N 403 
ZOH C4  H5   sing N N 404 
ZOH C7  H8   sing N N 405 
ZOH C7  H7   sing N N 406 
ZOH C8  H10  sing N N 407 
ZOH C8  H9   sing N N 408 
ZOH C10 H13  sing N N 409 
ZOH C15 H18  sing N N 410 
ZOH C17 H20  sing N N 411 
ZOH C1  H3   sing N N 412 
ZOH C1  H1   sing N N 413 
ZOH C1  H2   sing N N 414 
ZOH C3  H4   sing N N 415 
ZOH C9  H12  sing N N 416 
ZOH C9  H11  sing N N 417 
ZOH C11 H15  sing N N 418 
ZOH C11 H16  sing N N 419 
ZOH C11 H14  sing N N 420 
ZOH C14 H17  sing N N 421 
ZOH C16 H19  sing N N 422 
ZOH C18 H21  sing N N 423 
# 
_pdbx_audit_support.ordinal                1 
_pdbx_audit_support.funding_organization   'Wellcome Trust' 
_pdbx_audit_support.grant_number           None 
_pdbx_audit_support.country                'United Kingdom' 
# 
_pdbx_deposit_group.group_id            G_1002265 
_pdbx_deposit_group.group_description   
;XDomainX of XOrganismX PHIP screened against predicted false negatives and catalogue compounds by X-ray Crystallography at the XChem facility of Diamond Light Source beamline I04-1
;
_pdbx_deposit_group.group_title         'PanDDA analysis group deposition' 
_pdbx_deposit_group.group_type          'changed state' 
# 
_pdbx_entity_instance_feature.ordinal        1 
_pdbx_entity_instance_feature.comp_id        ZOH 
_pdbx_entity_instance_feature.asym_id        ? 
_pdbx_entity_instance_feature.seq_num        ? 
_pdbx_entity_instance_feature.auth_comp_id   ZOH 
_pdbx_entity_instance_feature.auth_asym_id   ? 
_pdbx_entity_instance_feature.auth_seq_num   ? 
_pdbx_entity_instance_feature.feature_type   'SUBJECT OF INVESTIGATION' 
_pdbx_entity_instance_feature.details        ? 
# 
_atom_sites.entry_id                    7FVH 
_atom_sites.fract_transf_matrix[1][1]   0.00534208 
_atom_sites.fract_transf_matrix[1][2]   0.00351337 
_atom_sites.fract_transf_matrix[1][3]   0.01062174 
_atom_sites.fract_transf_matrix[2][1]   -0.00877437 
_atom_sites.fract_transf_matrix[2][2]   0.03451601 
_atom_sites.fract_transf_matrix[2][3]   -0.00700395 
_atom_sites.fract_transf_matrix[3][1]   -0.01411381 
_atom_sites.fract_transf_matrix[3][2]   -0.00133224 
_atom_sites.fract_transf_matrix[3][3]   0.01111601 
_atom_sites.fract_transf_vector[1]      -0.144463 
_atom_sites.fract_transf_vector[2]      0.448513 
_atom_sites.fract_transf_vector[3]      0.215653 
# 
loop_
_atom_type.symbol 
C 
N 
O 
S 
# 
loop_
_atom_site.group_PDB 
_atom_site.id 
_atom_site.type_symbol 
_atom_site.label_atom_id 
_atom_site.label_alt_id 
_atom_site.label_comp_id 
_atom_site.label_asym_id 
_atom_site.label_entity_id 
_atom_site.label_seq_id 
_atom_site.pdbx_PDB_ins_code 
_atom_site.Cartn_x 
_atom_site.Cartn_y 
_atom_site.Cartn_z 
_atom_site.occupancy 
_atom_site.B_iso_or_equiv 
_atom_site.pdbx_formal_charge 
_atom_site.auth_seq_id 
_atom_site.auth_comp_id 
_atom_site.auth_asym_id 
_atom_site.auth_atom_id 
_atom_site.pdbx_PDB_model_num 
ATOM   1    N N   . SER A 1 24  ? 20.650  3.006   -12.847 1.00 27.31 ? 1315 SER A N   1 
ATOM   2    C CA  . SER A 1 24  ? 20.044  3.873   -11.782 1.00 26.64 ? 1315 SER A CA  1 
ATOM   3    C C   . SER A 1 24  ? 20.146  3.191   -10.414 1.00 22.64 ? 1315 SER A C   1 
ATOM   4    O O   . SER A 1 24  ? 19.150  2.537   -10.030 1.00 21.82 ? 1315 SER A O   1 
ATOM   5    C CB  . SER A 1 24  ? 18.606  4.173   -12.096 1.00 29.06 ? 1315 SER A CB  1 
ATOM   6    O OG  . SER A 1 24  ? 18.058  5.023   -11.094 1.00 31.41 ? 1315 SER A OG  1 
ATOM   7    N N   . TYR A 1 25  ? 21.263  3.329   -9.680  1.00 18.06 ? 1316 TYR A N   1 
ATOM   8    C CA  . TYR A 1 25  ? 21.546  2.403   -8.547  1.00 15.81 ? 1316 TYR A CA  1 
ATOM   9    C C   . TYR A 1 25  ? 21.398  3.100   -7.181  1.00 14.76 ? 1316 TYR A C   1 
ATOM   10   O O   . TYR A 1 25  ? 22.040  2.685   -6.210  1.00 14.58 ? 1316 TYR A O   1 
ATOM   11   C CB  . TYR A 1 25  ? 22.911  1.732   -8.706  1.00 15.12 ? 1316 TYR A CB  1 
ATOM   12   C CG  . TYR A 1 25  ? 23.125  1.029   -10.028 1.00 14.43 ? 1316 TYR A CG  1 
ATOM   13   C CD1 . TYR A 1 25  ? 22.341  -0.048  -10.408 1.00 13.76 ? 1316 TYR A CD1 1 
ATOM   14   C CD2 . TYR A 1 25  ? 24.164  1.402   -10.855 1.00 14.64 ? 1316 TYR A CD2 1 
ATOM   15   C CE1 . TYR A 1 25  ? 22.549  -0.693  -11.617 1.00 13.99 ? 1316 TYR A CE1 1 
ATOM   16   C CE2 . TYR A 1 25  ? 24.394  0.758   -12.061 1.00 14.57 ? 1316 TYR A CE2 1 
ATOM   17   C CZ  . TYR A 1 25  ? 23.590  -0.299  -12.432 1.00 14.31 ? 1316 TYR A CZ  1 
ATOM   18   O OH  . TYR A 1 25  ? 23.783  -0.958  -13.623 1.00 14.90 ? 1316 TYR A OH  1 
ATOM   19   N N   . ASP A 1 26  ? 20.488  4.064   -7.079  1.00 15.11 ? 1317 ASP A N   1 
ATOM   20   C CA  . ASP A 1 26  ? 20.245  4.819   -5.813  1.00 14.75 ? 1317 ASP A CA  1 
ATOM   21   C C   . ASP A 1 26  ? 19.420  3.922   -4.877  1.00 14.45 ? 1317 ASP A C   1 
ATOM   22   O O   . ASP A 1 26  ? 18.212  3.693   -5.109  1.00 14.80 ? 1317 ASP A O   1 
ATOM   23   C CB  . ASP A 1 26  ? 19.558  6.143   -6.089  1.00 15.16 ? 1317 ASP A CB  1 
ATOM   24   C CG  . ASP A 1 26  ? 19.326  7.027   -4.877  1.00 15.07 ? 1317 ASP A CG  1 
ATOM   25   O OD1 . ASP A 1 26  ? 19.356  6.530   -3.730  1.00 16.08 ? 1317 ASP A OD1 1 
ATOM   26   O OD2 . ASP A 1 26  ? 19.156  8.227   -5.076  1.00 21.39 ? 1317 ASP A OD2 1 
ATOM   27   N N   . ILE A 1 27  ? 20.027  3.427   -3.799  1.00 13.46 ? 1318 ILE A N   1 
ATOM   28   C CA  . ILE A 1 27  ? 19.393  2.511   -2.806  1.00 13.62 ? 1318 ILE A CA  1 
ATOM   29   C C   . ILE A 1 27  ? 18.273  3.226   -2.034  1.00 14.00 ? 1318 ILE A C   1 
ATOM   30   O O   . ILE A 1 27  ? 17.349  2.547   -1.555  1.00 15.08 ? 1318 ILE A O   1 
ATOM   31   C CB  . ILE A 1 27  ? 20.472  1.981   -1.838  1.00 13.53 ? 1318 ILE A CB  1 
ATOM   32   C CG1 . ILE A 1 27  ? 21.565  1.209   -2.593  1.00 14.55 ? 1318 ILE A CG1 1 
ATOM   33   C CG2 . ILE A 1 27  ? 19.855  1.175   -0.697  1.00 14.26 ? 1318 ILE A CG2 1 
ATOM   34   C CD1 . ILE A 1 27  ? 22.756  0.825   -1.750  1.00 14.14 ? 1318 ILE A CD1 1 
ATOM   35   N N   . GLN A 1 28  ? 18.334  4.551   -1.920  1.00 13.30 ? 1319 GLN A N   1 
ATOM   36   C CA  . GLN A 1 28  ? 17.358  5.331   -1.114  1.00 13.75 ? 1319 GLN A CA  1 
ATOM   37   C C   . GLN A 1 28  ? 16.191  5.855   -1.941  1.00 13.61 ? 1319 GLN A C   1 
ATOM   38   O O   . GLN A 1 28  ? 15.227  6.400   -1.360  1.00 13.60 ? 1319 GLN A O   1 
ATOM   39   C CB  . GLN A 1 28  ? 18.037  6.503   -0.390  1.00 13.16 ? 1319 GLN A CB  1 
ATOM   40   C CG  . GLN A 1 28  ? 18.849  6.014   0.831   1.00 13.90 ? 1319 GLN A CG  1 
ATOM   41   C CD  . GLN A 1 28  ? 20.305  5.732   0.540   1.00 13.04 ? 1319 GLN A CD  1 
ATOM   42   O OE1 . GLN A 1 28  ? 20.997  6.538   -0.071  1.00 14.97 ? 1319 GLN A OE1 1 
ATOM   43   N NE2 . GLN A 1 28  ? 20.779  4.629   1.032   1.00 14.67 ? 1319 GLN A NE2 1 
ATOM   44   N N   . ALA A 1 29  ? 16.226  5.742   -3.298  1.00 13.12 ? 1320 ALA A N   1 
ATOM   45   C CA  . ALA A 1 29  ? 15.259  6.442   -4.179  1.00 12.82 ? 1320 ALA A CA  1 
ATOM   46   C C   . ALA A 1 29  ? 13.818  5.962   -3.974  1.00 12.29 ? 1320 ALA A C   1 
ATOM   47   O O   . ALA A 1 29  ? 12.914  6.748   -4.243  1.00 13.37 ? 1320 ALA A O   1 
ATOM   48   C CB  . ALA A 1 29  ? 15.681  6.384   -5.653  1.00 14.86 ? 1320 ALA A CB  1 
ATOM   49   N N   . TRP A 1 30  ? 13.640  4.730   -3.519  1.00 12.60 ? 1321 TRP A N   1 
ATOM   50   C CA  . TRP A 1 30  ? 12.283  4.180   -3.359  1.00 11.86 ? 1321 TRP A CA  1 
ATOM   51   C C   . TRP A 1 30  ? 11.427  5.032   -2.423  1.00 12.90 ? 1321 TRP A C   1 
ATOM   52   O O   . TRP A 1 30  ? 10.223  5.086   -2.586  1.00 13.23 ? 1321 TRP A O   1 
ATOM   53   C CB  . TRP A 1 30  ? 12.374  2.754   -2.816  1.00 12.63 ? 1321 TRP A CB  1 
ATOM   54   C CG  . TRP A 1 30  ? 12.936  2.693   -1.421  1.00 12.91 ? 1321 TRP A CG  1 
ATOM   55   C CD1 . TRP A 1 30  ? 14.252  2.632   -1.120  1.00 13.76 ? 1321 TRP A CD1 1 
ATOM   56   C CD2 . TRP A 1 30  ? 12.221  2.739   -0.162  1.00 12.77 ? 1321 TRP A CD2 1 
ATOM   57   N NE1 . TRP A 1 30  ? 14.420  2.606   0.253   1.00 15.01 ? 1321 TRP A NE1 1 
ATOM   58   C CE2 . TRP A 1 30  ? 13.206  2.664   0.853   1.00 13.78 ? 1321 TRP A CE2 1 
ATOM   59   C CE3 . TRP A 1 30  ? 10.872  2.757   0.199   1.00 12.77 ? 1321 TRP A CE3 1 
ATOM   60   C CZ2 . TRP A 1 30  ? 12.879  2.650   2.214   1.00 14.17 ? 1321 TRP A CZ2 1 
ATOM   61   C CZ3 . TRP A 1 30  ? 10.548  2.737   1.551   1.00 14.64 ? 1321 TRP A CZ3 1 
ATOM   62   C CH2 . TRP A 1 30  ? 11.546  2.727   2.527   1.00 16.43 ? 1321 TRP A CH2 1 
ATOM   63   N N   . LYS A 1 31  ? 12.023  5.735   -1.470  1.00 14.15 ? 1322 LYS A N   1 
ATOM   64   C CA  . LYS A 1 31  ? 11.214  6.407   -0.425  1.00 12.97 ? 1322 LYS A CA  1 
ATOM   65   C C   . LYS A 1 31  ? 10.444  7.569   -1.025  1.00 13.32 ? 1322 LYS A C   1 
ATOM   66   O O   . LYS A 1 31  ? 9.205   7.630   -0.859  1.00 14.24 ? 1322 LYS A O   1 
ATOM   67   C CB  . LYS A 1 31  ? 12.068  6.788   0.778   1.00 12.95 ? 1322 LYS A CB  1 
ATOM   68   C CG  . LYS A 1 31  ? 11.291  7.471   1.886   1.00 13.95 ? 1322 LYS A CG  1 
ATOM   69   C CD  . LYS A 1 31  ? 12.133  7.681   3.117   1.00 14.40 ? 1322 LYS A CD  1 
ATOM   70   C CE  . LYS A 1 31  ? 11.381  8.342   4.260   1.00 15.27 ? 1322 LYS A CE  1 
ATOM   71   N NZ  . LYS A 1 31  ? 12.266  8.460   5.448   1.00 17.13 ? 1322 LYS A NZ  1 
ATOM   72   N N   . LYS A 1 32  ? 11.095  8.460   -1.768  1.00 14.07 ? 1323 LYS A N   1 
ATOM   73   C CA  . LYS A 1 32  ? 10.359  9.550   -2.439  1.00 15.56 ? 1323 LYS A CA  1 
ATOM   74   C C   . LYS A 1 32  ? 9.402   8.996   -3.500  1.00 14.07 ? 1323 LYS A C   1 
ATOM   75   O O   . LYS A 1 32  ? 8.342   9.563   -3.684  1.00 15.15 ? 1323 LYS A O   1 
ATOM   76   C CB  . LYS A 1 32  ? 11.323  10.563  -3.034  1.00 19.47 ? 1323 LYS A CB  1 
ATOM   77   C CG  . LYS A 1 32  ? 10.621  11.809  -3.514  1.00 27.00 ? 1323 LYS A CG  1 
ATOM   78   C CD  . LYS A 1 32  ? 11.524  13.012  -3.788  1.00 36.95 ? 1323 LYS A CD  1 
ATOM   79   C CE  . LYS A 1 32  ? 10.694  14.281  -3.917  1.00 44.87 ? 1323 LYS A CE  1 
ATOM   80   N NZ  . LYS A 1 32  ? 11.515  15.452  -4.306  1.00 49.79 ? 1323 LYS A NZ  1 
ATOM   81   N N   . GLN A 1 33  ? 9.773   7.924   -4.175  1.00 14.76 ? 1324 GLN A N   1 
ATOM   82   C CA  . GLN A 1 33  ? 8.882   7.330   -5.208  1.00 14.12 ? 1324 GLN A CA  1 
ATOM   83   C C   . GLN A 1 33  ? 7.603   6.837   -4.524  1.00 14.01 ? 1324 GLN A C   1 
ATOM   84   O O   . GLN A 1 33  ? 6.507   7.008   -5.045  1.00 14.67 ? 1324 GLN A O   1 
ATOM   85   C CB  . GLN A 1 33  ? 9.567   6.191   -5.955  1.00 14.37 ? 1324 GLN A CB  1 
ATOM   86   C CG  . GLN A 1 33  ? 10.690  6.688   -6.870  1.00 14.11 ? 1324 GLN A CG  1 
ATOM   87   C CD  . GLN A 1 33  ? 11.684  5.633   -7.239  1.00 16.40 ? 1324 GLN A CD  1 
ATOM   88   O OE1 . GLN A 1 33  ? 11.619  4.483   -6.827  1.00 17.90 ? 1324 GLN A OE1 1 
ATOM   89   N NE2 . GLN A 1 33  ? 12.701  6.056   -7.989  1.00 20.02 ? 1324 GLN A NE2 1 
ATOM   90   N N   . CYS A 1 34  ? 7.717   6.238   -3.339  1.00 13.68 ? 1325 CYS A N   1 
ATOM   91   C CA  . CYS A 1 34  ? 6.548   5.772   -2.583  1.00 13.03 ? 1325 CYS A CA  1 
ATOM   92   C C   . CYS A 1 34  ? 5.741   6.956   -2.043  1.00 13.66 ? 1325 CYS A C   1 
ATOM   93   O O   . CYS A 1 34  ? 4.509   6.929   -2.064  1.00 13.26 ? 1325 CYS A O   1 
ATOM   94   C CB  . CYS A 1 34  ? 6.949   4.831   -1.464  1.00 13.27 ? 1325 CYS A CB  1 
ATOM   95   S SG  . CYS A 1 34  ? 7.463   3.189   -2.026  1.00 14.14 ? 1325 CYS A SG  1 
ATOM   96   N N   . GLU A 1 35  ? 6.383   8.021   -1.607  1.00 14.34 ? 1326 GLU A N   1 
ATOM   97   C CA  . GLU A 1 35  ? 5.624   9.224   -1.169  1.00 15.27 ? 1326 GLU A CA  1 
ATOM   98   C C   . GLU A 1 35  ? 4.807   9.795   -2.347  1.00 14.70 ? 1326 GLU A C   1 
ATOM   99   O O   . GLU A 1 35  ? 3.634   10.109  -2.151  1.00 16.03 ? 1326 GLU A O   1 
ATOM   100  C CB  . GLU A 1 35  ? 6.609   10.305  -0.690  1.00 17.42 ? 1326 GLU A CB  1 
ATOM   101  C CG  . GLU A 1 35  ? 7.349   10.051  0.607   1.00 20.78 ? 1326 GLU A CG  1 
ATOM   102  C CD  . GLU A 1 35  ? 8.538   10.981  0.884   1.00 23.56 ? 1326 GLU A CD  1 
ATOM   103  O OE1 . GLU A 1 35  ? 8.889   11.832  0.025   1.00 27.85 ? 1326 GLU A OE1 1 
ATOM   104  O OE2 . GLU A 1 35  ? 9.184   10.788  1.924   1.00 26.34 ? 1326 GLU A OE2 1 
ATOM   105  N N   . GLU A 1 36  ? 5.371   9.883   -3.541  1.00 15.96 ? 1327 GLU A N   1 
ATOM   106  C CA  . GLU A 1 36  ? 4.675   10.382  -4.743  1.00 17.42 ? 1327 GLU A CA  1 
ATOM   107  C C   . GLU A 1 36  ? 3.519   9.446   -5.090  1.00 16.39 ? 1327 GLU A C   1 
ATOM   108  O O   . GLU A 1 36  ? 2.400   9.931   -5.433  1.00 17.44 ? 1327 GLU A O   1 
ATOM   109  C CB  . GLU A 1 36  ? 5.696   10.529  -5.876  1.00 21.34 ? 1327 GLU A CB  1 
ATOM   110  C CG  . GLU A 1 36  ? 6.685   11.631  -5.556  1.00 28.45 ? 1327 GLU A CG  1 
ATOM   111  C CD  . GLU A 1 36  ? 7.928   11.783  -6.411  1.00 36.23 ? 1327 GLU A CD  1 
ATOM   112  O OE1 . GLU A 1 36  ? 8.198   10.907  -7.275  1.00 43.10 ? 1327 GLU A OE1 1 
ATOM   113  O OE2 . GLU A 1 36  ? 8.654   12.779  -6.170  1.00 42.34 ? 1327 GLU A OE2 1 
ATOM   114  N N   . LEU A 1 37  ? 3.736   8.142   -5.045  1.00 15.09 ? 1328 LEU A N   1 
ATOM   115  C CA  . LEU A 1 37  ? 2.635   7.210   -5.358  1.00 14.45 ? 1328 LEU A CA  1 
ATOM   116  C C   . LEU A 1 37  ? 1.522   7.327   -4.304  1.00 14.80 ? 1328 LEU A C   1 
ATOM   117  O O   . LEU A 1 37  ? 0.304   7.299   -4.639  1.00 14.69 ? 1328 LEU A O   1 
ATOM   118  C CB  . LEU A 1 37  ? 3.177   5.800   -5.508  1.00 15.07 ? 1328 LEU A CB  1 
ATOM   119  C CG  . LEU A 1 37  ? 2.151   4.672   -5.696  1.00 14.28 ? 1328 LEU A CG  1 
ATOM   120  C CD1 . LEU A 1 37  ? 1.296   4.931   -6.935  1.00 16.46 ? 1328 LEU A CD1 1 
ATOM   121  C CD2 . LEU A 1 37  ? 2.837   3.356   -5.878  1.00 16.27 ? 1328 LEU A CD2 1 
ATOM   122  N N   . LEU A 1 38  ? 1.840   7.474   -3.029  1.00 15.57 ? 1329 LEU A N   1 
ATOM   123  C CA  . LEU A 1 38  ? 0.806   7.687   -1.996  1.00 16.00 ? 1329 LEU A CA  1 
ATOM   124  C C   . LEU A 1 38  ? 0.047   8.988   -2.263  1.00 16.64 ? 1329 LEU A C   1 
ATOM   125  O O   . LEU A 1 38  ? -1.202  8.990   -2.160  1.00 18.34 ? 1329 LEU A O   1 
ATOM   126  C CB  . LEU A 1 38  ? 1.405   7.693   -0.587  1.00 16.80 ? 1329 LEU A CB  1 
ATOM   127  C CG  . LEU A 1 38  ? 1.863   6.325   -0.109  1.00 15.83 ? 1329 LEU A CG  1 
ATOM   128  C CD1 . LEU A 1 38  ? 2.709   6.459   1.155   1.00 17.21 ? 1329 LEU A CD1 1 
ATOM   129  C CD2 . LEU A 1 38  ? 0.692   5.359   0.139   1.00 17.13 ? 1329 LEU A CD2 1 
ATOM   130  N N   . ASN A 1 39  ? 0.713   10.048  -2.694  1.00 18.12 ? 1330 ASN A N   1 
ATOM   131  C CA  . ASN A 1 39  ? 0.010   11.301  -3.110  1.00 20.29 ? 1330 ASN A CA  1 
ATOM   132  C C   . ASN A 1 39  ? -0.983  10.986  -4.235  1.00 17.75 ? 1330 ASN A C   1 
ATOM   133  O O   . ASN A 1 39  ? -2.161  11.453  -4.165  1.00 20.73 ? 1330 ASN A O   1 
ATOM   134  C CB  . ASN A 1 39  ? 1.003   12.406  -3.503  1.00 22.94 ? 1330 ASN A CB  1 
ATOM   135  C CG  . ASN A 1 39  ? 1.758   12.955  -2.315  1.00 27.65 ? 1330 ASN A CG  1 
ATOM   136  O OD1 . ASN A 1 39  ? 1.362   12.775  -1.171  1.00 32.44 ? 1330 ASN A OD1 1 
ATOM   137  N ND2 . ASN A 1 39  ? 2.856   13.641  -2.583  1.00 31.78 ? 1330 ASN A ND2 1 
ATOM   138  N N   . LEU A 1 40  ? -0.582  10.235  -5.248  1.00 16.98 ? 1331 LEU A N   1 
ATOM   139  C CA  . LEU A 1 40  ? -1.502  9.906   -6.371  1.00 17.46 ? 1331 LEU A CA  1 
ATOM   140  C C   . LEU A 1 40  ? -2.681  9.070   -5.864  1.00 17.07 ? 1331 LEU A C   1 
ATOM   141  O O   . LEU A 1 40  ? -3.856  9.357   -6.252  1.00 20.80 ? 1331 LEU A O   1 
ATOM   142  C CB  . LEU A 1 40  ? -0.756  9.150   -7.454  1.00 18.40 ? 1331 LEU A CB  1 
ATOM   143  C CG  . LEU A 1 40  ? 0.231   9.986   -8.274  1.00 18.00 ? 1331 LEU A CG  1 
ATOM   144  C CD1 . LEU A 1 40  ? 0.963   9.097   -9.263  1.00 21.16 ? 1331 LEU A CD1 1 
ATOM   145  C CD2 . LEU A 1 40  ? -0.448  11.169  -9.007  1.00 23.27 ? 1331 LEU A CD2 1 
ATOM   146  N N   . ILE A 1 41  ? -2.459  8.163   -4.926  1.00 15.94 ? 1332 ILE A N   1 
ATOM   147  C CA  . ILE A 1 41  ? -3.545  7.320   -4.374  1.00 15.68 ? 1332 ILE A CA  1 
ATOM   148  C C   . ILE A 1 41  ? -4.491  8.197   -3.561  1.00 16.38 ? 1332 ILE A C   1 
ATOM   149  O O   . ILE A 1 41  ? -5.726  8.069   -3.774  1.00 17.43 ? 1332 ILE A O   1 
ATOM   150  C CB  . ILE A 1 41  ? -2.926  6.190   -3.523  1.00 14.64 ? 1332 ILE A CB  1 
ATOM   151  C CG1 . ILE A 1 41  ? -2.290  5.168   -4.472  1.00 15.23 ? 1332 ILE A CG1 1 
ATOM   152  C CG2 . ILE A 1 41  ? -3.947  5.584   -2.575  1.00 14.16 ? 1332 ILE A CG2 1 
ATOM   153  C CD1 . ILE A 1 41  ? -1.441  4.165   -3.796  1.00 17.14 ? 1332 ILE A CD1 1 
ATOM   154  N N   . PHE A 1 42  ? -4.006  9.092   -2.705  1.00 17.98 ? 1333 PHE A N   1 
ATOM   155  C CA  . PHE A 1 42  ? -4.879  10.078  -2.022  1.00 21.58 ? 1333 PHE A CA  1 
ATOM   156  C C   . PHE A 1 42  ? -5.753  10.898  -3.014  1.00 23.38 ? 1333 PHE A C   1 
ATOM   157  O O   . PHE A 1 42  ? -6.953  11.190  -2.658  1.00 26.71 ? 1333 PHE A O   1 
ATOM   158  C CB  . PHE A 1 42  ? -4.050  10.859  -1.004  1.00 19.98 ? 1333 PHE A CB  1 
ATOM   159  C CG  . PHE A 1 42  ? -3.904  10.153  0.324   1.00 19.69 ? 1333 PHE A CG  1 
ATOM   160  C CD1 . PHE A 1 42  ? -4.817  10.363  1.346   1.00 19.81 ? 1333 PHE A CD1 1 
ATOM   161  C CD2 . PHE A 1 42  ? -2.843  9.295   0.592   1.00 22.43 ? 1333 PHE A CD2 1 
ATOM   162  C CE1 . PHE A 1 42  ? -4.697  9.725   2.580   1.00 23.05 ? 1333 PHE A CE1 1 
ATOM   163  C CE2 . PHE A 1 42  ? -2.731  8.655   1.826   1.00 21.93 ? 1333 PHE A CE2 1 
ATOM   164  C CZ  . PHE A 1 42  ? -3.659  8.872   2.816   1.00 22.35 ? 1333 PHE A CZ  1 
ATOM   165  N N   . GLN A 1 43  ? -5.280  11.206  -4.229  1.00 23.37 ? 1334 GLN A N   1 
ATOM   166  C CA  . GLN A 1 43  ? -6.067  12.011  -5.218  1.00 23.38 ? 1334 GLN A CA  1 
ATOM   167  C C   . GLN A 1 43  ? -7.174  11.167  -5.865  1.00 24.06 ? 1334 GLN A C   1 
ATOM   168  O O   . GLN A 1 43  ? -8.252  11.744  -6.233  1.00 21.62 ? 1334 GLN A O   1 
ATOM   169  C CB  . GLN A 1 43  ? -5.140  12.618  -6.271  1.00 24.24 ? 1334 GLN A CB  1 
ATOM   170  C CG  . GLN A 1 43  ? -4.186  13.649  -5.686  1.00 25.18 ? 1334 GLN A CG  1 
ATOM   171  N N   A CYS A 1 44  ? -6.931  9.870   -6.051  0.30 21.93 ? 1335 CYS A N   1 
ATOM   172  N N   B CYS A 1 44  ? -6.928  9.845   -6.077  0.30 21.09 ? 1335 CYS A N   1 
ATOM   173  C CA  A CYS A 1 44  ? -7.946  8.908   -6.543  0.30 20.57 ? 1335 CYS A CA  1 
ATOM   174  C CA  B CYS A 1 44  ? -7.954  8.867   -6.542  0.30 19.68 ? 1335 CYS A CA  1 
ATOM   175  C C   A CYS A 1 44  ? -9.197  8.979   -5.646  0.30 20.65 ? 1335 CYS A C   1 
ATOM   176  C C   B CYS A 1 44  ? -9.197  9.006   -5.640  0.30 20.09 ? 1335 CYS A C   1 
ATOM   177  O O   A CYS A 1 44  ? -9.083  8.784   -4.429  0.30 18.86 ? 1335 CYS A O   1 
ATOM   178  O O   B CYS A 1 44  ? -9.080  8.896   -4.410  0.30 18.60 ? 1335 CYS A O   1 
ATOM   179  C CB  A CYS A 1 44  ? -7.373  7.494   -6.598  0.30 19.89 ? 1335 CYS A CB  1 
ATOM   180  C CB  B CYS A 1 44  ? -7.468  7.409   -6.539  0.30 18.05 ? 1335 CYS A CB  1 
ATOM   181  S SG  A CYS A 1 44  ? -6.065  7.344   -7.844  0.30 22.52 ? 1335 CYS A SG  1 
ATOM   182  S SG  B CYS A 1 44  ? -8.161  6.373   -7.870  0.30 20.31 ? 1335 CYS A SG  1 
ATOM   183  N N   . GLU A 1 45  ? -10.374 9.254   -6.222  1.00 21.07 ? 1336 GLU A N   1 
ATOM   184  C CA  . GLU A 1 45  ? -11.660 9.102   -5.471  1.00 20.43 ? 1336 GLU A CA  1 
ATOM   185  C C   . GLU A 1 45  ? -11.821 7.666   -4.942  1.00 18.81 ? 1336 GLU A C   1 
ATOM   186  O O   . GLU A 1 45  ? -12.410 7.492   -3.876  1.00 19.23 ? 1336 GLU A O   1 
ATOM   187  C CB  . GLU A 1 45  ? -12.853 9.450   -6.367  1.00 21.55 ? 1336 GLU A CB  1 
ATOM   188  C CG  . GLU A 1 45  ? -12.964 10.952  -6.621  1.00 25.85 ? 1336 GLU A CG  1 
ATOM   189  C CD  . GLU A 1 45  ? -14.082 11.391  -7.550  1.00 28.29 ? 1336 GLU A CD  1 
ATOM   190  O OE1 . GLU A 1 45  ? -14.733 10.507  -8.142  1.00 27.99 ? 1336 GLU A OE1 1 
ATOM   191  O OE2 . GLU A 1 45  ? -14.263 12.650  -7.714  1.00 30.16 ? 1336 GLU A OE2 1 
ATOM   192  N N   . ASP A 1 46  ? -11.269 6.685   -5.644  1.00 16.59 ? 1337 ASP A N   1 
ATOM   193  C CA  . ASP A 1 46  ? -11.325 5.270   -5.206  1.00 16.86 ? 1337 ASP A CA  1 
ATOM   194  C C   . ASP A 1 46  ? -10.621 5.001   -3.863  1.00 16.47 ? 1337 ASP A C   1 
ATOM   195  O O   . ASP A 1 46  ? -10.888 3.948   -3.278  1.00 16.70 ? 1337 ASP A O   1 
ATOM   196  C CB  . ASP A 1 46  ? -10.785 4.309   -6.263  1.00 17.43 ? 1337 ASP A CB  1 
ATOM   197  C CG  . ASP A 1 46  ? -11.707 4.169   -7.473  1.00 19.10 ? 1337 ASP A CG  1 
ATOM   198  O OD1 . ASP A 1 46  ? -12.943 4.468   -7.298  1.00 22.09 ? 1337 ASP A OD1 1 
ATOM   199  O OD2 . ASP A 1 46  ? -11.257 3.601   -8.510  1.00 19.96 ? 1337 ASP A OD2 1 
ATOM   200  N N   . SER A 1 47  ? -9.835  5.943   -3.326  1.00 16.19 ? 1338 SER A N   1 
ATOM   201  C CA  . SER A 1 47  ? -9.115  5.734   -2.044  1.00 15.73 ? 1338 SER A CA  1 
ATOM   202  C C   . SER A 1 47  ? -9.921  6.156   -0.817  1.00 15.93 ? 1338 SER A C   1 
ATOM   203  O O   . SER A 1 47  ? -9.514  5.778   0.295   1.00 16.27 ? 1338 SER A O   1 
ATOM   204  C CB  . SER A 1 47  ? -7.752  6.401   -2.045  1.00 15.30 ? 1338 SER A CB  1 
ATOM   205  O OG  . SER A 1 47  ? -7.804  7.796   -1.766  1.00 15.08 ? 1338 SER A OG  1 
ATOM   206  N N   . GLU A 1 48  ? -11.028 6.885   -0.971  1.00 16.23 ? 1339 GLU A N   1 
ATOM   207  C CA  . GLU A 1 48  ? -11.672 7.539   0.196   1.00 17.93 ? 1339 GLU A CA  1 
ATOM   208  C C   . GLU A 1 48  ? -11.968 6.524   1.305   1.00 15.84 ? 1339 GLU A C   1 
ATOM   209  O O   . GLU A 1 48  ? -11.676 6.797   2.464   1.00 15.77 ? 1339 GLU A O   1 
ATOM   210  C CB  . GLU A 1 48  ? -12.897 8.321   -0.273  1.00 20.87 ? 1339 GLU A CB  1 
ATOM   211  C CG  . GLU A 1 48  ? -13.706 8.904   0.869   1.00 22.90 ? 1339 GLU A CG  1 
ATOM   212  C CD  . GLU A 1 48  ? -14.763 7.969   1.424   1.00 25.31 ? 1339 GLU A CD  1 
ATOM   213  O OE1 . GLU A 1 48  ? -15.135 7.010   0.706   1.00 27.86 ? 1339 GLU A OE1 1 
ATOM   214  O OE2 . GLU A 1 48  ? -15.199 8.184   2.582   1.00 30.27 ? 1339 GLU A OE2 1 
ATOM   215  N N   . PRO A 1 49  ? -12.510 5.319   1.021   1.00 15.82 ? 1340 PRO A N   1 
ATOM   216  C CA  . PRO A 1 49  ? -12.871 4.361   2.071   1.00 16.09 ? 1340 PRO A CA  1 
ATOM   217  C C   . PRO A 1 49  ? -11.703 3.656   2.771   1.00 15.26 ? 1340 PRO A C   1 
ATOM   218  O O   . PRO A 1 49  ? -11.939 2.888   3.719   1.00 14.48 ? 1340 PRO A O   1 
ATOM   219  C CB  . PRO A 1 49  ? -13.665 3.275   1.325   1.00 17.04 ? 1340 PRO A CB  1 
ATOM   220  C CG  . PRO A 1 49  ? -14.045 3.907   0.014   1.00 17.58 ? 1340 PRO A CG  1 
ATOM   221  C CD  . PRO A 1 49  ? -12.888 4.825   -0.309  1.00 16.03 ? 1340 PRO A CD  1 
ATOM   222  N N   . PHE A 1 50  ? -10.485 3.898   2.292   1.00 16.12 ? 1341 PHE A N   1 
ATOM   223  C CA  . PHE A 1 50  ? -9.262  3.207   2.770   1.00 15.29 ? 1341 PHE A CA  1 
ATOM   224  C C   . PHE A 1 50  ? -8.280  4.206   3.391   1.00 15.35 ? 1341 PHE A C   1 
ATOM   225  O O   . PHE A 1 50  ? -7.190  3.748   3.776   1.00 14.93 ? 1341 PHE A O   1 
ATOM   226  C CB  . PHE A 1 50  ? -8.612  2.437   1.617   1.00 15.33 ? 1341 PHE A CB  1 
ATOM   227  C CG  . PHE A 1 50  ? -9.566  1.631   0.769   1.00 14.57 ? 1341 PHE A CG  1 
ATOM   228  C CD1 . PHE A 1 50  ? -10.148 0.472   1.257   1.00 16.05 ? 1341 PHE A CD1 1 
ATOM   229  C CD2 . PHE A 1 50  ? -9.929  2.048   -0.505  1.00 15.44 ? 1341 PHE A CD2 1 
ATOM   230  C CE1 . PHE A 1 50  ? -11.051 -0.248  0.496   1.00 15.99 ? 1341 PHE A CE1 1 
ATOM   231  C CE2 . PHE A 1 50  ? -10.853 1.339   -1.257  1.00 15.94 ? 1341 PHE A CE2 1 
ATOM   232  C CZ  . PHE A 1 50  ? -11.414 0.191   -0.755  1.00 16.34 ? 1341 PHE A CZ  1 
ATOM   233  N N   . ARG A 1 51  ? -8.642  5.489   3.559   1.00 16.48 ? 1342 ARG A N   1 
ATOM   234  C CA  . ARG A 1 51  ? -7.674  6.571   3.905   1.00 17.47 ? 1342 ARG A CA  1 
ATOM   235  C C   . ARG A 1 51  ? -7.348  6.535   5.398   1.00 18.96 ? 1342 ARG A C   1 
ATOM   236  O O   . ARG A 1 51  ? -6.191  6.849   5.764   1.00 18.80 ? 1342 ARG A O   1 
ATOM   237  C CB  . ARG A 1 51  ? -8.206  7.951   3.509   1.00 18.86 ? 1342 ARG A CB  1 
ATOM   238  C CG  . ARG A 1 51  ? -7.995  8.260   2.034   1.00 18.73 ? 1342 ARG A CG  1 
ATOM   239  C CD  . ARG A 1 51  ? -8.586  9.592   1.609   1.00 18.95 ? 1342 ARG A CD  1 
ATOM   240  N NE  . ARG A 1 51  ? -8.858  9.622   0.180   1.00 18.82 ? 1342 ARG A NE  1 
ATOM   241  C CZ  . ARG A 1 51  ? -9.708  10.450  -0.420  1.00 19.98 ? 1342 ARG A CZ  1 
ATOM   242  N NH1 . ARG A 1 51  ? -10.398 11.343  0.276   1.00 21.10 ? 1342 ARG A NH1 1 
ATOM   243  N NH2 . ARG A 1 51  ? -9.870  10.374  -1.729  1.00 20.19 ? 1342 ARG A NH2 1 
ATOM   244  N N   . GLN A 1 52  ? -8.319  6.184   6.238   1.00 19.96 ? 1343 GLN A N   1 
ATOM   245  C CA  . GLN A 1 52  ? -8.201  6.307   7.712   1.00 23.28 ? 1343 GLN A CA  1 
ATOM   246  C C   . GLN A 1 52  ? -8.496  4.952   8.345   1.00 23.52 ? 1343 GLN A C   1 
ATOM   247  O O   . GLN A 1 52  ? -9.155  4.115   7.728   1.00 24.42 ? 1343 GLN A O   1 
ATOM   248  C CB  . GLN A 1 52  ? -9.149  7.409   8.206   1.00 25.05 ? 1343 GLN A CB  1 
ATOM   249  C CG  . GLN A 1 52  ? -8.478  8.465   9.071   1.00 28.37 ? 1343 GLN A CG  1 
ATOM   250  C CD  . GLN A 1 52  ? -7.328  9.167   8.388   1.00 31.15 ? 1343 GLN A CD  1 
ATOM   251  O OE1 . GLN A 1 52  ? -6.259  9.349   8.970   1.00 32.35 ? 1343 GLN A OE1 1 
ATOM   252  N NE2 . GLN A 1 52  ? -7.536  9.556   7.139   1.00 31.34 ? 1343 GLN A NE2 1 
ATOM   253  N N   . PRO A 1 53  ? -7.984  4.684   9.572   1.00 25.14 ? 1344 PRO A N   1 
ATOM   254  C CA  . PRO A 1 53  ? -8.302  3.445   10.278  1.00 26.36 ? 1344 PRO A CA  1 
ATOM   255  C C   . PRO A 1 53  ? -9.825  3.296   10.408  1.00 27.18 ? 1344 PRO A C   1 
ATOM   256  O O   . PRO A 1 53  ? -10.472 4.272   10.769  1.00 28.63 ? 1344 PRO A O   1 
ATOM   257  C CB  . PRO A 1 53  ? -7.639  3.597   11.656  1.00 25.17 ? 1344 PRO A CB  1 
ATOM   258  C CG  . PRO A 1 53  ? -6.566  4.650   11.465  1.00 25.20 ? 1344 PRO A CG  1 
ATOM   259  C CD  . PRO A 1 53  ? -7.046  5.529   10.327  1.00 24.24 ? 1344 PRO A CD  1 
ATOM   260  N N   . VAL A 1 54  ? -10.351 2.117   10.057  1.00 28.76 ? 1345 VAL A N   1 
ATOM   261  C CA  . VAL A 1 54  ? -11.786 1.740   10.246  1.00 29.38 ? 1345 VAL A CA  1 
ATOM   262  C C   . VAL A 1 54  ? -12.159 2.097   11.690  1.00 29.81 ? 1345 VAL A C   1 
ATOM   263  O O   . VAL A 1 54  ? -11.392 1.733   12.603  1.00 26.94 ? 1345 VAL A O   1 
ATOM   264  C CB  . VAL A 1 54  ? -12.041 0.246   9.946   1.00 29.59 ? 1345 VAL A CB  1 
ATOM   265  C CG1 . VAL A 1 54  ? -13.516 -0.116  10.078  1.00 28.94 ? 1345 VAL A CG1 1 
ATOM   266  C CG2 . VAL A 1 54  ? -11.523 -0.168  8.578   1.00 29.41 ? 1345 VAL A CG2 1 
ATOM   267  N N   . ASP A 1 55  ? -13.270 2.812   11.894  1.00 31.98 ? 1346 ASP A N   1 
ATOM   268  C CA  . ASP A 1 55  ? -13.766 3.156   13.254  1.00 31.88 ? 1346 ASP A CA  1 
ATOM   269  C C   . ASP A 1 55  ? -14.359 1.888   13.877  1.00 30.10 ? 1346 ASP A C   1 
ATOM   270  O O   . ASP A 1 55  ? -15.340 1.353   13.322  1.00 27.36 ? 1346 ASP A O   1 
ATOM   271  C CB  . ASP A 1 55  ? -14.769 4.314   13.234  1.00 34.75 ? 1346 ASP A CB  1 
ATOM   272  C CG  . ASP A 1 55  ? -14.131 5.696   13.264  1.00 37.03 ? 1346 ASP A CG  1 
ATOM   273  O OD1 . ASP A 1 55  ? -14.546 6.555   12.454  1.00 40.19 ? 1346 ASP A OD1 1 
ATOM   274  O OD2 . ASP A 1 55  ? -13.241 5.912   14.112  1.00 36.92 ? 1346 ASP A OD2 1 
ATOM   275  N N   . LEU A 1 56  ? -13.780 1.434   14.991  1.00 31.57 ? 1347 LEU A N   1 
ATOM   276  C CA  . LEU A 1 56  ? -14.131 0.153   15.664  1.00 32.85 ? 1347 LEU A CA  1 
ATOM   277  C C   . LEU A 1 56  ? -15.511 0.267   16.330  1.00 33.14 ? 1347 LEU A C   1 
ATOM   278  O O   . LEU A 1 56  ? -16.124 -0.784  16.586  1.00 34.86 ? 1347 LEU A O   1 
ATOM   279  C CB  . LEU A 1 56  ? -13.050 -0.201  16.694  1.00 33.47 ? 1347 LEU A CB  1 
ATOM   280  C CG  . LEU A 1 56  ? -11.604 -0.211  16.188  1.00 34.61 ? 1347 LEU A CG  1 
ATOM   281  C CD1 . LEU A 1 56  ? -10.667 -0.758  17.255  1.00 35.72 ? 1347 LEU A CD1 1 
ATOM   282  C CD2 . LEU A 1 56  ? -11.471 -1.022  14.906  1.00 35.60 ? 1347 LEU A CD2 1 
ATOM   283  N N   . LEU A 1 57  ? -15.981 1.487   16.615  1.00 34.14 ? 1348 LEU A N   1 
ATOM   284  C CA  . LEU A 1 57  ? -17.350 1.723   17.156  1.00 33.84 ? 1348 LEU A CA  1 
ATOM   285  C C   . LEU A 1 57  ? -18.369 1.652   16.009  1.00 32.40 ? 1348 LEU A C   1 
ATOM   286  O O   . LEU A 1 57  ? -19.460 1.082   16.236  1.00 30.67 ? 1348 LEU A O   1 
ATOM   287  C CB  . LEU A 1 57  ? -17.403 3.068   17.891  1.00 35.16 ? 1348 LEU A CB  1 
ATOM   288  C CG  . LEU A 1 57  ? -16.827 3.089   19.311  1.00 35.95 ? 1348 LEU A CG  1 
ATOM   289  C CD1 . LEU A 1 57  ? -17.417 1.990   20.190  1.00 37.20 ? 1348 LEU A CD1 1 
ATOM   290  C CD2 . LEU A 1 57  ? -15.309 3.003   19.297  1.00 36.01 ? 1348 LEU A CD2 1 
ATOM   291  N N   . GLU A 1 58  ? -18.023 2.177   14.823  1.00 30.48 ? 1349 GLU A N   1 
ATOM   292  C CA  . GLU A 1 58  ? -18.877 2.125   13.604  1.00 31.48 ? 1349 GLU A CA  1 
ATOM   293  C C   . GLU A 1 58  ? -19.060 0.656   13.180  1.00 31.13 ? 1349 GLU A C   1 
ATOM   294  O O   . GLU A 1 58  ? -20.176 0.302   12.746  1.00 33.70 ? 1349 GLU A O   1 
ATOM   295  C CB  . GLU A 1 58  ? -18.270 2.946   12.459  1.00 33.14 ? 1349 GLU A CB  1 
ATOM   296  C CG  . GLU A 1 58  ? -18.229 4.451   12.687  1.00 35.57 ? 1349 GLU A CG  1 
ATOM   297  C CD  . GLU A 1 58  ? -18.003 5.281   11.428  1.00 37.64 ? 1349 GLU A CD  1 
ATOM   298  O OE1 . GLU A 1 58  ? -18.761 6.250   11.216  1.00 40.00 ? 1349 GLU A OE1 1 
ATOM   299  O OE2 . GLU A 1 58  ? -17.084 4.954   10.650  1.00 38.74 ? 1349 GLU A OE2 1 
ATOM   300  N N   . TYR A 1 59  ? -18.000 -0.159  13.290  1.00 30.45 ? 1350 TYR A N   1 
ATOM   301  C CA  . TYR A 1 59  ? -17.962 -1.602  12.924  1.00 31.84 ? 1350 TYR A CA  1 
ATOM   302  C C   . TYR A 1 59  ? -17.386 -2.388  14.102  1.00 31.64 ? 1350 TYR A C   1 
ATOM   303  O O   . TYR A 1 59  ? -16.197 -2.719  14.122  1.00 28.02 ? 1350 TYR A O   1 
ATOM   304  C CB  . TYR A 1 59  ? -17.183 -1.809  11.616  1.00 32.88 ? 1350 TYR A CB  1 
ATOM   305  C CG  . TYR A 1 59  ? -17.433 -0.755  10.566  1.00 34.03 ? 1350 TYR A CG  1 
ATOM   306  C CD1 . TYR A 1 59  ? -18.259 -0.991  9.476   1.00 35.80 ? 1350 TYR A CD1 1 
ATOM   307  C CD2 . TYR A 1 59  ? -16.849 0.497   10.673  1.00 35.23 ? 1350 TYR A CD2 1 
ATOM   308  C CE1 . TYR A 1 59  ? -18.492 -0.012  8.523   1.00 37.09 ? 1350 TYR A CE1 1 
ATOM   309  C CE2 . TYR A 1 59  ? -17.070 1.486   9.731   1.00 37.08 ? 1350 TYR A CE2 1 
ATOM   310  C CZ  . TYR A 1 59  ? -17.895 1.231   8.652   1.00 37.78 ? 1350 TYR A CZ  1 
ATOM   311  O OH  . TYR A 1 59  ? -18.113 2.215   7.733   1.00 39.75 ? 1350 TYR A OH  1 
ATOM   312  N N   . PRO A 1 60  ? -18.206 -2.692  15.141  1.00 31.21 ? 1351 PRO A N   1 
ATOM   313  C CA  . PRO A 1 60  ? -17.732 -3.414  16.322  1.00 31.41 ? 1351 PRO A CA  1 
ATOM   314  C C   . PRO A 1 60  ? -17.271 -4.855  16.066  1.00 30.09 ? 1351 PRO A C   1 
ATOM   315  O O   . PRO A 1 60  ? -16.553 -5.363  16.893  1.00 30.14 ? 1351 PRO A O   1 
ATOM   316  C CB  . PRO A 1 60  ? -18.940 -3.447  17.279  1.00 32.47 ? 1351 PRO A CB  1 
ATOM   317  C CG  . PRO A 1 60  ? -19.869 -2.369  16.761  1.00 32.93 ? 1351 PRO A CG  1 
ATOM   318  C CD  . PRO A 1 60  ? -19.620 -2.302  15.267  1.00 32.84 ? 1351 PRO A CD  1 
ATOM   319  N N   . ASP A 1 61  ? -17.679 -5.465  14.950  1.00 29.61 ? 1352 ASP A N   1 
ATOM   320  C CA  . ASP A 1 61  ? -17.285 -6.852  14.589  1.00 26.89 ? 1352 ASP A CA  1 
ATOM   321  C C   . ASP A 1 61  ? -16.045 -6.836  13.677  1.00 26.11 ? 1352 ASP A C   1 
ATOM   322  O O   . ASP A 1 61  ? -15.609 -7.927  13.276  1.00 23.69 ? 1352 ASP A O   1 
ATOM   323  C CB  . ASP A 1 61  ? -18.462 -7.613  13.971  1.00 28.37 ? 1352 ASP A CB  1 
ATOM   324  C CG  . ASP A 1 61  ? -18.856 -7.124  12.590  1.00 29.85 ? 1352 ASP A CG  1 
ATOM   325  O OD1 . ASP A 1 61  ? -19.593 -7.861  11.911  1.00 31.68 ? 1352 ASP A OD1 1 
ATOM   326  O OD2 . ASP A 1 61  ? -18.433 -6.006  12.215  1.00 29.52 ? 1352 ASP A OD2 1 
ATOM   327  N N   . TYR A 1 62  ? -15.485 -5.665  13.348  1.00 25.78 ? 1353 TYR A N   1 
ATOM   328  C CA  . TYR A 1 62  ? -14.336 -5.575  12.405  1.00 23.94 ? 1353 TYR A CA  1 
ATOM   329  C C   . TYR A 1 62  ? -13.165 -6.408  12.941  1.00 24.10 ? 1353 TYR A C   1 
ATOM   330  O O   . TYR A 1 62  ? -12.604 -7.185  12.152  1.00 22.07 ? 1353 TYR A O   1 
ATOM   331  C CB  . TYR A 1 62  ? -13.881 -4.135  12.138  1.00 23.34 ? 1353 TYR A CB  1 
ATOM   332  C CG  . TYR A 1 62  ? -12.964 -3.990  10.945  1.00 22.90 ? 1353 TYR A CG  1 
ATOM   333  C CD1 . TYR A 1 62  ? -13.445 -4.155  9.652   1.00 21.98 ? 1353 TYR A CD1 1 
ATOM   334  C CD2 . TYR A 1 62  ? -11.618 -3.696  11.101  1.00 22.70 ? 1353 TYR A CD2 1 
ATOM   335  C CE1 . TYR A 1 62  ? -12.616 -4.026  8.545   1.00 21.12 ? 1353 TYR A CE1 1 
ATOM   336  C CE2 . TYR A 1 62  ? -10.778 -3.556  10.006  1.00 22.22 ? 1353 TYR A CE2 1 
ATOM   337  C CZ  . TYR A 1 62  ? -11.274 -3.732  8.727   1.00 22.06 ? 1353 TYR A CZ  1 
ATOM   338  O OH  . TYR A 1 62  ? -10.421 -3.610  7.665   1.00 20.76 ? 1353 TYR A OH  1 
ATOM   339  N N   . ARG A 1 63  ? -12.804 -6.252  14.220  1.00 23.99 ? 1354 ARG A N   1 
ATOM   340  C CA  . ARG A 1 63  ? -11.603 -6.916  14.800  1.00 28.18 ? 1354 ARG A CA  1 
ATOM   341  C C   . ARG A 1 63  ? -11.882 -8.408  15.013  1.00 27.55 ? 1354 ARG A C   1 
ATOM   342  O O   . ARG A 1 63  ? -10.904 -9.150  15.219  1.00 29.96 ? 1354 ARG A O   1 
ATOM   343  C CB  . ARG A 1 63  ? -11.139 -6.241  16.096  1.00 29.72 ? 1354 ARG A CB  1 
ATOM   344  C CG  . ARG A 1 63  ? -10.377 -4.933  15.913  1.00 31.74 ? 1354 ARG A CG  1 
ATOM   345  C CD  . ARG A 1 63  ? -9.235  -4.989  14.905  1.00 33.29 ? 1354 ARG A CD  1 
ATOM   346  N NE  . ARG A 1 63  ? -8.251  -6.020  15.218  1.00 35.84 ? 1354 ARG A NE  1 
ATOM   347  C CZ  . ARG A 1 63  ? -7.127  -5.826  15.913  1.00 36.54 ? 1354 ARG A CZ  1 
ATOM   348  N NH1 . ARG A 1 63  ? -6.819  -4.629  16.388  1.00 36.88 ? 1354 ARG A NH1 1 
ATOM   349  N NH2 . ARG A 1 63  ? -6.313  -6.843  16.142  1.00 37.19 ? 1354 ARG A NH2 1 
ATOM   350  N N   . ASP A 1 64  ? -13.141 -8.852  14.934  1.00 28.73 ? 1355 ASP A N   1 
ATOM   351  C CA  . ASP A 1 64  ? -13.484 -10.302 14.956  1.00 27.83 ? 1355 ASP A CA  1 
ATOM   352  C C   . ASP A 1 64  ? -12.945 -10.982 13.692  1.00 26.43 ? 1355 ASP A C   1 
ATOM   353  O O   . ASP A 1 64  ? -12.530 -12.149 13.785  1.00 27.32 ? 1355 ASP A O   1 
ATOM   354  C CB  . ASP A 1 64  ? -14.991 -10.559 15.047  1.00 30.31 ? 1355 ASP A CB  1 
ATOM   355  C CG  . ASP A 1 64  ? -15.643 -10.040 16.316  1.00 31.36 ? 1355 ASP A CG  1 
ATOM   356  O OD1 . ASP A 1 64  ? -14.994 -10.101 17.380  1.00 31.69 ? 1355 ASP A OD1 1 
ATOM   357  O OD2 . ASP A 1 64  ? -16.788 -9.561  16.227  1.00 32.30 ? 1355 ASP A OD2 1 
ATOM   358  N N   . ILE A 1 65  ? -12.965 -10.287 12.551  1.00 26.08 ? 1356 ILE A N   1 
ATOM   359  C CA  . ILE A 1 65  ? -12.590 -10.844 11.216  1.00 25.63 ? 1356 ILE A CA  1 
ATOM   360  C C   . ILE A 1 65  ? -11.171 -10.384 10.845  1.00 24.39 ? 1356 ILE A C   1 
ATOM   361  O O   . ILE A 1 65  ? -10.405 -11.211 10.313  1.00 24.47 ? 1356 ILE A O   1 
ATOM   362  C CB  . ILE A 1 65  ? -13.644 -10.437 10.166  1.00 27.88 ? 1356 ILE A CB  1 
ATOM   363  C CG1 . ILE A 1 65  ? -14.997 -11.097 10.457  1.00 29.22 ? 1356 ILE A CG1 1 
ATOM   364  C CG2 . ILE A 1 65  ? -13.184 -10.735 8.751   1.00 28.38 ? 1356 ILE A CG2 1 
ATOM   365  C CD1 . ILE A 1 65  ? -15.995 -10.185 11.115  1.00 29.62 ? 1356 ILE A CD1 1 
ATOM   366  N N   . ILE A 1 66  ? -10.831 -9.126  11.131  1.00 23.40 ? 1357 ILE A N   1 
ATOM   367  C CA  . ILE A 1 66  ? -9.547  -8.482  10.718  1.00 23.14 ? 1357 ILE A CA  1 
ATOM   368  C C   . ILE A 1 66  ? -8.564  -8.513  11.892  1.00 23.03 ? 1357 ILE A C   1 
ATOM   369  O O   . ILE A 1 66  ? -8.771  -7.761  12.867  1.00 24.45 ? 1357 ILE A O   1 
ATOM   370  C CB  . ILE A 1 66  ? -9.810  -7.054  10.206  1.00 22.46 ? 1357 ILE A CB  1 
ATOM   371  C CG1 . ILE A 1 66  ? -10.816 -7.057  9.052   1.00 22.90 ? 1357 ILE A CG1 1 
ATOM   372  C CG2 . ILE A 1 66  ? -8.516  -6.335  9.846   1.00 23.08 ? 1357 ILE A CG2 1 
ATOM   373  C CD1 . ILE A 1 66  ? -10.423 -7.912  7.875   1.00 22.55 ? 1357 ILE A CD1 1 
ATOM   374  N N   . ASP A 1 67  ? -7.501  -9.304  11.744  1.00 25.91 ? 1358 ASP A N   1 
ATOM   375  C CA  . ASP A 1 67  ? -6.418  -9.488  12.748  1.00 27.54 ? 1358 ASP A CA  1 
ATOM   376  C C   . ASP A 1 67  ? -5.509  -8.249  12.786  1.00 25.28 ? 1358 ASP A C   1 
ATOM   377  O O   . ASP A 1 67  ? -5.081  -7.884  13.895  1.00 25.91 ? 1358 ASP A O   1 
ATOM   378  C CB  . ASP A 1 67  ? -5.588  -10.739 12.448  1.00 29.46 ? 1358 ASP A CB  1 
ATOM   379  C CG  . ASP A 1 67  ? -6.376  -12.030 12.262  1.00 30.32 ? 1358 ASP A CG  1 
ATOM   380  O OD1 . ASP A 1 67  ? -7.504  -12.128 12.788  1.00 28.89 ? 1358 ASP A OD1 1 
ATOM   381  O OD2 . ASP A 1 67  ? -5.846  -12.941 11.596  1.00 30.94 ? 1358 ASP A OD2 1 
ATOM   382  N N   . THR A 1 68  ? -5.202  -7.645  11.620  1.00 24.49 ? 1359 THR A N   1 
ATOM   383  C CA  . THR A 1 68  ? -4.253  -6.503  11.475  1.00 22.92 ? 1359 THR A CA  1 
ATOM   384  C C   . THR A 1 68  ? -4.886  -5.417  10.610  1.00 20.91 ? 1359 THR A C   1 
ATOM   385  O O   . THR A 1 68  ? -4.812  -5.474  9.379   1.00 20.81 ? 1359 THR A O   1 
ATOM   386  C CB  . THR A 1 68  ? -2.904  -6.947  10.896  1.00 23.92 ? 1359 THR A CB  1 
ATOM   387  O OG1 . THR A 1 68  ? -2.479  -8.073  11.660  1.00 26.41 ? 1359 THR A OG1 1 
ATOM   388  C CG2 . THR A 1 68  ? -1.849  -5.861  10.940  1.00 24.58 ? 1359 THR A CG2 1 
ATOM   389  N N   . PRO A 1 69  ? -5.533  -4.410  11.236  1.00 19.30 ? 1360 PRO A N   1 
ATOM   390  C CA  . PRO A 1 69  ? -6.110  -3.270  10.518  1.00 19.24 ? 1360 PRO A CA  1 
ATOM   391  C C   . PRO A 1 69  ? -5.058  -2.465  9.746   1.00 17.74 ? 1360 PRO A C   1 
ATOM   392  O O   . PRO A 1 69  ? -3.975  -2.318  10.257  1.00 18.41 ? 1360 PRO A O   1 
ATOM   393  C CB  . PRO A 1 69  ? -6.674  -2.373  11.628  1.00 20.02 ? 1360 PRO A CB  1 
ATOM   394  C CG  . PRO A 1 69  ? -6.865  -3.303  12.795  1.00 20.50 ? 1360 PRO A CG  1 
ATOM   395  C CD  . PRO A 1 69  ? -5.756  -4.320  12.694  1.00 20.54 ? 1360 PRO A CD  1 
ATOM   396  N N   . MET A 1 70  ? -5.387  -1.949  8.555   1.00 16.76 ? 1361 MET A N   1 
ATOM   397  C CA  . MET A 1 70  ? -4.388  -1.133  7.833   1.00 15.09 ? 1361 MET A CA  1 
ATOM   398  C C   . MET A 1 70  ? -5.140  -0.128  6.970   1.00 14.99 ? 1361 MET A C   1 
ATOM   399  O O   . MET A 1 70  ? -6.239  -0.435  6.480   1.00 16.02 ? 1361 MET A O   1 
ATOM   400  C CB  . MET A 1 70  ? -3.432  -2.016  7.019   1.00 14.88 ? 1361 MET A CB  1 
ATOM   401  C CG  . MET A 1 70  ? -2.258  -1.288  6.441   1.00 15.52 ? 1361 MET A CG  1 
ATOM   402  S SD  . MET A 1 70  ? -1.250  -0.307  7.567   1.00 16.16 ? 1361 MET A SD  1 
ATOM   403  C CE  . MET A 1 70  ? -0.825  -1.455  8.868   1.00 18.09 ? 1361 MET A CE  1 
ATOM   404  N N   . ASP A 1 71  ? -4.523  1.023   6.733   1.00 14.55 ? 1362 ASP A N   1 
ATOM   405  C CA  . ASP A 1 71  ? -5.130  2.104   5.917   1.00 15.07 ? 1362 ASP A CA  1 
ATOM   406  C C   . ASP A 1 71  ? -4.010  3.005   5.385   1.00 12.98 ? 1362 ASP A C   1 
ATOM   407  O O   . ASP A 1 71  ? -2.842  2.873   5.840   1.00 13.65 ? 1362 ASP A O   1 
ATOM   408  C CB  . ASP A 1 71  ? -6.070  2.913   6.828   1.00 16.86 ? 1362 ASP A CB  1 
ATOM   409  C CG  . ASP A 1 71  ? -5.296  3.634   7.910   1.00 18.00 ? 1362 ASP A CG  1 
ATOM   410  O OD1 . ASP A 1 71  ? -4.985  3.005   8.947   1.00 18.37 ? 1362 ASP A OD1 1 
ATOM   411  O OD2 . ASP A 1 71  ? -4.822  4.737   7.609   1.00 18.29 ? 1362 ASP A OD2 1 
ATOM   412  N N   . PHE A 1 72  ? -4.291  3.816   4.379   1.00 14.06 ? 1363 PHE A N   1 
ATOM   413  C CA  . PHE A 1 72  ? -3.220  4.580   3.699   1.00 13.43 ? 1363 PHE A CA  1 
ATOM   414  C C   . PHE A 1 72  ? -2.619  5.685   4.557   1.00 15.59 ? 1363 PHE A C   1 
ATOM   415  O O   . PHE A 1 72  ? -1.424  5.996   4.380   1.00 15.55 ? 1363 PHE A O   1 
ATOM   416  C CB  . PHE A 1 72  ? -3.717  5.156   2.368   1.00 12.86 ? 1363 PHE A CB  1 
ATOM   417  C CG  . PHE A 1 72  ? -3.822  4.103   1.297   1.00 13.36 ? 1363 PHE A CG  1 
ATOM   418  C CD1 . PHE A 1 72  ? -2.705  3.568   0.720   1.00 12.97 ? 1363 PHE A CD1 1 
ATOM   419  C CD2 . PHE A 1 72  ? -5.056  3.637   0.858   1.00 13.91 ? 1363 PHE A CD2 1 
ATOM   420  C CE1 . PHE A 1 72  ? -2.789  2.598   -0.268  1.00 14.26 ? 1363 PHE A CE1 1 
ATOM   421  C CE2 . PHE A 1 72  ? -5.135  2.663   -0.118  1.00 13.37 ? 1363 PHE A CE2 1 
ATOM   422  C CZ  . PHE A 1 72  ? -4.011  2.129   -0.653  1.00 13.66 ? 1363 PHE A CZ  1 
ATOM   423  N N   . ALA A 1 73  ? -3.360  6.235   5.523   1.00 14.25 ? 1364 ALA A N   1 
ATOM   424  C CA  . ALA A 1 73  ? -2.735  7.216   6.428   1.00 15.78 ? 1364 ALA A CA  1 
ATOM   425  C C   . ALA A 1 73  ? -1.693  6.541   7.335   1.00 15.01 ? 1364 ALA A C   1 
ATOM   426  O O   . ALA A 1 73  ? -0.622  7.079   7.545   1.00 14.73 ? 1364 ALA A O   1 
ATOM   427  C CB  . ALA A 1 73  ? -3.788  7.905   7.251   1.00 16.16 ? 1364 ALA A CB  1 
ATOM   428  N N   . THR A 1 74  ? -1.973  5.349   7.807   1.00 14.37 ? 1365 THR A N   1 
ATOM   429  C CA  . THR A 1 74  ? -1.016  4.564   8.641   1.00 14.26 ? 1365 THR A CA  1 
ATOM   430  C C   . THR A 1 74  ? 0.215   4.258   7.791   1.00 12.75 ? 1365 THR A C   1 
ATOM   431  O O   . THR A 1 74  ? 1.352   4.419   8.256   1.00 13.44 ? 1365 THR A O   1 
ATOM   432  C CB  . THR A 1 74  ? -1.648  3.307   9.202   1.00 15.24 ? 1365 THR A CB  1 
ATOM   433  O OG1 . THR A 1 74  ? -2.692  3.754   10.092  1.00 18.26 ? 1365 THR A OG1 1 
ATOM   434  C CG2 . THR A 1 74  ? -0.641  2.431   9.934   1.00 16.79 ? 1365 THR A CG2 1 
ATOM   435  N N   . VAL A 1 75  ? 0.021   3.855   6.522   1.00 12.96 ? 1366 VAL A N   1 
ATOM   436  C CA  . VAL A 1 75  ? 1.193   3.560   5.636   1.00 12.93 ? 1366 VAL A CA  1 
ATOM   437  C C   . VAL A 1 75  ? 2.040   4.839   5.458   1.00 12.54 ? 1366 VAL A C   1 
ATOM   438  O O   . VAL A 1 75  ? 3.309   4.804   5.599   1.00 13.11 ? 1366 VAL A O   1 
ATOM   439  C CB  . VAL A 1 75  ? 0.739   2.955   4.289   1.00 12.80 ? 1366 VAL A CB  1 
ATOM   440  C CG1 . VAL A 1 75  ? 1.925   2.835   3.353   1.00 13.32 ? 1366 VAL A CG1 1 
ATOM   441  C CG2 . VAL A 1 75  ? 0.067   1.610   4.468   1.00 14.58 ? 1366 VAL A CG2 1 
ATOM   442  N N   . ARG A 1 76  ? 1.428   5.979   5.129   1.00 13.13 ? 1367 ARG A N   1 
ATOM   443  C CA  . ARG A 1 76  ? 2.160   7.251   4.932   1.00 14.47 ? 1367 ARG A CA  1 
ATOM   444  C C   . ARG A 1 76  ? 2.896   7.637   6.219   1.00 14.70 ? 1367 ARG A C   1 
ATOM   445  O O   . ARG A 1 76  ? 4.076   8.046   6.151   1.00 14.83 ? 1367 ARG A O   1 
ATOM   446  C CB  . ARG A 1 76  ? 1.159   8.353   4.561   1.00 16.52 ? 1367 ARG A CB  1 
ATOM   447  C CG  . ARG A 1 76  ? 1.788   9.716   4.358   1.00 21.42 ? 1367 ARG A CG  1 
ATOM   448  C CD  . ARG A 1 76  ? 0.643   10.657  3.977   1.00 26.39 ? 1367 ARG A CD  1 
ATOM   449  N NE  . ARG A 1 76  ? 0.552   10.869  2.557   1.00 27.57 ? 1367 ARG A NE  1 
ATOM   450  C CZ  . ARG A 1 76  ? -0.463  11.506  1.951   1.00 28.59 ? 1367 ARG A CZ  1 
ATOM   451  N NH1 . ARG A 1 76  ? -1.543  11.860  2.637   1.00 27.15 ? 1367 ARG A NH1 1 
ATOM   452  N NH2 . ARG A 1 76  ? -0.385  11.746  0.658   1.00 28.98 ? 1367 ARG A NH2 1 
ATOM   453  N N   . GLU A 1 77  ? 2.243   7.528   7.374   1.00 14.39 ? 1368 GLU A N   1 
ATOM   454  C CA  . GLU A 1 77  ? 2.904   7.894   8.647   1.00 16.71 ? 1368 GLU A CA  1 
ATOM   455  C C   . GLU A 1 77  ? 4.070   6.956   8.913   1.00 15.13 ? 1368 GLU A C   1 
ATOM   456  O O   . GLU A 1 77  ? 5.099   7.413   9.462   1.00 15.34 ? 1368 GLU A O   1 
ATOM   457  C CB  . GLU A 1 77  ? 1.884   7.874   9.770   1.00 19.98 ? 1368 GLU A CB  1 
ATOM   458  C CG  . GLU A 1 77  ? 0.892   9.027   9.703   1.00 26.56 ? 1368 GLU A CG  1 
ATOM   459  C CD  . GLU A 1 77  ? -0.476  8.857   10.365  1.00 35.62 ? 1368 GLU A CD  1 
ATOM   460  O OE1 . GLU A 1 77  ? -0.664  7.898   11.167  1.00 42.69 ? 1368 GLU A OE1 1 
ATOM   461  O OE2 . GLU A 1 77  ? -1.362  9.714   10.092  1.00 44.32 ? 1368 GLU A OE2 1 
ATOM   462  N N   . THR A 1 78  ? 3.932   5.665   8.680   1.00 14.10 ? 1369 THR A N   1 
ATOM   463  C CA  . THR A 1 78  ? 5.045   4.710   8.919   1.00 12.64 ? 1369 THR A CA  1 
ATOM   464  C C   . THR A 1 78  ? 6.243   5.096   8.043   1.00 14.20 ? 1369 THR A C   1 
ATOM   465  O O   . THR A 1 78  ? 7.424   5.082   8.513   1.00 13.94 ? 1369 THR A O   1 
ATOM   466  C CB  . THR A 1 78  ? 4.554   3.282   8.615   1.00 13.83 ? 1369 THR A CB  1 
ATOM   467  O OG1 . THR A 1 78  ? 3.460   2.931   9.477   1.00 15.08 ? 1369 THR A OG1 1 
ATOM   468  C CG2 . THR A 1 78  ? 5.622   2.261   8.866   1.00 14.40 ? 1369 THR A CG2 1 
ATOM   469  N N   . LEU A 1 79  ? 5.986   5.404   6.764   1.00 13.00 ? 1370 LEU A N   1 
ATOM   470  C CA  . LEU A 1 79  ? 7.025   5.839   5.816   1.00 13.45 ? 1370 LEU A CA  1 
ATOM   471  C C   . LEU A 1 79  ? 7.712   7.088   6.343   1.00 13.43 ? 1370 LEU A C   1 
ATOM   472  O O   . LEU A 1 79  ? 8.999   7.141   6.414   1.00 14.07 ? 1370 LEU A O   1 
ATOM   473  C CB  . LEU A 1 79  ? 6.369   6.004   4.446   1.00 13.01 ? 1370 LEU A CB  1 
ATOM   474  C CG  . LEU A 1 79  ? 7.349   6.341   3.322   1.00 13.98 ? 1370 LEU A CG  1 
ATOM   475  C CD1 . LEU A 1 79  ? 8.310   5.179   3.050   1.00 14.36 ? 1370 LEU A CD1 1 
ATOM   476  C CD2 . LEU A 1 79  ? 6.601   6.687   2.039   1.00 14.68 ? 1370 LEU A CD2 1 
ATOM   477  N N   . GLU A 1 80  ? 6.941   8.114   6.712   1.00 14.72 ? 1371 GLU A N   1 
ATOM   478  C CA  . GLU A 1 80  ? 7.528   9.406   7.155   1.00 16.83 ? 1371 GLU A CA  1 
ATOM   479  C C   . GLU A 1 80  ? 8.272   9.250   8.486   1.00 15.70 ? 1371 GLU A C   1 
ATOM   480  O O   . GLU A 1 80  ? 9.281   9.936   8.683   1.00 16.95 ? 1371 GLU A O   1 
ATOM   481  C CB  . GLU A 1 80  ? 6.442   10.474  7.155   1.00 18.32 ? 1371 GLU A CB  1 
ATOM   482  C CG  . GLU A 1 80  ? 6.332   11.081  5.775   1.00 21.90 ? 1371 GLU A CG  1 
ATOM   483  C CD  . GLU A 1 80  ? 7.681   11.077  5.059   1.00 22.77 ? 1371 GLU A CD  1 
ATOM   484  O OE1 . GLU A 1 80  ? 8.560   11.861  5.484   1.00 23.78 ? 1371 GLU A OE1 1 
ATOM   485  O OE2 . GLU A 1 80  ? 7.867   10.253  4.110   1.00 22.02 ? 1371 GLU A OE2 1 
ATOM   486  N N   . ALA A 1 81  ? 7.851   8.343   9.349   1.00 15.66 ? 1372 ALA A N   1 
ATOM   487  C CA  . ALA A 1 81  ? 8.573   8.090   10.631  1.00 16.35 ? 1372 ALA A CA  1 
ATOM   488  C C   . ALA A 1 81  ? 9.925   7.412   10.387  1.00 17.12 ? 1372 ALA A C   1 
ATOM   489  O O   . ALA A 1 81  ? 10.739  7.234   11.315  1.00 17.22 ? 1372 ALA A O   1 
ATOM   490  C CB  . ALA A 1 81  ? 7.733   7.227   11.523  1.00 17.75 ? 1372 ALA A CB  1 
ATOM   491  N N   . GLY A 1 82  ? 10.222  6.938   9.172   1.00 15.04 ? 1373 GLY A N   1 
ATOM   492  C CA  . GLY A 1 82  ? 11.415  6.126   8.909   1.00 13.76 ? 1373 GLY A CA  1 
ATOM   493  C C   . GLY A 1 82  ? 11.302  4.775   9.528   1.00 13.66 ? 1373 GLY A C   1 
ATOM   494  O O   . GLY A 1 82  ? 12.298  4.201   9.976   1.00 14.63 ? 1373 GLY A O   1 
ATOM   495  N N   . ASN A 1 83  ? 10.125  4.175   9.415   1.00 13.15 ? 1374 ASN A N   1 
ATOM   496  C CA  . ASN A 1 83  ? 9.825   2.838   9.992   1.00 14.25 ? 1374 ASN A CA  1 
ATOM   497  C C   . ASN A 1 83  ? 9.595   1.723   8.940   1.00 13.38 ? 1374 ASN A C   1 
ATOM   498  O O   . ASN A 1 83  ? 9.209   0.610   9.285   1.00 14.40 ? 1374 ASN A O   1 
ATOM   499  C CB  . ASN A 1 83  ? 8.723   2.902   11.059  1.00 14.69 ? 1374 ASN A CB  1 
ATOM   500  C CG  . ASN A 1 83  ? 9.077   3.617   12.356  1.00 17.31 ? 1374 ASN A CG  1 
ATOM   501  O OD1 . ASN A 1 83  ? 8.180   3.675   13.212  1.00 21.18 ? 1374 ASN A OD1 1 
ATOM   502  N ND2 . ASN A 1 83  ? 10.315  4.061   12.572  1.00 16.52 ? 1374 ASN A ND2 1 
ATOM   503  N N   . TYR A 1 84  ? 9.859   2.043   7.668   1.00 13.57 ? 1375 TYR A N   1 
ATOM   504  C CA  . TYR A 1 84  ? 9.981   1.027   6.624   1.00 13.04 ? 1375 TYR A CA  1 
ATOM   505  C C   . TYR A 1 84  ? 11.473  0.987   6.233   1.00 14.27 ? 1375 TYR A C   1 
ATOM   506  O O   . TYR A 1 84  ? 12.094  2.045   6.012   1.00 15.79 ? 1375 TYR A O   1 
ATOM   507  C CB  . TYR A 1 84  ? 9.134   1.324   5.373   1.00 12.65 ? 1375 TYR A CB  1 
ATOM   508  C CG  . TYR A 1 84  ? 7.656   1.151   5.506   1.00 11.87 ? 1375 TYR A CG  1 
ATOM   509  C CD1 . TYR A 1 84  ? 7.130   -0.021  6.014   1.00 13.11 ? 1375 TYR A CD1 1 
ATOM   510  C CD2 . TYR A 1 84  ? 6.785   2.173   5.189   1.00 12.33 ? 1375 TYR A CD2 1 
ATOM   511  C CE1 . TYR A 1 84  ? 5.762   -0.199  6.108   1.00 12.50 ? 1375 TYR A CE1 1 
ATOM   512  C CE2 . TYR A 1 84  ? 5.421   2.030   5.327   1.00 11.98 ? 1375 TYR A CE2 1 
ATOM   513  C CZ  . TYR A 1 84  ? 4.901   0.846   5.824   1.00 12.71 ? 1375 TYR A CZ  1 
ATOM   514  O OH  . TYR A 1 84  ? 3.553   0.766   5.920   1.00 13.68 ? 1375 TYR A OH  1 
ATOM   515  N N   . GLU A 1 85  ? 12.041  -0.215  6.141   1.00 14.89 ? 1376 GLU A N   1 
ATOM   516  C CA  . GLU A 1 85  ? 13.441  -0.396  5.671   1.00 16.10 ? 1376 GLU A CA  1 
ATOM   517  C C   . GLU A 1 85  ? 13.471  -0.481  4.136   1.00 15.64 ? 1376 GLU A C   1 
ATOM   518  O O   . GLU A 1 85  ? 14.490  -0.007  3.535   1.00 16.17 ? 1376 GLU A O   1 
ATOM   519  C CB  . GLU A 1 85  ? 14.088  -1.626  6.309   1.00 17.68 ? 1376 GLU A CB  1 
ATOM   520  C CG  . GLU A 1 85  ? 15.608  -1.589  6.252   1.00 20.65 ? 1376 GLU A CG  1 
ATOM   521  C CD  . GLU A 1 85  ? 16.248  -2.924  6.596   1.00 21.38 ? 1376 GLU A CD  1 
ATOM   522  O OE1 . GLU A 1 85  ? 15.518  -3.805  7.096   1.00 26.13 ? 1376 GLU A OE1 1 
ATOM   523  O OE2 . GLU A 1 85  ? 17.482  -3.061  6.393   1.00 23.70 ? 1376 GLU A OE2 1 
ATOM   524  N N   . SER A 1 86  ? 12.384  -0.990  3.515   1.00 14.65 ? 1377 SER A N   1 
ATOM   525  C CA  . SER A 1 86  ? 12.367  -1.312  2.070   1.00 15.50 ? 1377 SER A CA  1 
ATOM   526  C C   . SER A 1 86  ? 11.000  -1.076  1.498   1.00 13.34 ? 1377 SER A C   1 
ATOM   527  O O   . SER A 1 86  ? 9.994   -1.042  2.224   1.00 14.17 ? 1377 SER A O   1 
ATOM   528  C CB  . SER A 1 86  ? 12.758  -2.731  1.832   1.00 15.80 ? 1377 SER A CB  1 
ATOM   529  O OG  . SER A 1 86  ? 11.768  -3.628  2.266   1.00 15.88 ? 1377 SER A OG  1 
ATOM   530  N N   . PRO A 1 87  ? 10.926  -0.896  0.154   1.00 13.56 ? 1378 PRO A N   1 
ATOM   531  C CA  . PRO A 1 87  ? 9.602   -0.777  -0.428  1.00 13.54 ? 1378 PRO A CA  1 
ATOM   532  C C   . PRO A 1 87  ? 8.806   -2.094  -0.386  1.00 12.94 ? 1378 PRO A C   1 
ATOM   533  O O   . PRO A 1 87  ? 7.591   -2.047  -0.501  1.00 13.21 ? 1378 PRO A O   1 
ATOM   534  C CB  . PRO A 1 87  ? 9.894   -0.349  -1.880  1.00 13.26 ? 1378 PRO A CB  1 
ATOM   535  C CG  . PRO A 1 87  ? 11.284  -0.964  -2.136  1.00 13.91 ? 1378 PRO A CG  1 
ATOM   536  C CD  . PRO A 1 87  ? 12.031  -0.720  -0.835  1.00 14.42 ? 1378 PRO A CD  1 
ATOM   537  N N   . MET A 1 88  ? 9.468   -3.238  -0.238  1.00 12.16 ? 1379 MET A N   1 
ATOM   538  C CA  . MET A 1 88  ? 8.751   -4.522  -0.043  1.00 13.00 ? 1379 MET A CA  1 
ATOM   539  C C   . MET A 1 88  ? 7.877   -4.481  1.219   1.00 11.96 ? 1379 MET A C   1 
ATOM   540  O O   . MET A 1 88  ? 6.760   -4.985  1.206   1.00 12.78 ? 1379 MET A O   1 
ATOM   541  C CB  . MET A 1 88  ? 9.721   -5.720  0.009   1.00 14.49 ? 1379 MET A CB  1 
ATOM   542  C CG  . MET A 1 88  ? 10.465  -5.934  -1.314  1.00 14.47 ? 1379 MET A CG  1 
ATOM   543  S SD  . MET A 1 88  ? 11.959  -4.931  -1.522  1.00 17.04 ? 1379 MET A SD  1 
ATOM   544  C CE  . MET A 1 88  ? 13.088  -5.874  -0.506  1.00 20.18 ? 1379 MET A CE  1 
ATOM   545  N N   . GLU A 1 89  ? 8.386   -3.891  2.310   1.00 12.77 ? 1380 GLU A N   1 
ATOM   546  C CA  . GLU A 1 89  ? 7.600   -3.806  3.539   1.00 13.38 ? 1380 GLU A CA  1 
ATOM   547  C C   . GLU A 1 89  ? 6.380   -2.873  3.318   1.00 12.84 ? 1380 GLU A C   1 
ATOM   548  O O   . GLU A 1 89  ? 5.263   -3.171  3.806   1.00 12.93 ? 1380 GLU A O   1 
ATOM   549  C CB  . GLU A 1 89  ? 8.468   -3.238  4.659   1.00 14.72 ? 1380 GLU A CB  1 
ATOM   550  C CG  . GLU A 1 89  ? 9.584   -4.149  5.127   1.00 14.81 ? 1380 GLU A CG  1 
ATOM   551  C CD  . GLU A 1 89  ? 10.381  -3.548  6.244   1.00 16.99 ? 1380 GLU A CD  1 
ATOM   552  O OE1 . GLU A 1 89  ? 10.264  -2.364  6.488   1.00 17.40 ? 1380 GLU A OE1 1 
ATOM   553  O OE2 . GLU A 1 89  ? 11.203  -4.322  6.852   1.00 21.84 ? 1380 GLU A OE2 1 
ATOM   554  N N   . LEU A 1 90  ? 6.591   -1.727  2.661   1.00 12.81 ? 1381 LEU A N   1 
ATOM   555  C CA  . LEU A 1 90  ? 5.434   -0.840  2.364   1.00 12.49 ? 1381 LEU A CA  1 
ATOM   556  C C   . LEU A 1 90  ? 4.404   -1.584  1.504   1.00 13.36 ? 1381 LEU A C   1 
ATOM   557  O O   . LEU A 1 90  ? 3.186   -1.469  1.728   1.00 12.44 ? 1381 LEU A O   1 
ATOM   558  C CB  . LEU A 1 90  ? 5.917   0.431   1.645   1.00 13.52 ? 1381 LEU A CB  1 
ATOM   559  C CG  . LEU A 1 90  ? 4.843   1.452   1.247   1.00 14.20 ? 1381 LEU A CG  1 
ATOM   560  C CD1 . LEU A 1 90  ? 5.381   2.856   1.410   1.00 13.99 ? 1381 LEU A CD1 1 
ATOM   561  C CD2 . LEU A 1 90  ? 4.341   1.182   -0.174  1.00 14.69 ? 1381 LEU A CD2 1 
ATOM   562  N N   A CYS A 1 91  ? 4.871   -2.296  0.473   0.35 12.33 ? 1382 CYS A N   1 
ATOM   563  N N   B CYS A 1 91  ? 4.862   -2.303  0.481   0.15 12.90 ? 1382 CYS A N   1 
ATOM   564  C CA  A CYS A 1 91  ? 3.991   -3.056  -0.446  0.35 13.13 ? 1382 CYS A CA  1 
ATOM   565  C CA  B CYS A 1 91  ? 3.960   -3.102  -0.379  0.15 13.39 ? 1382 CYS A CA  1 
ATOM   566  C C   A CYS A 1 91  ? 3.182   -4.098  0.363   0.35 12.91 ? 1382 CYS A C   1 
ATOM   567  C C   B CYS A 1 91  ? 3.118   -4.039  0.457   0.15 13.19 ? 1382 CYS A C   1 
ATOM   568  O O   A CYS A 1 91  ? 1.999   -4.318  0.057   0.35 13.40 ? 1382 CYS A O   1 
ATOM   569  O O   B CYS A 1 91  ? 1.907   -4.130  0.204   0.15 13.60 ? 1382 CYS A O   1 
ATOM   570  C CB  A CYS A 1 91  ? 4.857   -3.643  -1.564  0.35 12.82 ? 1382 CYS A CB  1 
ATOM   571  C CB  B CYS A 1 91  ? 4.723   -4.006  -1.318  0.15 13.43 ? 1382 CYS A CB  1 
ATOM   572  S SG  A CYS A 1 91  ? 3.914   -4.416  -2.901  0.35 14.78 ? 1382 CYS A SG  1 
ATOM   573  S SG  B CYS A 1 91  ? 5.224   -3.047  -2.748  0.15 14.68 ? 1382 CYS A SG  1 
ATOM   574  N N   . LYS A 1 92  ? 3.779   -4.769  1.352   1.00 13.23 ? 1383 LYS A N   1 
ATOM   575  C CA  . LYS A 1 92  ? 3.058   -5.759  2.134   1.00 13.64 ? 1383 LYS A CA  1 
ATOM   576  C C   . LYS A 1 92  ? 1.902   -5.055  2.862   1.00 12.76 ? 1383 LYS A C   1 
ATOM   577  O O   . LYS A 1 92  ? 0.789   -5.623  2.920   1.00 14.34 ? 1383 LYS A O   1 
ATOM   578  C CB  . LYS A 1 92  ? 4.038   -6.448  3.084   1.00 16.33 ? 1383 LYS A CB  1 
ATOM   579  C CG  . LYS A 1 92  ? 3.417   -7.498  3.970   1.00 17.93 ? 1383 LYS A CG  1 
ATOM   580  C CD  . LYS A 1 92  ? 4.467   -8.325  4.701   1.00 23.33 ? 1383 LYS A CD  1 
ATOM   581  C CE  . LYS A 1 92  ? 3.858   -9.224  5.756   1.00 30.31 ? 1383 LYS A CE  1 
ATOM   582  N NZ  . LYS A 1 92  ? 4.894   -9.812  6.654   1.00 37.33 ? 1383 LYS A NZ  1 
ATOM   583  N N   . ASP A 1 93  ? 2.145   -3.915  3.471   1.00 12.99 ? 1384 ASP A N   1 
ATOM   584  C CA  . ASP A 1 93  ? 1.082   -3.195  4.202   1.00 13.17 ? 1384 ASP A CA  1 
ATOM   585  C C   . ASP A 1 93  ? -0.023  -2.723  3.233   1.00 12.93 ? 1384 ASP A C   1 
ATOM   586  O O   . ASP A 1 93  ? -1.218  -2.802  3.560   1.00 12.70 ? 1384 ASP A O   1 
ATOM   587  C CB  . ASP A 1 93  ? 1.604   -2.030  5.035   1.00 13.54 ? 1384 ASP A CB  1 
ATOM   588  C CG  . ASP A 1 93  ? 2.183   -2.404  6.393   1.00 16.83 ? 1384 ASP A CG  1 
ATOM   589  O OD1 . ASP A 1 93  ? 2.076   -3.601  6.751   1.00 19.51 ? 1384 ASP A OD1 1 
ATOM   590  O OD2 . ASP A 1 93  ? 2.864   -1.544  6.987   1.00 16.01 ? 1384 ASP A OD2 1 
ATOM   591  N N   . VAL A 1 94  ? 0.342   -2.203  2.051   1.00 12.73 ? 1385 VAL A N   1 
ATOM   592  C CA  . VAL A 1 94  ? -0.713  -1.744  1.080   1.00 11.92 ? 1385 VAL A CA  1 
ATOM   593  C C   . VAL A 1 94  ? -1.531  -2.965  0.649   1.00 11.78 ? 1385 VAL A C   1 
ATOM   594  O O   . VAL A 1 94  ? -2.765  -2.916  0.592   1.00 12.26 ? 1385 VAL A O   1 
ATOM   595  C CB  . VAL A 1 94  ? -0.090  -0.997  -0.114  1.00 12.18 ? 1385 VAL A CB  1 
ATOM   596  C CG1 . VAL A 1 94  ? -1.146  -0.815  -1.193  1.00 13.45 ? 1385 VAL A CG1 1 
ATOM   597  C CG2 . VAL A 1 94  ? 0.500   0.338   0.344   1.00 12.55 ? 1385 VAL A CG2 1 
ATOM   598  N N   . ARG A 1 95  ? -0.891  -4.103  0.401   1.00 12.12 ? 1386 ARG A N   1 
ATOM   599  C CA  . ARG A 1 95  ? -1.627  -5.307  -0.028  1.00 12.20 ? 1386 ARG A CA  1 
ATOM   600  C C   . ARG A 1 95  ? -2.546  -5.764  1.104   1.00 12.17 ? 1386 ARG A C   1 
ATOM   601  O O   . ARG A 1 95  ? -3.652  -6.294  0.777   1.00 13.26 ? 1386 ARG A O   1 
ATOM   602  C CB  . ARG A 1 95  ? -0.643  -6.381  -0.492  1.00 13.57 ? 1386 ARG A CB  1 
ATOM   603  C CG  . ARG A 1 95  ? -0.076  -6.075  -1.874  1.00 13.57 ? 1386 ARG A CG  1 
ATOM   604  C CD  . ARG A 1 95  ? 1.114   -6.959  -2.217  1.00 16.18 ? 1386 ARG A CD  1 
ATOM   605  N NE  . ARG A 1 95  ? 1.611   -6.664  -3.557  1.00 17.79 ? 1386 ARG A NE  1 
ATOM   606  C CZ  . ARG A 1 95  ? 2.682   -7.251  -4.113  1.00 21.45 ? 1386 ARG A CZ  1 
ATOM   607  N NH1 . ARG A 1 95  ? 3.449   -8.074  -3.409  1.00 22.24 ? 1386 ARG A NH1 1 
ATOM   608  N NH2 . ARG A 1 95  ? 3.002   -6.951  -5.362  1.00 23.08 ? 1386 ARG A NH2 1 
ATOM   609  N N   . LEU A 1 96  ? -2.168  -5.539  2.362   1.00 12.91 ? 1387 LEU A N   1 
ATOM   610  C CA  . LEU A 1 96  ? -3.040  -5.869  3.526   1.00 14.28 ? 1387 LEU A CA  1 
ATOM   611  C C   . LEU A 1 96  ? -4.314  -4.999  3.513   1.00 13.70 ? 1387 LEU A C   1 
ATOM   612  O O   . LEU A 1 96  ? -5.383  -5.517  3.837   1.00 14.04 ? 1387 LEU A O   1 
ATOM   613  C CB  . LEU A 1 96  ? -2.252  -5.668  4.825   1.00 15.08 ? 1387 LEU A CB  1 
ATOM   614  C CG  . LEU A 1 96  ? -2.919  -5.975  6.154   1.00 18.07 ? 1387 LEU A CG  1 
ATOM   615  C CD1 . LEU A 1 96  ? -3.387  -7.408  6.197   1.00 17.44 ? 1387 LEU A CD1 1 
ATOM   616  C CD2 . LEU A 1 96  ? -1.950  -5.709  7.299   1.00 16.94 ? 1387 LEU A CD2 1 
ATOM   617  N N   . ILE A 1 97  ? -4.251  -3.733  3.105   1.00 13.63 ? 1388 ILE A N   1 
ATOM   618  C CA  . ILE A 1 97  ? -5.492  -2.921  2.974   1.00 13.42 ? 1388 ILE A CA  1 
ATOM   619  C C   . ILE A 1 97  ? -6.433  -3.694  2.059   1.00 14.26 ? 1388 ILE A C   1 
ATOM   620  O O   . ILE A 1 97  ? -7.636  -3.776  2.332   1.00 14.95 ? 1388 ILE A O   1 
ATOM   621  C CB  . ILE A 1 97  ? -5.137  -1.538  2.417   1.00 13.50 ? 1388 ILE A CB  1 
ATOM   622  C CG1 . ILE A 1 97  ? -4.245  -0.729  3.365   1.00 12.91 ? 1388 ILE A CG1 1 
ATOM   623  C CG2 . ILE A 1 97  ? -6.374  -0.780  2.037   1.00 14.48 ? 1388 ILE A CG2 1 
ATOM   624  C CD1 . ILE A 1 97  ? -3.651  0.564   2.800   1.00 13.69 ? 1388 ILE A CD1 1 
ATOM   625  N N   . PHE A 1 98  ? -5.935  -4.158  0.906   1.00 13.24 ? 1389 PHE A N   1 
ATOM   626  C CA  . PHE A 1 98  ? -6.820  -4.761  -0.128  1.00 15.17 ? 1389 PHE A CA  1 
ATOM   627  C C   . PHE A 1 98  ? -7.289  -6.129  0.354   1.00 15.25 ? 1389 PHE A C   1 
ATOM   628  O O   . PHE A 1 98  ? -8.465  -6.459  0.133   1.00 15.18 ? 1389 PHE A O   1 
ATOM   629  C CB  . PHE A 1 98  ? -6.119  -4.757  -1.486  1.00 15.80 ? 1389 PHE A CB  1 
ATOM   630  C CG  . PHE A 1 98  ? -5.736  -3.388  -1.992  1.00 15.39 ? 1389 PHE A CG  1 
ATOM   631  C CD1 . PHE A 1 98  ? -6.663  -2.362  -2.000  1.00 17.89 ? 1389 PHE A CD1 1 
ATOM   632  C CD2 . PHE A 1 98  ? -4.462  -3.125  -2.463  1.00 16.93 ? 1389 PHE A CD2 1 
ATOM   633  C CE1 . PHE A 1 98  ? -6.334  -1.085  -2.468  1.00 18.85 ? 1389 PHE A CE1 1 
ATOM   634  C CE2 . PHE A 1 98  ? -4.157  -1.830  -2.939  1.00 17.01 ? 1389 PHE A CE2 1 
ATOM   635  C CZ  . PHE A 1 98  ? -5.078  -0.848  -2.890  1.00 18.89 ? 1389 PHE A CZ  1 
ATOM   636  N N   . SER A 1 99  ? -6.438  -6.938  0.988   1.00 14.00 ? 1390 SER A N   1 
ATOM   637  C CA  . SER A 1 99  ? -6.927  -8.251  1.503   1.00 15.49 ? 1390 SER A CA  1 
ATOM   638  C C   . SER A 1 99  ? -7.953  -8.079  2.610   1.00 14.95 ? 1390 SER A C   1 
ATOM   639  O O   . SER A 1 99  ? -8.899  -8.882  2.679   1.00 15.12 ? 1390 SER A O   1 
ATOM   640  C CB  . SER A 1 99  ? -5.788  -9.170  1.884   1.00 16.63 ? 1390 SER A CB  1 
ATOM   641  O OG  . SER A 1 99  ? -5.030  -8.588  2.898   1.00 17.88 ? 1390 SER A OG  1 
ATOM   642  N N   . ASN A 1 100 ? -7.768  -7.092  3.494   1.00 15.74 ? 1391 ASN A N   1 
ATOM   643  C CA  . ASN A 1 100 ? -8.694  -6.789  4.619   1.00 15.91 ? 1391 ASN A CA  1 
ATOM   644  C C   . ASN A 1 100 ? -10.056 -6.355  4.068   1.00 16.17 ? 1391 ASN A C   1 
ATOM   645  O O   . ASN A 1 100 ? -11.104 -6.781  4.600   1.00 16.34 ? 1391 ASN A O   1 
ATOM   646  C CB  . ASN A 1 100 ? -8.174  -5.687  5.538   1.00 16.36 ? 1391 ASN A CB  1 
ATOM   647  C CG  . ASN A 1 100 ? -7.070  -6.128  6.478   1.00 15.46 ? 1391 ASN A CG  1 
ATOM   648  O OD1 . ASN A 1 100 ? -6.797  -7.318  6.615   1.00 15.94 ? 1391 ASN A OD1 1 
ATOM   649  N ND2 . ASN A 1 100 ? -6.433  -5.179  7.134   1.00 16.49 ? 1391 ASN A ND2 1 
ATOM   650  N N   . SER A 1 101 ? -10.061 -5.512  3.036   1.00 16.25 ? 1392 SER A N   1 
ATOM   651  C CA  . SER A 1 101 ? -11.319 -5.072  2.384   1.00 17.27 ? 1392 SER A CA  1 
ATOM   652  C C   . SER A 1 101 ? -12.042 -6.297  1.819   1.00 17.67 ? 1392 SER A C   1 
ATOM   653  O O   . SER A 1 101 ? -13.274 -6.392  1.997   1.00 19.64 ? 1392 SER A O   1 
ATOM   654  C CB  . SER A 1 101 ? -11.068 -4.030  1.324   1.00 17.50 ? 1392 SER A CB  1 
ATOM   655  O OG  . SER A 1 101 ? -12.301 -3.554  0.784   1.00 19.32 ? 1392 SER A OG  1 
ATOM   656  N N   . LYS A 1 102 ? -11.305 -7.205  1.178   1.00 18.27 ? 1393 LYS A N   1 
ATOM   657  C CA  . LYS A 1 102 ? -11.856 -8.456  0.590   1.00 18.01 ? 1393 LYS A CA  1 
ATOM   658  C C   . LYS A 1 102 ? -12.456 -9.347  1.699   1.00 19.22 ? 1393 LYS A C   1 
ATOM   659  O O   . LYS A 1 102 ? -13.518 -9.976  1.444   1.00 17.42 ? 1393 LYS A O   1 
ATOM   660  C CB  . LYS A 1 102 ? -10.764 -9.205  -0.181  1.00 18.62 ? 1393 LYS A CB  1 
ATOM   661  C CG  . LYS A 1 102 ? -11.270 -10.400 -0.971  1.00 19.42 ? 1393 LYS A CG  1 
ATOM   662  C CD  . LYS A 1 102 ? -10.182 -11.111 -1.743  1.00 21.21 ? 1393 LYS A CD  1 
ATOM   663  C CE  . LYS A 1 102 ? -10.760 -12.134 -2.694  1.00 22.50 ? 1393 LYS A CE  1 
ATOM   664  N NZ  . LYS A 1 102 ? -9.759  -12.606 -3.678  1.00 24.75 ? 1393 LYS A NZ  1 
ATOM   665  N N   . ALA A 1 103 ? -11.821 -9.413  2.877   1.00 20.20 ? 1394 ALA A N   1 
ATOM   666  C CA  . ALA A 1 103 ? -12.285 -10.257 4.007   1.00 21.82 ? 1394 ALA A CA  1 
ATOM   667  C C   . ALA A 1 103 ? -13.598 -9.699  4.574   1.00 24.30 ? 1394 ALA A C   1 
ATOM   668  O O   . ALA A 1 103 ? -14.444 -10.500 5.006   1.00 20.70 ? 1394 ALA A O   1 
ATOM   669  C CB  . ALA A 1 103 ? -11.222 -10.356 5.074   1.00 21.44 ? 1394 ALA A CB  1 
ATOM   670  N N   . TYR A 1 104 ? -13.781 -8.377  4.583   1.00 25.94 ? 1395 TYR A N   1 
ATOM   671  C CA  . TYR A 1 104 ? -14.985 -7.722  5.165   1.00 29.98 ? 1395 TYR A CA  1 
ATOM   672  C C   . TYR A 1 104 ? -16.157 -7.734  4.174   1.00 32.04 ? 1395 TYR A C   1 
ATOM   673  O O   . TYR A 1 104 ? -17.290 -7.923  4.626   1.00 32.16 ? 1395 TYR A O   1 
ATOM   674  C CB  . TYR A 1 104 ? -14.693 -6.286  5.600   1.00 33.22 ? 1395 TYR A CB  1 
ATOM   675  C CG  . TYR A 1 104 ? -15.896 -5.565  6.154   1.00 36.68 ? 1395 TYR A CG  1 
ATOM   676  C CD1 . TYR A 1 104 ? -16.222 -5.642  7.497   1.00 37.63 ? 1395 TYR A CD1 1 
ATOM   677  C CD2 . TYR A 1 104 ? -16.726 -4.824  5.329   1.00 38.44 ? 1395 TYR A CD2 1 
ATOM   678  C CE1 . TYR A 1 104 ? -17.329 -4.985  8.011   1.00 39.96 ? 1395 TYR A CE1 1 
ATOM   679  C CE2 . TYR A 1 104 ? -17.843 -4.167  5.824   1.00 41.70 ? 1395 TYR A CE2 1 
ATOM   680  C CZ  . TYR A 1 104 ? -18.145 -4.246  7.172   1.00 42.11 ? 1395 TYR A CZ  1 
ATOM   681  O OH  . TYR A 1 104 ? -19.241 -3.606  7.681   1.00 46.20 ? 1395 TYR A OH  1 
ATOM   682  N N   . THR A 1 105 ? -15.904 -7.492  2.884   1.00 35.08 ? 1396 THR A N   1 
ATOM   683  C CA  . THR A 1 105 ? -16.941 -7.182  1.857   1.00 37.57 ? 1396 THR A CA  1 
ATOM   684  C C   . THR A 1 105 ? -17.849 -8.400  1.647   1.00 41.52 ? 1396 THR A C   1 
ATOM   685  O O   . THR A 1 105 ? -17.416 -9.536  1.834   1.00 41.80 ? 1396 THR A O   1 
ATOM   686  C CB  . THR A 1 105 ? -16.274 -6.645  0.582   1.00 38.92 ? 1396 THR A CB  1 
ATOM   687  O OG1 . THR A 1 105 ? -17.264 -5.976  -0.201  1.00 38.99 ? 1396 THR A OG1 1 
ATOM   688  C CG2 . THR A 1 105 ? -15.580 -7.706  -0.243  1.00 37.50 ? 1396 THR A CG2 1 
ATOM   689  N N   . PRO A 1 106 ? -19.147 -8.208  1.294   1.00 41.31 ? 1397 PRO A N   1 
ATOM   690  C CA  . PRO A 1 106 ? -20.084 -9.320  1.123   1.00 41.94 ? 1397 PRO A CA  1 
ATOM   691  C C   . PRO A 1 106 ? -20.358 -9.829  -0.303  1.00 42.74 ? 1397 PRO A C   1 
ATOM   692  O O   . PRO A 1 106 ? -21.013 -10.861 -0.401  1.00 42.67 ? 1397 PRO A O   1 
ATOM   693  C CB  . PRO A 1 106 ? -21.366 -8.666  1.656   1.00 42.58 ? 1397 PRO A CB  1 
ATOM   694  C CG  . PRO A 1 106 ? -21.294 -7.253  1.109   1.00 42.69 ? 1397 PRO A CG  1 
ATOM   695  C CD  . PRO A 1 106 ? -19.819 -6.907  1.121   1.00 42.02 ? 1397 PRO A CD  1 
ATOM   696  N N   . SER A 1 107 ? -19.889 -9.123  -1.345  1.00 41.87 ? 1398 SER A N   1 
ATOM   697  C CA  . SER A 1 107 ? -20.160 -9.428  -2.780  1.00 41.86 ? 1398 SER A CA  1 
ATOM   698  C C   . SER A 1 107 ? -18.926 -9.163  -3.653  1.00 43.86 ? 1398 SER A C   1 
ATOM   699  O O   . SER A 1 107 ? -18.082 -8.336  -3.255  1.00 38.04 ? 1398 SER A O   1 
ATOM   700  C CB  . SER A 1 107 ? -21.331 -8.629  -3.302  1.00 40.42 ? 1398 SER A CB  1 
ATOM   701  O OG  . SER A 1 107 ? -22.198 -8.238  -2.253  1.00 37.75 ? 1398 SER A OG  1 
ATOM   702  N N   . LYS A 1 108 ? -18.863 -9.825  -4.818  1.00 48.42 ? 1399 LYS A N   1 
ATOM   703  C CA  . LYS A 1 108 ? -17.910 -9.532  -5.929  1.00 52.30 ? 1399 LYS A CA  1 
ATOM   704  C C   . LYS A 1 108 ? -18.353 -8.259  -6.664  1.00 54.00 ? 1399 LYS A C   1 
ATOM   705  O O   . LYS A 1 108 ? -17.534 -7.721  -7.439  1.00 55.33 ? 1399 LYS A O   1 
ATOM   706  C CB  . LYS A 1 108 ? -17.838 -10.693 -6.929  1.00 55.59 ? 1399 LYS A CB  1 
ATOM   707  C CG  . LYS A 1 108 ? -17.056 -11.923 -6.478  1.00 57.67 ? 1399 LYS A CG  1 
ATOM   708  C CD  . LYS A 1 108 ? -15.570 -11.688 -6.266  1.00 59.76 ? 1399 LYS A CD  1 
ATOM   709  C CE  . LYS A 1 108 ? -14.822 -11.340 -7.537  1.00 60.36 ? 1399 LYS A CE  1 
ATOM   710  N NZ  . LYS A 1 108 ? -13.358 -11.276 -7.312  1.00 60.40 ? 1399 LYS A NZ  1 
ATOM   711  N N   . ARG A 1 109 ? -19.598 -7.817  -6.444  1.00 52.87 ? 1400 ARG A N   1 
ATOM   712  C CA  . ARG A 1 109 ? -20.179 -6.564  -7.008  1.00 52.37 ? 1400 ARG A CA  1 
ATOM   713  C C   . ARG A 1 109 ? -20.567 -5.620  -5.861  1.00 47.37 ? 1400 ARG A C   1 
ATOM   714  O O   . ARG A 1 109 ? -21.576 -4.902  -5.995  1.00 49.62 ? 1400 ARG A O   1 
ATOM   715  C CB  . ARG A 1 109 ? -21.365 -6.850  -7.943  1.00 54.41 ? 1400 ARG A CB  1 
ATOM   716  C CG  . ARG A 1 109 ? -21.849 -8.293  -7.975  1.00 55.96 ? 1400 ARG A CG  1 
ATOM   717  C CD  . ARG A 1 109 ? -22.692 -8.686  -6.774  1.00 56.65 ? 1400 ARG A CD  1 
ATOM   718  N NE  . ARG A 1 109 ? -24.027 -8.097  -6.783  1.00 55.99 ? 1400 ARG A NE  1 
ATOM   719  C CZ  . ARG A 1 109 ? -24.442 -7.085  -6.019  1.00 53.39 ? 1400 ARG A CZ  1 
ATOM   720  N NH1 . ARG A 1 109 ? -25.688 -6.659  -6.128  1.00 52.52 ? 1400 ARG A NH1 1 
ATOM   721  N NH2 . ARG A 1 109 ? -23.633 -6.500  -5.150  1.00 53.14 ? 1400 ARG A NH2 1 
ATOM   722  N N   . SER A 1 110 ? -19.787 -5.623  -4.776  1.00 42.32 ? 1401 SER A N   1 
ATOM   723  C CA  . SER A 1 110 ? -19.829 -4.601  -3.695  1.00 38.66 ? 1401 SER A CA  1 
ATOM   724  C C   . SER A 1 110 ? -19.174 -3.320  -4.225  1.00 35.96 ? 1401 SER A C   1 
ATOM   725  O O   . SER A 1 110 ? -18.201 -3.439  -4.999  1.00 34.76 ? 1401 SER A O   1 
ATOM   726  C CB  . SER A 1 110 ? -19.168 -5.116  -2.428  1.00 38.72 ? 1401 SER A CB  1 
ATOM   727  O OG  . SER A 1 110 ? -18.373 -4.118  -1.800  1.00 39.27 ? 1401 SER A OG  1 
ATOM   728  N N   . ARG A 1 111 ? -19.708 -2.150  -3.862  1.00 33.45 ? 1402 ARG A N   1 
ATOM   729  C CA  . ARG A 1 111 ? -19.179 -0.825  -4.289  1.00 32.32 ? 1402 ARG A CA  1 
ATOM   730  C C   . ARG A 1 111 ? -17.724 -0.714  -3.827  1.00 29.69 ? 1402 ARG A C   1 
ATOM   731  O O   . ARG A 1 111 ? -16.842 -0.560  -4.688  1.00 29.26 ? 1402 ARG A O   1 
ATOM   732  C CB  . ARG A 1 111 ? -20.009 0.324   -3.703  1.00 33.56 ? 1402 ARG A CB  1 
ATOM   733  C CG  . ARG A 1 111 ? -19.416 1.708   -3.931  1.00 35.03 ? 1402 ARG A CG  1 
ATOM   734  C CD  . ARG A 1 111 ? -19.365 2.098   -5.401  1.00 37.38 ? 1402 ARG A CD  1 
ATOM   735  N NE  . ARG A 1 111 ? -18.443 3.200   -5.664  1.00 40.96 ? 1402 ARG A NE  1 
ATOM   736  C CZ  . ARG A 1 111 ? -18.716 4.498   -5.533  1.00 41.28 ? 1402 ARG A CZ  1 
ATOM   737  N NH1 . ARG A 1 111 ? -19.906 4.910   -5.128  1.00 42.33 ? 1402 ARG A NH1 1 
ATOM   738  N NH2 . ARG A 1 111 ? -17.782 5.393   -5.804  1.00 42.62 ? 1402 ARG A NH2 1 
ATOM   739  N N   . ILE A 1 112 ? -17.510 -0.797  -2.513  1.00 26.81 ? 1403 ILE A N   1 
ATOM   740  C CA  . ILE A 1 112 ? -16.160 -0.772  -1.867  1.00 24.93 ? 1403 ILE A CA  1 
ATOM   741  C C   . ILE A 1 112 ? -15.264 -1.797  -2.569  1.00 24.97 ? 1403 ILE A C   1 
ATOM   742  O O   . ILE A 1 112 ? -14.073 -1.503  -2.785  1.00 17.95 ? 1403 ILE A O   1 
ATOM   743  C CB  . ILE A 1 112 ? -16.249 -1.068  -0.358  1.00 27.00 ? 1403 ILE A CB  1 
ATOM   744  C CG1 . ILE A 1 112 ? -17.128 -0.063  0.385   1.00 28.92 ? 1403 ILE A CG1 1 
ATOM   745  C CG2 . ILE A 1 112 ? -14.862 -1.165  0.273   1.00 26.69 ? 1403 ILE A CG2 1 
ATOM   746  C CD1 . ILE A 1 112 ? -17.778 -0.667  1.595   1.00 30.00 ? 1403 ILE A CD1 1 
ATOM   747  N N   . TYR A 1 113 ? -15.794 -2.982  -2.875  1.00 24.61 ? 1404 TYR A N   1 
ATOM   748  C CA  . TYR A 1 113 ? -14.980 -4.060  -3.495  1.00 26.97 ? 1404 TYR A CA  1 
ATOM   749  C C   . TYR A 1 113 ? -14.546 -3.602  -4.895  1.00 26.71 ? 1404 TYR A C   1 
ATOM   750  O O   . TYR A 1 113 ? -13.361 -3.766  -5.198  1.00 25.09 ? 1404 TYR A O   1 
ATOM   751  C CB  . TYR A 1 113 ? -15.702 -5.410  -3.505  1.00 29.79 ? 1404 TYR A CB  1 
ATOM   752  C CG  . TYR A 1 113 ? -14.829 -6.548  -3.967  1.00 31.03 ? 1404 TYR A CG  1 
ATOM   753  C CD1 . TYR A 1 113 ? -13.655 -6.871  -3.299  1.00 32.34 ? 1404 TYR A CD1 1 
ATOM   754  C CD2 . TYR A 1 113 ? -15.144 -7.273  -5.102  1.00 30.61 ? 1404 TYR A CD2 1 
ATOM   755  C CE1 . TYR A 1 113 ? -12.837 -7.905  -3.731  1.00 33.33 ? 1404 TYR A CE1 1 
ATOM   756  C CE2 . TYR A 1 113 ? -14.338 -8.306  -5.549  1.00 32.48 ? 1404 TYR A CE2 1 
ATOM   757  C CZ  . TYR A 1 113 ? -13.182 -8.630  -4.859  1.00 32.74 ? 1404 TYR A CZ  1 
ATOM   758  O OH  . TYR A 1 113 ? -12.397 -9.649  -5.320  1.00 33.01 ? 1404 TYR A OH  1 
ATOM   759  N N   . SER A 1 114 ? -15.454 -3.014  -5.685  1.00 25.65 ? 1405 SER A N   1 
ATOM   760  C CA  . SER A 1 114 ? -15.175 -2.476  -7.047  1.00 26.55 ? 1405 SER A CA  1 
ATOM   761  C C   . SER A 1 114 ? -14.086 -1.398  -6.952  1.00 23.95 ? 1405 SER A C   1 
ATOM   762  O O   . SER A 1 114 ? -13.189 -1.382  -7.810  1.00 23.54 ? 1405 SER A O   1 
ATOM   763  C CB  . SER A 1 114 ? -16.429 -1.958  -7.730  1.00 27.52 ? 1405 SER A CB  1 
ATOM   764  O OG  . SER A 1 114 ? -16.727 -0.631  -7.329  1.00 29.42 ? 1405 SER A OG  1 
ATOM   765  N N   . MET A 1 115 ? -14.133 -0.558  -5.917  1.00 20.00 ? 1406 MET A N   1 
ATOM   766  C CA  . MET A 1 115 ? -13.113 0.503   -5.700  1.00 17.51 ? 1406 MET A CA  1 
ATOM   767  C C   . MET A 1 115 ? -11.784 -0.133  -5.265  1.00 16.32 ? 1406 MET A C   1 
ATOM   768  O O   . MET A 1 115 ? -10.717 0.278   -5.794  1.00 14.61 ? 1406 MET A O   1 
ATOM   769  C CB  . MET A 1 115 ? -13.590 1.502   -4.649  1.00 16.93 ? 1406 MET A CB  1 
ATOM   770  C CG  . MET A 1 115 ? -14.886 2.171   -5.055  1.00 17.56 ? 1406 MET A CG  1 
ATOM   771  S SD  . MET A 1 115 ? -15.749 2.969   -3.691  1.00 19.38 ? 1406 MET A SD  1 
ATOM   772  C CE  . MET A 1 115 ? -14.735 4.426   -3.588  1.00 15.19 ? 1406 MET A CE  1 
ATOM   773  N N   . SER A 1 116 ? -11.825 -1.104  -4.347  1.00 16.67 ? 1407 SER A N   1 
ATOM   774  C CA  . SER A 1 116 ? -10.596 -1.768  -3.840  1.00 17.00 ? 1407 SER A CA  1 
ATOM   775  C C   . SER A 1 116 ? -9.841  -2.379  -5.033  1.00 16.69 ? 1407 SER A C   1 
ATOM   776  O O   . SER A 1 116 ? -8.619  -2.217  -5.120  1.00 15.68 ? 1407 SER A O   1 
ATOM   777  C CB  . SER A 1 116 ? -10.918 -2.780  -2.739  1.00 18.60 ? 1407 SER A CB  1 
ATOM   778  O OG  . SER A 1 116 ? -11.164 -4.072  -3.248  1.00 21.27 ? 1407 SER A OG  1 
ATOM   779  N N   . LEU A 1 117 ? -10.560 -3.032  -5.944  1.00 16.67 ? 1408 LEU A N   1 
ATOM   780  C CA  . LEU A 1 117 ? -9.939  -3.729  -7.101  1.00 17.45 ? 1408 LEU A CA  1 
ATOM   781  C C   . LEU A 1 117 ? -9.336  -2.724  -8.102  1.00 16.05 ? 1408 LEU A C   1 
ATOM   782  O O   . LEU A 1 117 ? -8.232  -2.983  -8.605  1.00 16.50 ? 1408 LEU A O   1 
ATOM   783  C CB  . LEU A 1 117 ? -10.958 -4.629  -7.776  1.00 19.82 ? 1408 LEU A CB  1 
ATOM   784  C CG  . LEU A 1 117 ? -11.444 -5.811  -6.948  1.00 22.21 ? 1408 LEU A CG  1 
ATOM   785  C CD1 . LEU A 1 117 ? -12.348 -6.676  -7.824  1.00 25.48 ? 1408 LEU A CD1 1 
ATOM   786  C CD2 . LEU A 1 117 ? -10.302 -6.650  -6.376  1.00 25.97 ? 1408 LEU A CD2 1 
ATOM   787  N N   . ARG A 1 118 ? -10.012 -1.602  -8.350  1.00 15.01 ? 1409 ARG A N   1 
ATOM   788  C CA  . ARG A 1 118 ? -9.425  -0.581  -9.258  1.00 15.33 ? 1409 ARG A CA  1 
ATOM   789  C C   . ARG A 1 118 ? -8.182  0.022   -8.600  1.00 14.58 ? 1409 ARG A C   1 
ATOM   790  O O   . ARG A 1 118 ? -7.118  0.183   -9.292  1.00 14.78 ? 1409 ARG A O   1 
ATOM   791  C CB  . ARG A 1 118 ? -10.439 0.508   -9.598  1.00 15.42 ? 1409 ARG A CB  1 
ATOM   792  C CG  . ARG A 1 118 ? -11.596 0.033   -10.486 1.00 15.94 ? 1409 ARG A CG  1 
ATOM   793  C CD  . ARG A 1 118 ? -12.422 1.214   -10.960 1.00 17.73 ? 1409 ARG A CD  1 
ATOM   794  N NE  . ARG A 1 118 ? -13.048 1.938   -9.909  1.00 18.42 ? 1409 ARG A NE  1 
ATOM   795  C CZ  . ARG A 1 118 ? -14.338 1.839   -9.559  1.00 20.56 ? 1409 ARG A CZ  1 
ATOM   796  N NH1 . ARG A 1 118 ? -15.112 0.942   -10.132 1.00 21.68 ? 1409 ARG A NH1 1 
ATOM   797  N NH2 . ARG A 1 118 ? -14.791 2.566   -8.546  1.00 20.67 ? 1409 ARG A NH2 1 
ATOM   798  N N   . LEU A 1 119 ? -8.274  0.383   -7.317  1.00 13.85 ? 1410 LEU A N   1 
ATOM   799  C CA  . LEU A 1 119 ? -7.120  1.002   -6.671  1.00 14.26 ? 1410 LEU A CA  1 
ATOM   800  C C   . LEU A 1 119 ? -5.927  0.044   -6.604  1.00 13.38 ? 1410 LEU A C   1 
ATOM   801  O O   . LEU A 1 119 ? -4.764  0.481   -6.770  1.00 14.29 ? 1410 LEU A O   1 
ATOM   802  C CB  . LEU A 1 119 ? -7.541  1.495   -5.295  1.00 14.80 ? 1410 LEU A CB  1 
ATOM   803  C CG  . LEU A 1 119 ? -6.581  2.518   -4.668  1.00 16.10 ? 1410 LEU A CG  1 
ATOM   804  C CD1 . LEU A 1 119 ? -6.557  3.793   -5.513  1.00 17.88 ? 1410 LEU A CD1 1 
ATOM   805  C CD2 . LEU A 1 119 ? -6.989  2.819   -3.246  1.00 15.89 ? 1410 LEU A CD2 1 
ATOM   806  N N   . SER A 1 120 ? -6.170  -1.241  -6.344  1.00 12.69 ? 1411 SER A N   1 
ATOM   807  C CA  . SER A 1 120 ? -5.114  -2.261  -6.322  1.00 13.68 ? 1411 SER A CA  1 
ATOM   808  C C   . SER A 1 120 ? -4.428  -2.325  -7.684  1.00 14.31 ? 1411 SER A C   1 
ATOM   809  O O   . SER A 1 120 ? -3.190  -2.410  -7.758  1.00 13.67 ? 1411 SER A O   1 
ATOM   810  C CB  . SER A 1 120 ? -5.698  -3.592  -5.884  1.00 14.08 ? 1411 SER A CB  1 
ATOM   811  O OG  . SER A 1 120 ? -4.741  -4.635  -6.022  1.00 16.29 ? 1411 SER A OG  1 
ATOM   812  N N   . ALA A 1 121 ? -5.195  -2.345  -8.785  1.00 14.26 ? 1412 ALA A N   1 
ATOM   813  C CA  . ALA A 1 121 ? -4.577  -2.415  -10.123 1.00 13.81 ? 1412 ALA A CA  1 
ATOM   814  C C   . ALA A 1 121 ? -3.694  -1.206  -10.380 1.00 13.59 ? 1412 ALA A C   1 
ATOM   815  O O   . ALA A 1 121 ? -2.598  -1.329  -10.894 1.00 13.90 ? 1412 ALA A O   1 
ATOM   816  C CB  . ALA A 1 121 ? -5.667  -2.520  -11.166 1.00 14.99 ? 1412 ALA A CB  1 
ATOM   817  N N   . PHE A 1 122 ? -4.158  -0.035  -9.947  1.00 12.84 ? 1413 PHE A N   1 
ATOM   818  C CA  . PHE A 1 122 ? -3.362  1.209   -10.100 1.00 13.26 ? 1413 PHE A CA  1 
ATOM   819  C C   . PHE A 1 122 ? -2.059  1.122   -9.288  1.00 14.13 ? 1413 PHE A C   1 
ATOM   820  O O   . PHE A 1 122 ? -0.976  1.409   -9.783  1.00 14.40 ? 1413 PHE A O   1 
ATOM   821  C CB  . PHE A 1 122 ? -4.202  2.409   -9.677  1.00 13.91 ? 1413 PHE A CB  1 
ATOM   822  C CG  . PHE A 1 122 ? -3.471  3.717   -9.696  1.00 16.22 ? 1413 PHE A CG  1 
ATOM   823  C CD1 . PHE A 1 122 ? -3.302  4.405   -10.879 1.00 16.84 ? 1413 PHE A CD1 1 
ATOM   824  C CD2 . PHE A 1 122 ? -2.919  4.275   -8.555  1.00 18.13 ? 1413 PHE A CD2 1 
ATOM   825  C CE1 . PHE A 1 122 ? -2.627  5.618   -10.915 1.00 19.97 ? 1413 PHE A CE1 1 
ATOM   826  C CE2 . PHE A 1 122 ? -2.251  5.493   -8.592  1.00 19.29 ? 1413 PHE A CE2 1 
ATOM   827  C CZ  . PHE A 1 122 ? -2.111  6.169   -9.778  1.00 19.37 ? 1413 PHE A CZ  1 
ATOM   828  N N   . PHE A 1 123 ? -2.200  0.692   -8.034  1.00 13.32 ? 1414 PHE A N   1 
ATOM   829  C CA  . PHE A 1 123 ? -1.047  0.568   -7.147  1.00 13.51 ? 1414 PHE A CA  1 
ATOM   830  C C   . PHE A 1 123 ? -0.038  -0.407  -7.748  1.00 13.86 ? 1414 PHE A C   1 
ATOM   831  O O   . PHE A 1 123 ? 1.176   -0.111  -7.817  1.00 13.77 ? 1414 PHE A O   1 
ATOM   832  C CB  . PHE A 1 123 ? -1.460  0.161   -5.722  1.00 13.44 ? 1414 PHE A CB  1 
ATOM   833  C CG  . PHE A 1 123 ? -0.287  -0.175  -4.822  1.00 14.36 ? 1414 PHE A CG  1 
ATOM   834  C CD1 . PHE A 1 123 ? 0.508   0.841   -4.296  1.00 14.02 ? 1414 PHE A CD1 1 
ATOM   835  C CD2 . PHE A 1 123 ? 0.062   -1.507  -4.566  1.00 14.32 ? 1414 PHE A CD2 1 
ATOM   836  C CE1 . PHE A 1 123 ? 1.617   0.493   -3.492  1.00 14.58 ? 1414 PHE A CE1 1 
ATOM   837  C CE2 . PHE A 1 123 ? 1.159   -1.821  -3.772  1.00 15.21 ? 1414 PHE A CE2 1 
ATOM   838  C CZ  . PHE A 1 123 ? 1.943   -0.830  -3.269  1.00 15.67 ? 1414 PHE A CZ  1 
ATOM   839  N N   . GLU A 1 124 ? -0.484  -1.607  -8.142  1.00 12.86 ? 1415 GLU A N   1 
ATOM   840  C CA  . GLU A 1 124 ? 0.441   -2.629  -8.661  1.00 14.07 ? 1415 GLU A CA  1 
ATOM   841  C C   . GLU A 1 124 ? 1.158   -2.150  -9.921  1.00 13.56 ? 1415 GLU A C   1 
ATOM   842  O O   . GLU A 1 124 ? 2.357   -2.444  -10.135 1.00 15.22 ? 1415 GLU A O   1 
ATOM   843  C CB  . GLU A 1 124 ? -0.274  -3.953  -8.917  1.00 15.43 ? 1415 GLU A CB  1 
ATOM   844  C CG  . GLU A 1 124 ? -0.762  -4.607  -7.621  1.00 16.87 ? 1415 GLU A CG  1 
ATOM   845  C CD  . GLU A 1 124 ? 0.304   -5.077  -6.631  1.00 17.18 ? 1415 GLU A CD  1 
ATOM   846  O OE1 . GLU A 1 124 ? 1.419   -5.365  -7.073  1.00 19.64 ? 1415 GLU A OE1 1 
ATOM   847  O OE2 . GLU A 1 124 ? -0.004  -5.201  -5.401  1.00 17.22 ? 1415 GLU A OE2 1 
ATOM   848  N N   . GLU A 1 125 ? 0.429   -1.460  -10.817 1.00 14.20 ? 1416 GLU A N   1 
ATOM   849  C CA  . GLU A 1 125 ? 1.004   -0.903  -12.065 1.00 15.52 ? 1416 GLU A CA  1 
ATOM   850  C C   . GLU A 1 125 ? 2.186   0.015   -11.743 1.00 15.06 ? 1416 GLU A C   1 
ATOM   851  O O   . GLU A 1 125 ? 3.211   0.016   -12.459 1.00 16.60 ? 1416 GLU A O   1 
ATOM   852  C CB  . GLU A 1 125 ? -0.144  -0.161  -12.768 1.00 15.41 ? 1416 GLU A CB  1 
ATOM   853  C CG  . GLU A 1 125 ? 0.270   0.633   -14.001 1.00 16.07 ? 1416 GLU A CG  1 
ATOM   854  C CD  . GLU A 1 125 ? -0.945  1.270   -14.657 1.00 18.07 ? 1416 GLU A CD  1 
ATOM   855  O OE1 . GLU A 1 125 ? -1.813  0.500   -15.146 1.00 18.25 ? 1416 GLU A OE1 1 
ATOM   856  O OE2 . GLU A 1 125 ? -1.095  2.498   -14.586 1.00 18.76 ? 1416 GLU A OE2 1 
ATOM   857  N N   . HIS A 1 126 ? 2.058   0.807   -10.676 1.00 13.86 ? 1417 HIS A N   1 
ATOM   858  C CA  . HIS A 1 126 ? 3.067   1.839   -10.315 1.00 15.80 ? 1417 HIS A CA  1 
ATOM   859  C C   . HIS A 1 126 ? 4.179   1.321   -9.395  1.00 15.02 ? 1417 HIS A C   1 
ATOM   860  O O   . HIS A 1 126 ? 5.337   1.793   -9.505  1.00 17.74 ? 1417 HIS A O   1 
ATOM   861  C CB  . HIS A 1 126 ? 2.386   3.082   -9.744  1.00 16.84 ? 1417 HIS A CB  1 
ATOM   862  C CG  . HIS A 1 126 ? 1.682   3.877   -10.791 1.00 19.65 ? 1417 HIS A CG  1 
ATOM   863  N ND1 . HIS A 1 126 ? 0.451   3.519   -11.293 1.00 20.91 ? 1417 HIS A ND1 1 
ATOM   864  C CD2 . HIS A 1 126 ? 2.017   5.035   -11.388 1.00 27.94 ? 1417 HIS A CD2 1 
ATOM   865  C CE1 . HIS A 1 126 ? 0.128   4.391   -12.244 1.00 25.08 ? 1417 HIS A CE1 1 
ATOM   866  N NE2 . HIS A 1 126 ? 1.011   5.317   -12.291 1.00 29.56 ? 1417 HIS A NE2 1 
ATOM   867  N N   . ILE A 1 127 ? 3.904   0.354   -8.528  1.00 14.25 ? 1418 ILE A N   1 
ATOM   868  C CA  . ILE A 1 127 ? 4.927   -0.118  -7.557  1.00 14.19 ? 1418 ILE A CA  1 
ATOM   869  C C   . ILE A 1 127 ? 5.948   -1.043  -8.225  1.00 14.14 ? 1418 ILE A C   1 
ATOM   870  O O   . ILE A 1 127 ? 7.071   -1.198  -7.686  1.00 14.34 ? 1418 ILE A O   1 
ATOM   871  C CB  . ILE A 1 127 ? 4.267   -0.807  -6.352  1.00 13.38 ? 1418 ILE A CB  1 
ATOM   872  C CG1 . ILE A 1 127 ? 5.180   -0.798  -5.101  1.00 14.49 ? 1418 ILE A CG1 1 
ATOM   873  C CG2 . ILE A 1 127 ? 3.796   -2.203  -6.658  1.00 14.29 ? 1418 ILE A CG2 1 
ATOM   874  C CD1 . ILE A 1 127 ? 5.505   0.523   -4.538  1.00 15.69 ? 1418 ILE A CD1 1 
ATOM   875  N N   A SER A 1 128 ? 5.606   -1.651  -9.365  0.25 14.20 ? 1419 SER A N   1 
ATOM   876  N N   B SER A 1 128 ? 5.594   -1.646  -9.368  0.25 14.92 ? 1419 SER A N   1 
ATOM   877  C CA  A SER A 1 128 ? 6.448   -2.663  -10.056 0.25 14.57 ? 1419 SER A CA  1 
ATOM   878  C CA  B SER A 1 128 ? 6.437   -2.641  -10.084 0.25 15.81 ? 1419 SER A CA  1 
ATOM   879  C C   A SER A 1 128 ? 7.858   -2.114  -10.336 0.25 14.79 ? 1419 SER A C   1 
ATOM   880  C C   B SER A 1 128 ? 7.853   -2.095  -10.298 0.25 15.62 ? 1419 SER A C   1 
ATOM   881  O O   A SER A 1 128 ? 8.842   -2.845  -10.092 0.25 15.04 ? 1419 SER A O   1 
ATOM   882  O O   B SER A 1 128 ? 8.817   -2.808  -9.969  0.25 16.68 ? 1419 SER A O   1 
ATOM   883  C CB  A SER A 1 128 ? 5.766   -3.120  -11.311 0.25 15.26 ? 1419 SER A CB  1 
ATOM   884  C CB  B SER A 1 128 ? 5.833   -3.052  -11.396 0.25 17.37 ? 1419 SER A CB  1 
ATOM   885  O OG  A SER A 1 128 ? 5.338   -2.001  -12.059 0.25 16.46 ? 1419 SER A OG  1 
ATOM   886  O OG  B SER A 1 128 ? 6.669   -4.025  -12.015 0.25 21.03 ? 1419 SER A OG  1 
ATOM   887  N N   . SER A 1 129 ? 7.978   -0.889  -10.849 1.00 14.30 ? 1420 SER A N   1 
ATOM   888  C CA  . SER A 1 129 ? 9.288   -0.311  -11.181 1.00 15.75 ? 1420 SER A CA  1 
ATOM   889  C C   . SER A 1 129 ? 10.011  0.084   -9.887  1.00 14.34 ? 1420 SER A C   1 
ATOM   890  O O   . SER A 1 129 ? 11.238  0.034   -9.866  1.00 14.80 ? 1420 SER A O   1 
ATOM   891  C CB  . SER A 1 129 ? 9.161   0.867   -12.105 1.00 18.89 ? 1420 SER A CB  1 
ATOM   892  O OG  . SER A 1 129 ? 8.398   1.904   -11.534 1.00 24.73 ? 1420 SER A OG  1 
ATOM   893  N N   . VAL A 1 130 ? 9.278   0.537   -8.879  1.00 13.45 ? 1421 VAL A N   1 
ATOM   894  C CA  . VAL A 1 130 ? 9.896   0.940   -7.574  1.00 13.65 ? 1421 VAL A CA  1 
ATOM   895  C C   . VAL A 1 130 ? 10.605  -0.282  -7.017  1.00 13.33 ? 1421 VAL A C   1 
ATOM   896  O O   . VAL A 1 130 ? 11.801  -0.214  -6.586  1.00 13.47 ? 1421 VAL A O   1 
ATOM   897  C CB  . VAL A 1 130 ? 8.861   1.498   -6.618  1.00 12.77 ? 1421 VAL A CB  1 
ATOM   898  C CG1 . VAL A 1 130 ? 9.489   1.841   -5.275  1.00 13.59 ? 1421 VAL A CG1 1 
ATOM   899  C CG2 . VAL A 1 130 ? 8.173   2.701   -7.197  1.00 14.19 ? 1421 VAL A CG2 1 
ATOM   900  N N   . LEU A 1 131 ? 9.951   -1.433  -6.975  1.00 13.03 ? 1422 LEU A N   1 
ATOM   901  C CA  . LEU A 1 131 ? 10.536  -2.665  -6.446  1.00 13.63 ? 1422 LEU A CA  1 
ATOM   902  C C   . LEU A 1 131 ? 11.709  -3.116  -7.296  1.00 13.24 ? 1422 LEU A C   1 
ATOM   903  O O   . LEU A 1 131 ? 12.767  -3.470  -6.769  1.00 14.28 ? 1422 LEU A O   1 
ATOM   904  C CB  . LEU A 1 131 ? 9.476   -3.777  -6.384  1.00 13.97 ? 1422 LEU A CB  1 
ATOM   905  C CG  . LEU A 1 131 ? 8.322   -3.535  -5.415  1.00 15.29 ? 1422 LEU A CG  1 
ATOM   906  C CD1 . LEU A 1 131 ? 7.177   -4.503  -5.666  1.00 18.85 ? 1422 LEU A CD1 1 
ATOM   907  C CD2 . LEU A 1 131 ? 8.780   -3.583  -3.958  1.00 17.02 ? 1422 LEU A CD2 1 
ATOM   908  N N   A SER A 1 132 ? 11.539  -3.124  -8.610  0.40 13.73 ? 1423 SER A N   1 
ATOM   909  N N   B SER A 1 132 ? 11.523  -3.089  -8.612  0.10 14.01 ? 1423 SER A N   1 
ATOM   910  C CA  A SER A 1 132 ? 12.626  -3.565  -9.532  0.40 14.16 ? 1423 SER A CA  1 
ATOM   911  C CA  B SER A 1 132 ? 12.544  -3.518  -9.600  0.10 14.51 ? 1423 SER A CA  1 
ATOM   912  C C   A SER A 1 132 ? 13.867  -2.684  -9.344  0.40 13.71 ? 1423 SER A C   1 
ATOM   913  C C   B SER A 1 132 ? 13.823  -2.687  -9.437  0.10 14.18 ? 1423 SER A C   1 
ATOM   914  O O   A SER A 1 132 ? 14.992  -3.236  -9.226  0.40 14.10 ? 1423 SER A O   1 
ATOM   915  O O   B SER A 1 132 ? 14.922  -3.280  -9.432  0.10 14.52 ? 1423 SER A O   1 
ATOM   916  C CB  A SER A 1 132 ? 12.167  -3.519  -10.980 0.40 14.49 ? 1423 SER A CB  1 
ATOM   917  C CB  B SER A 1 132 ? 11.999  -3.408  -10.990 0.10 14.91 ? 1423 SER A CB  1 
ATOM   918  O OG  A SER A 1 132 ? 11.155  -4.478  -11.218 0.40 15.96 ? 1423 SER A OG  1 
ATOM   919  O OG  B SER A 1 132 ? 12.586  -4.395  -11.810 0.10 16.09 ? 1423 SER A OG  1 
ATOM   920  N N   . ASP A 1 133 ? 13.678  -1.367  -9.307  1.00 13.63 ? 1424 ASP A N   1 
ATOM   921  C CA  . ASP A 1 133 ? 14.837  -0.457  -9.229  1.00 14.28 ? 1424 ASP A CA  1 
ATOM   922  C C   . ASP A 1 133 ? 15.551  -0.662  -7.879  1.00 13.02 ? 1424 ASP A C   1 
ATOM   923  O O   . ASP A 1 133 ? 16.792  -0.644  -7.824  1.00 14.25 ? 1424 ASP A O   1 
ATOM   924  C CB  . ASP A 1 133 ? 14.444  0.995   -9.445  1.00 15.99 ? 1424 ASP A CB  1 
ATOM   925  C CG  . ASP A 1 133 ? 14.088  1.395   -10.854 1.00 20.17 ? 1424 ASP A CG  1 
ATOM   926  O OD1 . ASP A 1 133 ? 14.176  0.541   -11.760 1.00 21.75 ? 1424 ASP A OD1 1 
ATOM   927  O OD2 . ASP A 1 133 ? 13.701  2.576   -11.003 1.00 27.62 ? 1424 ASP A OD2 1 
ATOM   928  N N   . TYR A 1 134 ? 14.806  -0.788  -6.766  1.00 12.29 ? 1425 TYR A N   1 
ATOM   929  C CA  . TYR A 1 134 ? 15.396  -1.028  -5.444  1.00 12.63 ? 1425 TYR A CA  1 
ATOM   930  C C   . TYR A 1 134 ? 16.219  -2.299  -5.466  1.00 13.04 ? 1425 TYR A C   1 
ATOM   931  O O   . TYR A 1 134 ? 17.369  -2.332  -4.984  1.00 13.52 ? 1425 TYR A O   1 
ATOM   932  C CB  . TYR A 1 134 ? 14.343  -1.026  -4.336  1.00 12.68 ? 1425 TYR A CB  1 
ATOM   933  C CG  . TYR A 1 134 ? 14.914  -1.345  -2.989  1.00 13.63 ? 1425 TYR A CG  1 
ATOM   934  C CD1 . TYR A 1 134 ? 15.595  -0.369  -2.269  1.00 13.84 ? 1425 TYR A CD1 1 
ATOM   935  C CD2 . TYR A 1 134 ? 14.780  -2.609  -2.451  1.00 16.68 ? 1425 TYR A CD2 1 
ATOM   936  C CE1 . TYR A 1 134 ? 16.126  -0.640  -1.028  1.00 15.70 ? 1425 TYR A CE1 1 
ATOM   937  C CE2 . TYR A 1 134 ? 15.271  -2.883  -1.196  1.00 16.65 ? 1425 TYR A CE2 1 
ATOM   938  C CZ  . TYR A 1 134 ? 15.973  -1.910  -0.522  1.00 16.77 ? 1425 TYR A CZ  1 
ATOM   939  O OH  . TYR A 1 134 ? 16.434  -2.190  0.759   1.00 21.01 ? 1425 TYR A OH  1 
ATOM   940  N N   . LYS A 1 135 ? 15.610  -3.402  -5.912  1.00 13.91 ? 1426 LYS A N   1 
ATOM   941  C CA  . LYS A 1 135 ? 16.322  -4.692  -5.867  1.00 13.73 ? 1426 LYS A CA  1 
ATOM   942  C C   . LYS A 1 135 ? 17.588  -4.648  -6.758  1.00 13.55 ? 1426 LYS A C   1 
ATOM   943  O O   . LYS A 1 135 ? 18.622  -5.190  -6.363  1.00 13.91 ? 1426 LYS A O   1 
ATOM   944  C CB  . LYS A 1 135 ? 15.335  -5.831  -6.225  1.00 14.36 ? 1426 LYS A CB  1 
ATOM   945  C CG  . LYS A 1 135 ? 14.204  -5.983  -5.205  1.00 15.41 ? 1426 LYS A CG  1 
ATOM   946  C CD  . LYS A 1 135 ? 13.179  -7.038  -5.644  1.00 16.94 ? 1426 LYS A CD  1 
ATOM   947  C CE  . LYS A 1 135 ? 12.052  -7.232  -4.646  1.00 21.03 ? 1426 LYS A CE  1 
ATOM   948  N NZ  . LYS A 1 135 ? 11.434  -8.582  -4.778  1.00 26.91 ? 1426 LYS A NZ  1 
ATOM   949  N N   A SER A 1 136 ? 17.502  -3.970  -7.901  0.40 13.45 ? 1427 SER A N   1 
ATOM   950  N N   B SER A 1 136 ? 17.540  -3.943  -7.892  0.10 13.86 ? 1427 SER A N   1 
ATOM   951  C CA  A SER A 1 136 ? 18.665  -3.768  -8.817  0.40 14.73 ? 1427 SER A CA  1 
ATOM   952  C CA  B SER A 1 136 ? 18.698  -3.809  -8.820  0.10 14.31 ? 1427 SER A CA  1 
ATOM   953  C C   A SER A 1 136 ? 19.764  -2.980  -8.086  0.40 14.26 ? 1427 SER A C   1 
ATOM   954  C C   B SER A 1 136 ? 19.766  -2.864  -8.235  0.10 14.34 ? 1427 SER A C   1 
ATOM   955  O O   A SER A 1 136 ? 20.944  -3.377  -8.128  0.40 13.45 ? 1427 SER A O   1 
ATOM   956  O O   B SER A 1 136 ? 20.951  -3.021  -8.596  0.10 14.22 ? 1427 SER A O   1 
ATOM   957  C CB  A SER A 1 136 ? 18.225  -3.037  -10.049 0.40 15.98 ? 1427 SER A CB  1 
ATOM   958  C CB  B SER A 1 136 ? 18.253  -3.379  -10.193 0.10 14.73 ? 1427 SER A CB  1 
ATOM   959  O OG  A SER A 1 136 ? 19.345  -2.618  -10.816 0.40 19.73 ? 1427 SER A OG  1 
ATOM   960  O OG  B SER A 1 136 ? 17.531  -2.158  -10.150 0.10 15.56 ? 1427 SER A OG  1 
ATOM   961  N N   . ALA A 1 137 ? 19.386  -1.924  -7.358  1.00 14.39 ? 1428 ALA A N   1 
ATOM   962  C CA  . ALA A 1 137 ? 20.353  -1.062  -6.644  1.00 16.05 ? 1428 ALA A CA  1 
ATOM   963  C C   . ALA A 1 137 ? 21.015  -1.899  -5.575  1.00 14.17 ? 1428 ALA A C   1 
ATOM   964  O O   . ALA A 1 137 ? 22.259  -1.777  -5.363  1.00 15.59 ? 1428 ALA A O   1 
ATOM   965  C CB  . ALA A 1 137 ? 19.653  0.100   -5.974  1.00 16.79 ? 1428 ALA A CB  1 
ATOM   966  N N   . LEU A 1 138 ? 20.326  -2.751  -4.845  1.00 14.72 ? 1429 LEU A N   1 
ATOM   967  C CA  . LEU A 1 138 ? 20.951  -3.533  -3.779  1.00 17.50 ? 1429 LEU A CA  1 
ATOM   968  C C   . LEU A 1 138 ? 21.882  -4.564  -4.408  1.00 15.47 ? 1429 LEU A C   1 
ATOM   969  O O   . LEU A 1 138 ? 22.986  -4.804  -3.874  1.00 15.55 ? 1429 LEU A O   1 
ATOM   970  C CB  . LEU A 1 138 ? 19.870  -4.229  -2.967  1.00 21.67 ? 1429 LEU A CB  1 
ATOM   971  C CG  . LEU A 1 138 ? 19.869  -4.044  -1.464  1.00 27.73 ? 1429 LEU A CG  1 
ATOM   972  C CD1 . LEU A 1 138 ? 20.227  -2.648  -0.975  1.00 30.00 ? 1429 LEU A CD1 1 
ATOM   973  C CD2 . LEU A 1 138 ? 18.547  -4.544  -0.926  1.00 23.97 ? 1429 LEU A CD2 1 
ATOM   974  N N   . ARG A 1 139 ? 21.490  -5.177  -5.533  1.00 13.52 ? 1430 ARG A N   1 
ATOM   975  C CA  . ARG A 1 139 ? 22.384  -6.127  -6.210  1.00 14.57 ? 1430 ARG A CA  1 
ATOM   976  C C   . ARG A 1 139 ? 23.659  -5.381  -6.661  1.00 13.86 ? 1430 ARG A C   1 
ATOM   977  O O   . ARG A 1 139 ? 24.788  -5.948  -6.477  1.00 15.69 ? 1430 ARG A O   1 
ATOM   978  C CB  . ARG A 1 139 ? 21.730  -6.804  -7.412  1.00 14.49 ? 1430 ARG A CB  1 
ATOM   979  C CG  . ARG A 1 139 ? 20.656  -7.820  -7.032  1.00 14.59 ? 1430 ARG A CG  1 
ATOM   980  C CD  . ARG A 1 139 ? 20.108  -8.593  -8.228  1.00 14.56 ? 1430 ARG A CD  1 
ATOM   981  N NE  . ARG A 1 139 ? 19.449  -7.828  -9.240  1.00 14.94 ? 1430 ARG A NE  1 
ATOM   982  C CZ  . ARG A 1 139 ? 18.138  -7.645  -9.338  1.00 14.27 ? 1430 ARG A CZ  1 
ATOM   983  N NH1 . ARG A 1 139 ? 17.324  -8.061  -8.371  1.00 15.92 ? 1430 ARG A NH1 1 
ATOM   984  N NH2 . ARG A 1 139 ? 17.677  -7.013  -10.384 1.00 15.20 ? 1430 ARG A NH2 1 
ATOM   985  N N   . PHE A 1 140 ? 23.561  -4.190  -7.226  1.00 13.56 ? 1431 PHE A N   1 
ATOM   986  C CA  . PHE A 1 140 ? 24.746  -3.419  -7.645  1.00 14.59 ? 1431 PHE A CA  1 
ATOM   987  C C   . PHE A 1 140 ? 25.648  -3.131  -6.438  1.00 14.71 ? 1431 PHE A C   1 
ATOM   988  O O   . PHE A 1 140 ? 26.882  -3.285  -6.493  1.00 15.44 ? 1431 PHE A O   1 
ATOM   989  C CB  . PHE A 1 140 ? 24.351  -2.160  -8.395  1.00 14.70 ? 1431 PHE A CB  1 
ATOM   990  C CG  . PHE A 1 140 ? 25.501  -1.412  -9.000  1.00 17.18 ? 1431 PHE A CG  1 
ATOM   991  C CD1 . PHE A 1 140 ? 26.070  -1.863  -10.194 1.00 20.10 ? 1431 PHE A CD1 1 
ATOM   992  C CD2 . PHE A 1 140 ? 26.012  -0.293  -8.381  1.00 18.30 ? 1431 PHE A CD2 1 
ATOM   993  C CE1 . PHE A 1 140 ? 27.132  -1.175  -10.761 1.00 19.99 ? 1431 PHE A CE1 1 
ATOM   994  C CE2 . PHE A 1 140 ? 27.104  0.379   -8.933  1.00 19.47 ? 1431 PHE A CE2 1 
ATOM   995  C CZ  . PHE A 1 140 ? 27.619  -0.053  -10.139 1.00 20.67 ? 1431 PHE A CZ  1 
ATOM   996  N N   . HIS A 1 141 ? 25.065  -2.789  -5.283  1.00 15.49 ? 1432 HIS A N   1 
ATOM   997  C CA  . HIS A 1 141 ? 25.843  -2.482  -4.050  1.00 17.72 ? 1432 HIS A CA  1 
ATOM   998  C C   . HIS A 1 141 ? 26.692  -3.691  -3.632  1.00 20.58 ? 1432 HIS A C   1 
ATOM   999  O O   . HIS A 1 141 ? 27.834  -3.512  -3.133  1.00 20.06 ? 1432 HIS A O   1 
ATOM   1000 C CB  . HIS A 1 141 ? 24.863  -2.048  -2.947  1.00 18.14 ? 1432 HIS A CB  1 
ATOM   1001 C CG  . HIS A 1 141 ? 25.560  -1.468  -1.750  1.00 16.38 ? 1432 HIS A CG  1 
ATOM   1002 N ND1 . HIS A 1 141 ? 26.216  -0.246  -1.804  1.00 16.74 ? 1432 HIS A ND1 1 
ATOM   1003 C CD2 . HIS A 1 141 ? 25.772  -1.988  -0.515  1.00 17.84 ? 1432 HIS A CD2 1 
ATOM   1004 C CE1 . HIS A 1 141 ? 26.738  0.004   -0.608  1.00 17.64 ? 1432 HIS A CE1 1 
ATOM   1005 N NE2 . HIS A 1 141 ? 26.471  -1.023  0.190   1.00 18.43 ? 1432 HIS A NE2 1 
ATOM   1006 N N   . LYS A 1 142 ? 26.167  -4.904  -3.835  1.00 20.82 ? 1433 LYS A N   1 
ATOM   1007 C CA  . LYS A 1 142 ? 26.796  -6.202  -3.450  1.00 23.14 ? 1433 LYS A CA  1 
ATOM   1008 C C   . LYS A 1 142 ? 27.661  -6.788  -4.580  1.00 24.02 ? 1433 LYS A C   1 
ATOM   1009 O O   . LYS A 1 142 ? 28.268  -7.868  -4.352  1.00 27.90 ? 1433 LYS A O   1 
ATOM   1010 C CB  . LYS A 1 142 ? 25.675  -7.171  -3.052  1.00 25.17 ? 1433 LYS A CB  1 
ATOM   1011 C CG  . LYS A 1 142 ? 24.917  -6.725  -1.809  1.00 25.91 ? 1433 LYS A CG  1 
ATOM   1012 C CD  . LYS A 1 142 ? 23.491  -7.211  -1.699  1.00 27.51 ? 1433 LYS A CD  1 
ATOM   1013 C CE  . LYS A 1 142 ? 22.680  -6.323  -0.779  1.00 27.47 ? 1433 LYS A CE  1 
ATOM   1014 N NZ  . LYS A 1 142 ? 23.037  -4.890  -0.944  1.00 25.46 ? 1433 LYS A NZ  1 
ATOM   1015 N N   . ARG A 1 143 ? 27.778  -6.105  -5.722  1.00 22.74 ? 1434 ARG A N   1 
ATOM   1016 C CA  . ARG A 1 143 ? 28.307  -6.693  -6.994  1.00 25.14 ? 1434 ARG A CA  1 
ATOM   1017 C C   . ARG A 1 143 ? 29.742  -7.271  -6.877  1.00 33.65 ? 1434 ARG A C   1 
ATOM   1018 O O   . ARG A 1 143 ? 30.096  -8.140  -7.706  1.00 35.34 ? 1434 ARG A O   1 
ATOM   1019 C CB  . ARG A 1 143 ? 28.267  -5.685  -8.139  1.00 22.98 ? 1434 ARG A CB  1 
ATOM   1020 C CG  . ARG A 1 143 ? 29.306  -4.589  -8.004  1.00 23.35 ? 1434 ARG A CG  1 
ATOM   1021 C CD  . ARG A 1 143 ? 29.089  -3.525  -9.042  1.00 25.14 ? 1434 ARG A CD  1 
ATOM   1022 N NE  . ARG A 1 143 ? 30.057  -2.444  -8.906  1.00 25.05 ? 1434 ARG A NE  1 
ATOM   1023 C CZ  . ARG A 1 143 ? 30.034  -1.495  -7.992  1.00 26.87 ? 1434 ARG A CZ  1 
ATOM   1024 N NH1 . ARG A 1 143 ? 29.097  -1.470  -7.058  1.00 22.55 ? 1434 ARG A NH1 1 
ATOM   1025 N NH2 . ARG A 1 143 ? 30.971  -0.552  -7.979  1.00 27.33 ? 1434 ARG A NH2 1 
ATOM   1026 N N   . ASN A 1 144 ? 30.565  -6.752  -5.965  1.00 29.41 ? 1435 ASN A N   1 
ATOM   1027 C CA  . ASN A 1 144 ? 32.008  -7.116  -5.852  1.00 29.99 ? 1435 ASN A CA  1 
ATOM   1028 C C   . ASN A 1 144 ? 32.216  -7.981  -4.607  1.00 31.16 ? 1435 ASN A C   1 
ATOM   1029 O O   . ASN A 1 144 ? 33.273  -8.641  -4.552  1.00 29.32 ? 1435 ASN A O   1 
ATOM   1030 C CB  . ASN A 1 144 ? 32.918  -5.883  -5.815  1.00 29.34 ? 1435 ASN A CB  1 
ATOM   1031 C CG  . ASN A 1 144 ? 33.049  -5.200  -7.161  1.00 29.19 ? 1435 ASN A CG  1 
ATOM   1032 O OD1 . ASN A 1 144 ? 33.301  -5.854  -8.173  1.00 28.50 ? 1435 ASN A OD1 1 
ATOM   1033 N ND2 . ASN A 1 144 ? 32.872  -3.887  -7.182  1.00 26.23 ? 1435 ASN A ND2 1 
HETATM 1034 N N1  . ZOH B 2 .   ? -16.817 1.419   4.218   0.60 38.49 ? 1901 ZOH A N1  1 
HETATM 1035 N N3  . ZOH B 2 .   ? -12.912 -1.641  4.365   0.60 28.12 ? 1901 ZOH A N3  1 
HETATM 1036 C C4  . ZOH B 2 .   ? -18.847 2.380   5.122   0.60 42.97 ? 1901 ZOH A C4  1 
HETATM 1037 C C5  . ZOH B 2 .   ? -18.068 2.046   4.026   0.60 42.52 ? 1901 ZOH A C5  1 
HETATM 1038 C C6  . ZOH B 2 .   ? -16.675 0.080   4.481   0.60 34.58 ? 1901 ZOH A C6  1 
HETATM 1039 C C7  . ZOH B 2 .   ? -15.205 -1.762  5.137   0.60 30.41 ? 1901 ZOH A C7  1 
HETATM 1040 C C8  . ZOH B 2 .   ? -14.137 -2.442  4.326   0.60 29.26 ? 1901 ZOH A C8  1 
HETATM 1041 C C10 . ZOH B 2 .   ? -14.215 0.446   4.507   0.60 29.98 ? 1901 ZOH A C10 1 
HETATM 1042 C C13 . ZOH B 2 .   ? -10.509 -1.348  4.919   0.60 26.32 ? 1901 ZOH A C13 1 
HETATM 1043 C C15 . ZOH B 2 .   ? -9.038  0.291   5.226   0.60 26.53 ? 1901 ZOH A C15 1 
HETATM 1044 C C17 . ZOH B 2 .   ? -18.546 2.316   2.752   0.60 45.86 ? 1901 ZOH A C17 1 
HETATM 1045 C C1  . ZOH B 2 .   ? -22.907 3.243   4.089   0.60 50.02 ? 1901 ZOH A C1  1 
HETATM 1046 O O1  . ZOH B 2 .   ? -21.766 3.850   3.491   0.60 49.28 ? 1901 ZOH A O1  1 
HETATM 1047 C C2  . ZOH B 2 .   ? -20.551 3.249   3.679   0.60 47.14 ? 1901 ZOH A C2  1 
HETATM 1048 C C3  . ZOH B 2 .   ? -20.081 2.981   4.955   0.60 45.97 ? 1901 ZOH A C3  1 
HETATM 1049 O O2  . ZOH B 2 .   ? -17.655 -0.663  4.562   0.60 34.17 ? 1901 ZOH A O2  1 
HETATM 1050 N N2  . ZOH B 2 .   ? -15.425 -0.392  4.666   0.60 31.34 ? 1901 ZOH A N2  1 
HETATM 1051 C C9  . ZOH B 2 .   ? -13.126 -0.311  3.779   0.60 29.26 ? 1901 ZOH A C9  1 
HETATM 1052 C C11 . ZOH B 2 .   ? -13.761 0.984   5.852   0.60 32.29 ? 1901 ZOH A C11 1 
HETATM 1053 C C12 . ZOH B 2 .   ? -11.754 -2.125  4.868   0.60 26.84 ? 1901 ZOH A C12 1 
HETATM 1054 O O3  . ZOH B 2 .   ? -11.714 -3.275  5.301   0.60 26.23 ? 1901 ZOH A O3  1 
HETATM 1055 C C14 . ZOH B 2 .   ? -10.339 0.008   5.345   0.60 26.26 ? 1901 ZOH A C14 1 
HETATM 1056 O O4  . ZOH B 2 .   ? -8.360  -0.798  4.759   0.60 26.91 ? 1901 ZOH A O4  1 
HETATM 1057 C C16 . ZOH B 2 .   ? -9.266  -1.788  4.574   0.60 24.68 ? 1901 ZOH A C16 1 
HETATM 1058 C C18 . ZOH B 2 .   ? -19.784 2.907   2.576   0.60 46.76 ? 1901 ZOH A C18 1 
HETATM 1059 O O   . HOH C 3 .   ? 18.984  5.555   -9.297  1.00 24.70 ? 2001 HOH A O   1 
HETATM 1060 O O   . HOH C 3 .   ? -8.733  -8.877  15.925  1.00 37.57 ? 2002 HOH A O   1 
HETATM 1061 O O   . HOH C 3 .   ? 19.383  -3.969  7.556   1.00 37.79 ? 2003 HOH A O   1 
HETATM 1062 O O   . HOH C 3 .   ? -20.020 -0.389  5.239   0.60 32.79 ? 2004 HOH A O   1 
HETATM 1063 O O   . HOH C 3 .   ? 17.938  -0.635  2.042   1.00 36.74 ? 2005 HOH A O   1 
HETATM 1064 O O   . HOH C 3 .   ? 11.622  9.987   7.757   1.00 19.04 ? 2006 HOH A O   1 
HETATM 1065 O O   . HOH C 3 .   ? 29.386  -1.887  -1.943  1.00 37.74 ? 2007 HOH A O   1 
HETATM 1066 O O   . HOH C 3 .   ? -14.905 -7.212  17.507  1.00 46.96 ? 2008 HOH A O   1 
HETATM 1067 O O   . HOH C 3 .   ? -4.632  -8.975  16.157  1.00 45.78 ? 2009 HOH A O   1 
HETATM 1068 O O   . HOH C 3 .   ? -2.736  -2.519  12.479  1.00 33.49 ? 2010 HOH A O   1 
HETATM 1069 O O   . HOH C 3 .   ? 20.561  -3.935  -12.649 1.00 28.44 ? 2011 HOH A O   1 
HETATM 1070 O O   . HOH C 3 .   ? -2.390  -4.883  -4.479  1.00 21.02 ? 2012 HOH A O   1 
HETATM 1071 O O   . HOH C 3 .   ? 4.430   -1.927  9.013   1.00 40.70 ? 2013 HOH A O   1 
HETATM 1072 O O   . HOH C 3 .   ? 6.304   3.948   -10.614 1.00 32.40 ? 2014 HOH A O   1 
HETATM 1073 O O   . HOH C 3 .   ? 18.137  9.238   -7.261  1.00 36.96 ? 2015 HOH A O   1 
HETATM 1074 O O   . HOH C 3 .   ? -14.763 3.934   9.991   0.60 49.48 ? 2016 HOH A O   1 
HETATM 1075 O O   . HOH C 3 .   ? -6.305  -9.468  5.189   1.00 18.89 ? 2017 HOH A O   1 
HETATM 1076 O O   . HOH C 3 .   ? -15.030 5.993   -6.806  1.00 48.13 ? 2018 HOH A O   1 
HETATM 1077 O O   . HOH C 3 .   ? 5.976   0.505   -12.561 1.00 20.99 ? 2019 HOH A O   1 
HETATM 1078 O O   . HOH C 3 .   ? -13.653 -3.006  -9.834  1.00 26.27 ? 2020 HOH A O   1 
HETATM 1079 O O   . HOH C 3 .   ? -11.377 6.372   5.068   0.60 20.29 ? 2021 HOH A O   1 
HETATM 1080 O O   . HOH C 3 .   ? 12.662  -5.948  3.207   1.00 32.20 ? 2022 HOH A O   1 
HETATM 1081 O O   . HOH C 3 .   ? -1.234  -1.975  -15.932 1.00 24.91 ? 2023 HOH A O   1 
HETATM 1082 O O   . HOH C 3 .   ? 14.310  -1.785  -13.108 1.00 34.06 ? 2024 HOH A O   1 
HETATM 1083 O O   . HOH C 3 .   ? 2.661   10.972  0.352   1.00 32.76 ? 2025 HOH A O   1 
HETATM 1084 O O   . HOH C 3 .   ? 13.877  -5.519  5.805   1.00 32.03 ? 2026 HOH A O   1 
HETATM 1085 O O   . HOH C 3 .   ? -5.925  -8.681  8.778   1.00 20.58 ? 2027 HOH A O   1 
HETATM 1086 O O   . HOH C 3 .   ? -5.760  0.700   10.138  0.60 32.23 ? 2028 HOH A O   1 
HETATM 1087 O O   . HOH C 3 .   ? 9.872   -9.078  -2.617  1.00 32.32 ? 2029 HOH A O   1 
HETATM 1088 O O   . HOH C 3 .   ? 31.650  -6.665  -10.175 1.00 41.18 ? 2030 HOH A O   1 
HETATM 1089 O O   . HOH C 3 .   ? 8.633   -5.532  -9.729  1.00 21.27 ? 2031 HOH A O   1 
HETATM 1090 O O   . HOH C 3 .   ? 16.304  -4.655  1.900   1.00 29.31 ? 2032 HOH A O   1 
HETATM 1091 O O   . HOH C 3 .   ? 9.700   -3.580  -13.337 1.00 22.37 ? 2033 HOH A O   1 
HETATM 1092 O O   . HOH C 3 .   ? 32.330  -2.749  -4.768  1.00 55.10 ? 2034 HOH A O   1 
HETATM 1093 O O   . HOH C 3 .   ? -8.176  -2.066  7.683   0.60 24.78 ? 2035 HOH A O   1 
HETATM 1094 O O   . HOH C 3 .   ? -11.489 3.270   6.597   0.60 29.09 ? 2036 HOH A O   1 
HETATM 1095 O O   . HOH C 3 .   ? -14.923 -4.038  1.369   0.60 55.49 ? 2037 HOH A O   1 
HETATM 1096 O O   . HOH C 3 .   ? -3.751  3.049   -14.233 1.00 17.99 ? 2038 HOH A O   1 
HETATM 1097 O O   . HOH C 3 .   ? -23.470 -4.258  -3.589  1.00 48.49 ? 2039 HOH A O   1 
HETATM 1098 O O   . HOH C 3 .   ? 5.942   -8.568  -4.428  1.00 34.90 ? 2040 HOH A O   1 
HETATM 1099 O O   . HOH C 3 .   ? -5.838  -7.043  -5.300  1.00 31.74 ? 2041 HOH A O   1 
HETATM 1100 O O   . HOH C 3 .   ? 10.807  10.174  -6.834  1.00 38.68 ? 2042 HOH A O   1 
HETATM 1101 O O   . HOH C 3 .   ? -11.385 4.812   -10.973 0.60 21.16 ? 2043 HOH A O   1 
HETATM 1102 O O   . HOH C 3 .   ? 23.693  0.579   -5.593  1.00 17.47 ? 2044 HOH A O   1 
HETATM 1103 O O   . HOH C 3 .   ? 11.841  11.490  1.935   1.00 31.94 ? 2045 HOH A O   1 
HETATM 1104 O O   . HOH C 3 .   ? 26.083  1.072   -4.218  1.00 17.22 ? 2046 HOH A O   1 
HETATM 1105 O O   . HOH C 3 .   ? 10.444  8.845   13.535  1.00 30.48 ? 2047 HOH A O   1 
HETATM 1106 O O   . HOH C 3 .   ? -3.874  -8.146  -1.258  1.00 16.68 ? 2048 HOH A O   1 
HETATM 1107 O O   . HOH C 3 .   ? 3.258   -4.863  -9.078  1.00 20.31 ? 2049 HOH A O   1 
HETATM 1108 O O   . HOH C 3 .   ? 0.075   -8.297  2.964   1.00 17.85 ? 2050 HOH A O   1 
HETATM 1109 O O   . HOH C 3 .   ? 5.027   9.756   10.945  1.00 29.03 ? 2051 HOH A O   1 
HETATM 1110 O O   . HOH C 3 .   ? 25.122  -8.691  -6.770  1.00 29.71 ? 2052 HOH A O   1 
HETATM 1111 O O   . HOH C 3 .   ? 22.341  -4.495  -10.499 1.00 17.97 ? 2053 HOH A O   1 
HETATM 1112 O O   . HOH C 3 .   ? -7.232  -5.512  -9.188  1.00 28.11 ? 2054 HOH A O   1 
HETATM 1113 O O   . HOH C 3 .   ? -8.704  -11.507 1.780   1.00 21.77 ? 2055 HOH A O   1 
HETATM 1114 O O   . HOH C 3 .   ? 0.861   3.696   -16.160 1.00 29.73 ? 2056 HOH A O   1 
HETATM 1115 O O   . HOH C 3 .   ? -2.404  -9.407  2.484   1.00 19.44 ? 2057 HOH A O   1 
HETATM 1116 O O   . HOH C 3 .   ? -15.042 8.217   -3.316  1.00 29.01 ? 2058 HOH A O   1 
HETATM 1117 O O   . HOH C 3 .   ? -9.402  -6.117  -2.554  1.00 21.49 ? 2059 HOH A O   1 
HETATM 1118 O O   . HOH C 3 .   ? -13.483 14.629  -5.908  1.00 27.91 ? 2060 HOH A O   1 
HETATM 1119 O O   . HOH C 3 .   ? -15.489 3.694   5.142   0.60 55.81 ? 2061 HOH A O   1 
HETATM 1120 O O   . HOH C 3 .   ? 6.224   -7.322  -0.224  1.00 24.08 ? 2062 HOH A O   1 
HETATM 1121 O O   . HOH C 3 .   ? -14.200 -4.247  15.879  1.00 41.21 ? 2063 HOH A O   1 
HETATM 1122 O O   . HOH C 3 .   ? 14.010  8.902   -1.642  1.00 15.21 ? 2064 HOH A O   1 
HETATM 1123 O O   . HOH C 3 .   ? 7.083   -1.201  9.474   1.00 24.54 ? 2065 HOH A O   1 
HETATM 1124 O O   . HOH C 3 .   ? 13.289  2.313   -6.239  1.00 13.98 ? 2066 HOH A O   1 
HETATM 1125 O O   . HOH C 3 .   ? 2.892   0.454   10.655  1.00 31.56 ? 2067 HOH A O   1 
HETATM 1126 O O   . HOH C 3 .   ? 1.585   -6.358  6.855   1.00 32.11 ? 2068 HOH A O   1 
HETATM 1127 O O   . HOH C 3 .   ? -4.421  -5.737  -8.580  1.00 23.41 ? 2069 HOH A O   1 
HETATM 1128 O O   . HOH C 3 .   ? 21.444  -7.009  -11.036 1.00 21.52 ? 2070 HOH A O   1 
HETATM 1129 O O   . HOH C 3 .   ? -7.421  1.799   -11.574 1.00 22.18 ? 2071 HOH A O   1 
HETATM 1130 O O   . HOH C 3 .   ? -16.255 9.032   -0.899  1.00 54.38 ? 2072 HOH A O   1 
HETATM 1131 O O   . HOH C 3 .   ? 6.358   -6.127  -13.869 1.00 38.50 ? 2073 HOH A O   1 
HETATM 1132 O O   . HOH C 3 .   ? -10.382 7.239   -8.277  0.60 25.26 ? 2074 HOH A O   1 
HETATM 1133 O O   . HOH C 3 .   ? 18.165  -7.073  -4.298  1.00 20.73 ? 2075 HOH A O   1 
HETATM 1134 O O   . HOH C 3 .   ? -2.176  -3.704  -12.380 1.00 24.49 ? 2076 HOH A O   1 
HETATM 1135 O O   . HOH C 3 .   ? 13.480  9.137   -5.658  1.00 23.22 ? 2077 HOH A O   1 
HETATM 1136 O O   . HOH C 3 .   ? 14.467  10.106  4.756   1.00 20.09 ? 2078 HOH A O   1 
HETATM 1137 O O   . HOH C 3 .   ? 10.321  4.651   6.113   1.00 14.02 ? 2079 HOH A O   1 
HETATM 1138 O O   . HOH C 3 .   ? 8.303   5.678   15.216  1.00 32.85 ? 2080 HOH A O   1 
HETATM 1139 O O   . HOH C 3 .   ? 5.182   -4.491  6.317   1.00 22.34 ? 2081 HOH A O   1 
HETATM 1140 O O   . HOH C 3 .   ? 30.304  -4.177  -4.363  1.00 33.81 ? 2082 HOH A O   1 
HETATM 1141 O O   . HOH C 3 .   ? 6.241   7.313   -7.861  1.00 24.91 ? 2083 HOH A O   1 
HETATM 1142 O O   . HOH C 3 .   ? 3.486   -1.584  -14.799 1.00 32.65 ? 2084 HOH A O   1 
HETATM 1143 O O   . HOH C 3 .   ? -3.388  6.364   11.015  1.00 36.81 ? 2085 HOH A O   1 
HETATM 1144 O O   . HOH C 3 .   ? 3.360   -3.366  -13.601 1.00 34.79 ? 2086 HOH A O   1 
HETATM 1145 O O   . HOH C 3 .   ? -10.404 10.129  -8.943  1.00 39.23 ? 2087 HOH A O   1 
HETATM 1146 O O   . HOH C 3 .   ? -19.795 -1.820  -0.841  0.60 27.21 ? 2088 HOH A O   1 
HETATM 1147 O O   . HOH C 3 .   ? -8.525  -0.075  9.749   0.60 22.65 ? 2089 HOH A O   1 
HETATM 1148 O O   . HOH C 3 .   ? 18.373  0.147   -11.638 1.00 37.02 ? 2090 HOH A O   1 
HETATM 1149 O O   . HOH C 3 .   ? -7.376  13.005  -0.461  0.60 23.01 ? 2091 HOH A O   1 
HETATM 1150 O O   . HOH C 3 .   ? 17.074  3.136   -7.697  1.00 18.84 ? 2092 HOH A O   1 
HETATM 1151 O O   . HOH C 3 .   ? 19.583  2.706   2.819   1.00 25.30 ? 2093 HOH A O   1 
HETATM 1152 O O   . HOH C 3 .   ? -14.690 -1.336  -11.858 1.00 21.78 ? 2094 HOH A O   1 
HETATM 1153 O O   . HOH C 3 .   ? -2.509  2.914   12.853  0.60 23.80 ? 2095 HOH A O   1 
HETATM 1154 O O   . HOH C 3 .   ? 5.073   9.523   3.845   1.00 29.58 ? 2096 HOH A O   1 
HETATM 1155 O O   . HOH C 3 .   ? 17.681  -9.383  -5.807  1.00 22.44 ? 2097 HOH A O   1 
HETATM 1156 O O   . HOH C 3 .   ? 28.615  0.773   -5.269  1.00 24.38 ? 2098 HOH A O   1 
HETATM 1157 O O   . HOH C 3 .   ? -8.382  3.550   -8.970  1.00 27.34 ? 2099 HOH A O   1 
HETATM 1158 O O   . HOH C 3 .   ? 17.277  8.828   -2.917  1.00 20.47 ? 2100 HOH A O   1 
HETATM 1159 O O   . HOH C 3 .   ? -16.658 8.008   -5.127  1.00 39.95 ? 2101 HOH A O   1 
HETATM 1160 O O   . HOH C 3 .   ? -2.681  13.997  -2.809  1.00 31.90 ? 2102 HOH A O   1 
HETATM 1161 O O   . HOH C 3 .   ? 1.594   -4.367  9.540   1.00 38.82 ? 2103 HOH A O   1 
HETATM 1162 O O   . HOH C 3 .   ? 15.508  2.643   -4.420  1.00 14.56 ? 2104 HOH A O   1 
HETATM 1163 O O   . HOH C 3 .   ? 10.823  6.618   14.199  1.00 31.95 ? 2105 HOH A O   1 
HETATM 1164 O O   . HOH C 3 .   ? -0.674  10.188  7.256   1.00 35.20 ? 2106 HOH A O   1 
HETATM 1165 O O   . HOH C 3 .   ? -10.503 13.616  -5.783  1.00 29.09 ? 2107 HOH A O   1 
HETATM 1166 O O   . HOH C 3 .   ? 7.701   13.728  -1.921  1.00 37.48 ? 2108 HOH A O   1 
HETATM 1167 O O   . HOH C 3 .   ? -17.764 4.900   6.516   0.60 36.66 ? 2109 HOH A O   1 
HETATM 1168 O O   . HOH C 3 .   ? -4.326  9.862   -9.151  1.00 31.46 ? 2110 HOH A O   1 
HETATM 1169 O O   . HOH C 3 .   ? 2.597   12.626  -6.691  1.00 31.96 ? 2111 HOH A O   1 
HETATM 1170 O O   . HOH C 3 .   ? -2.435  11.316  5.434   1.00 34.74 ? 2112 HOH A O   1 
HETATM 1171 O O   . HOH C 3 .   ? 15.321  6.055   1.605   1.00 16.95 ? 2113 HOH A O   1 
HETATM 1172 O O   . HOH C 3 .   ? 5.420   -7.917  -6.853  1.00 26.51 ? 2114 HOH A O   1 
HETATM 1173 O O   . HOH C 3 .   ? -8.912  0.187   13.292  0.60 30.67 ? 2115 HOH A O   1 
HETATM 1174 O O   . HOH C 3 .   ? 15.053  4.368   -9.003  1.00 22.34 ? 2116 HOH A O   1 
HETATM 1175 O O   . HOH C 3 .   ? -15.699 -11.981 2.314   0.60 24.08 ? 2117 HOH A O   1 
HETATM 1176 O O   . HOH C 3 .   ? 16.540  3.529   2.206   1.00 21.48 ? 2118 HOH A O   1 
HETATM 1177 O O   . HOH C 3 .   ? 7.284   -1.730  -14.363 1.00 34.24 ? 2119 HOH A O   1 
HETATM 1178 O O   . HOH C 3 .   ? 11.018  3.445   -9.841  1.00 29.82 ? 2120 HOH A O   1 
HETATM 1179 O O   . HOH C 3 .   ? -3.695  13.927  1.966   1.00 33.53 ? 2121 HOH A O   1 
HETATM 1180 O O   . HOH C 3 .   ? -7.447  -10.864 9.111   1.00 29.55 ? 2122 HOH A O   1 
HETATM 1181 O O   . HOH C 3 .   ? -2.437  13.801  -0.391  1.00 39.30 ? 2123 HOH A O   1 
HETATM 1182 O O   . HOH C 3 .   ? -11.038 12.647  -3.498  1.00 36.53 ? 2124 HOH A O   1 
HETATM 1183 O O   . HOH C 3 .   ? 3.651   -8.497  -0.299  1.00 18.89 ? 2125 HOH A O   1 
HETATM 1184 O O   . HOH C 3 .   ? -9.174  -9.901  -5.323  1.00 29.54 ? 2126 HOH A O   1 
HETATM 1185 O O   . HOH C 3 .   ? 15.992  -3.290  -12.807 1.00 39.46 ? 2127 HOH A O   1 
HETATM 1186 O O   . HOH C 3 .   ? 6.376   14.053  -4.189  1.00 43.44 ? 2128 HOH A O   1 
HETATM 1187 O O   . HOH C 3 .   ? 6.155   -7.254  -11.626 1.00 46.97 ? 2129 HOH A O   1 
HETATM 1188 O O   . HOH C 3 .   ? -19.663 -3.416  1.282   0.60 39.07 ? 2130 HOH A O   1 
HETATM 1189 O O   . HOH C 3 .   ? 13.562  18.144  -5.083  1.00 64.06 ? 2131 HOH A O   1 
HETATM 1190 O O   . HOH C 3 .   ? 8.348   -7.386  3.158   1.00 30.07 ? 2132 HOH A O   1 
HETATM 1191 O O   . HOH C 3 .   ? -19.047 -11.375 14.241  1.00 34.99 ? 2133 HOH A O   1 
HETATM 1192 O O   . HOH C 3 .   ? -14.770 3.339   7.777   0.60 42.35 ? 2134 HOH A O   1 
HETATM 1193 O O   . HOH C 3 .   ? 25.042  -5.447  -10.190 1.00 19.10 ? 2135 HOH A O   1 
HETATM 1194 O O   . HOH C 3 .   ? -17.315 -3.664  2.526   0.60 43.69 ? 2136 HOH A O   1 
HETATM 1195 O O   . HOH C 3 .   ? 1.169   -4.619  -12.773 1.00 45.01 ? 2137 HOH A O   1 
HETATM 1196 O O   . HOH C 3 .   ? -6.349  -9.257  -1.798  1.00 21.14 ? 2138 HOH A O   1 
HETATM 1197 O O   . HOH C 3 .   ? -9.240  -3.087  -12.109 1.00 29.37 ? 2139 HOH A O   1 
HETATM 1198 O O   . HOH C 3 .   ? -9.495  14.476  -1.519  1.00 27.86 ? 2140 HOH A O   1 
HETATM 1199 O O   . HOH C 3 .   ? -10.948 15.008  0.765   1.00 28.29 ? 2141 HOH A O   1 
HETATM 1200 O O   . HOH C 3 .   ? 25.262  -7.994  -9.571  1.00 44.71 ? 2142 HOH A O   1 
HETATM 1201 O O   . HOH C 3 .   ? 20.549  -7.763  -2.944  1.00 30.83 ? 2143 HOH A O   1 
HETATM 1202 O O   . HOH C 3 .   ? -4.866  14.558  -2.517  0.60 29.24 ? 2144 HOH A O   1 
HETATM 1203 O O   . HOH C 3 .   ? 5.782   -6.015  -8.900  1.00 20.81 ? 2145 HOH A O   1 
HETATM 1204 O O   . HOH C 3 .   ? 14.506  -8.987  -2.541  1.00 40.26 ? 2146 HOH A O   1 
HETATM 1205 O O   . HOH C 3 .   ? 15.087  9.092   -8.068  1.00 41.60 ? 2147 HOH A O   1 
HETATM 1206 O O   . HOH C 3 .   ? 17.276  0.978   -14.077 1.00 45.00 ? 2148 HOH A O   1 
HETATM 1207 O O   . HOH C 3 .   ? 12.043  -2.210  -14.988 1.00 31.51 ? 2149 HOH A O   1 
HETATM 1208 O O   . HOH C 3 .   ? -3.419  -10.301 8.590   1.00 37.62 ? 2150 HOH A O   1 
HETATM 1209 O O   . HOH C 3 .   ? 0.412   -10.592 -3.667  0.60 27.19 ? 2151 HOH A O   1 
HETATM 1210 O O   . HOH C 3 .   ? -4.634  0.797   12.613  0.60 25.00 ? 2152 HOH A O   1 
HETATM 1211 O O   . HOH C 3 .   ? -3.031  -7.545  -3.814  1.00 23.86 ? 2153 HOH A O   1 
HETATM 1212 O O   . HOH C 3 .   ? -6.658  15.511  -6.163  0.60 22.77 ? 2154 HOH A O   1 
HETATM 1213 O O   . HOH C 3 .   ? 7.387   -7.173  -2.647  1.00 30.63 ? 2155 HOH A O   1 
HETATM 1214 O O   . HOH C 3 .   ? -12.262 7.549   -9.954  1.00 44.48 ? 2156 HOH A O   1 
HETATM 1215 O O   . HOH C 3 .   ? 0.699   16.923  -3.864  1.00 34.56 ? 2157 HOH A O   1 
HETATM 1216 O O   . HOH C 3 .   ? 3.593   11.672  -8.999  1.00 43.55 ? 2158 HOH A O   1 
HETATM 1217 O O   . HOH C 3 .   ? 1.388   -11.814 5.669   1.00 36.08 ? 2159 HOH A O   1 
HETATM 1218 O O   . HOH C 3 .   ? 7.765   3.088   -15.467 1.00 46.47 ? 2160 HOH A O   1 
HETATM 1219 O O   . HOH C 3 .   ? -15.282 -5.125  -9.833  1.00 31.28 ? 2161 HOH A O   1 
HETATM 1220 O O   . HOH C 3 .   ? 13.933  10.374  0.697   1.00 21.62 ? 2162 HOH A O   1 
HETATM 1221 O O   . HOH C 3 .   ? 15.053  10.357  -3.801  1.00 25.34 ? 2163 HOH A O   1 
HETATM 1222 O O   . HOH C 3 .   ? -10.755 -13.290 1.519   1.00 28.86 ? 2164 HOH A O   1 
HETATM 1223 O O   . HOH C 3 .   ? 9.861   19.317  -4.926  1.00 28.15 ? 2165 HOH A O   1 
HETATM 1224 O O   . HOH C 3 .   ? -7.814  -8.008  -3.858  1.00 21.24 ? 2166 HOH A O   1 
HETATM 1225 O O   . HOH C 3 .   ? 0.490   -9.033  5.574   1.00 27.27 ? 2167 HOH A O   1 
HETATM 1226 O O   . HOH C 3 .   ? 10.782  -7.822  2.721   1.00 47.22 ? 2168 HOH A O   1 
HETATM 1227 O O   . HOH C 3 .   ? 4.334   6.025   -9.496  1.00 33.18 ? 2169 HOH A O   1 
HETATM 1228 O O   . HOH C 3 .   ? -8.917  -10.062 -7.912  1.00 42.23 ? 2170 HOH A O   1 
HETATM 1229 O O   . HOH C 3 .   ? 4.333   16.823  -5.187  1.00 45.17 ? 2171 HOH A O   1 
HETATM 1230 O O   . HOH C 3 .   ? -0.533  -3.917  -14.357 1.00 35.86 ? 2172 HOH A O   1 
HETATM 1231 O O   . HOH C 3 .   ? 22.715  -9.288  -4.338  1.00 40.12 ? 2173 HOH A O   1 
HETATM 1232 O O   . HOH C 3 .   ? 5.832   -11.758 -4.175  1.00 47.16 ? 2174 HOH A O   1 
HETATM 1233 O O   . HOH C 3 .   ? 3.594   -12.603 -2.967  0.60 41.93 ? 2175 HOH A O   1 
HETATM 1234 O O   . HOH C 3 .   ? 16.394  8.745   2.463   0.50 13.80 ? 2176 HOH A O   1 
HETATM 1235 O O   . HOH C 3 .   ? 1.488   -9.836  1.100   0.60 28.46 ? 2177 HOH A O   1 
HETATM 1236 O O   . HOH C 3 .   ? -13.252 -0.511  20.272  0.60 26.07 ? 2178 HOH A O   1 
HETATM 1237 O O   . HOH C 3 .   ? -2.800  -6.128  -10.703 1.00 36.10 ? 2179 HOH A O   1 
HETATM 1238 O O   . HOH C 3 .   ? 8.010   0.204   -16.016 1.00 43.98 ? 2180 HOH A O   1 
HETATM 1239 O O   . HOH C 3 .   ? 0.837   -0.295  11.975  1.00 41.00 ? 2181 HOH A O   1 
HETATM 1240 O O   . HOH C 3 .   ? 19.395  -11.418 -5.532  1.00 38.69 ? 2182 HOH A O   1 
HETATM 1241 O O   . HOH C 3 .   ? -8.252  -7.746  -9.936  1.00 41.75 ? 2183 HOH A O   1 
HETATM 1242 O O   . HOH C 3 .   ? 16.170  -6.907  -2.243  1.00 26.27 ? 2184 HOH A O   1 
# 
